data_6HSG
#
_entry.id   6HSG
#
_cell.length_a   70.800
_cell.length_b   70.830
_cell.length_c   98.350
_cell.angle_alpha   78.31
_cell.angle_beta   75.80
_cell.angle_gamma   85.98
#
_symmetry.space_group_name_H-M   'P 1'
#
loop_
_entity.id
_entity.type
_entity.pdbx_description
1 polymer 'Histone deacetylase'
2 non-polymer 'ZINC ION'
3 non-polymer 'POTASSIUM ION'
4 non-polymer ~{N}-oxidanyl-3-[1-(phenylsulfanylmethyl)-1,2,3-triazol-4-yl]benzamide
5 non-polymer DIMETHYLFORMAMIDE
6 non-polymer GLYCEROL
7 water water
#
_entity_poly.entity_id   1
_entity_poly.type   'polypeptide(L)'
_entity_poly.pdbx_seq_one_letter_code
;HMSVGIVYGDQYRQLCCSSPKFGDRYALVMDLINAYKLIPELSRVPPLQWDSPSRMYEAVTAFHSTEYVDALKKLQMLHC
EEKELTADDELLMDSFSLNYDCPGFPSVFDYSLAAVQGSLAAASALICRHCEVVINWGGGWHHAKRSEASGFCYLNDIVL
AIHRLVSSTPPETSPNRQTRVLYVDLDLHHGDGVEEAFWYSPRVVTFSVHHASPGFFPGTGTWNMVDNDKLPIFLNGAGR
GRFSAFNLPLEEGINDLDWSNAIGPILDSLNIVIQPSYVVVQCGADCLATDPMRIFRLTNFYPNLNLDSDCDSECSLSGY
LYAIKKILSWKVPTLILGGGGYNFPDTARLWTRVTALTIEEVKGKKMTISPEIPEHSYFSRYGPDFELDIDYFPHESHNK
TLDSIQKHHRRILEQLRNYADLNKLIYDYDQVYQLYNLTGMGSLVPR
;
_entity_poly.pdbx_strand_id   A,B,C,D
#
# COMPACT_ATOMS: atom_id res chain seq x y z
N SER A 3 9.71 26.34 -26.82
CA SER A 3 8.90 27.22 -25.98
C SER A 3 9.30 27.12 -24.50
N VAL A 4 9.09 28.21 -23.76
CA VAL A 4 9.55 28.35 -22.38
C VAL A 4 8.33 28.49 -21.47
N GLY A 5 8.28 27.65 -20.43
CA GLY A 5 7.17 27.65 -19.50
C GLY A 5 7.54 28.30 -18.19
N ILE A 6 6.52 28.74 -17.45
CA ILE A 6 6.73 29.35 -16.14
C ILE A 6 5.53 29.01 -15.25
N VAL A 7 5.82 28.62 -14.02
CA VAL A 7 4.80 28.16 -13.09
C VAL A 7 4.20 29.37 -12.37
N TYR A 8 2.88 29.57 -12.52
CA TYR A 8 2.18 30.51 -11.67
C TYR A 8 0.67 30.26 -11.73
N GLY A 9 -0.04 31.05 -10.94
CA GLY A 9 -1.44 30.84 -10.70
C GLY A 9 -1.85 31.64 -9.49
N ASP A 10 -3.13 32.01 -9.39
CA ASP A 10 -3.53 32.94 -8.35
C ASP A 10 -3.40 32.33 -6.97
N GLN A 11 -3.91 31.11 -6.78
CA GLN A 11 -3.72 30.44 -5.49
C GLN A 11 -2.25 30.18 -5.22
N TYR A 12 -1.50 29.82 -6.27
CA TYR A 12 -0.09 29.49 -6.11
C TYR A 12 0.68 30.69 -5.59
N ARG A 13 0.49 31.83 -6.24
CA ARG A 13 1.12 33.06 -5.77
C ARG A 13 0.77 33.33 -4.32
N GLN A 14 -0.53 33.28 -3.98
CA GLN A 14 -0.94 33.55 -2.60
C GLN A 14 -0.28 32.58 -1.61
N LEU A 15 -0.14 31.31 -1.99
CA LEU A 15 0.51 30.35 -1.10
C LEU A 15 2.00 30.61 -1.00
N CYS A 16 2.66 30.87 -2.13
CA CYS A 16 4.09 31.15 -2.08
C CYS A 16 4.40 32.39 -1.28
N CYS A 17 3.43 33.27 -1.06
CA CYS A 17 3.65 34.51 -0.33
C CYS A 17 3.21 34.44 1.13
N SER A 18 2.86 33.26 1.63
CA SER A 18 2.34 33.16 3.00
C SER A 18 3.41 32.83 4.04
N SER A 19 4.66 32.71 3.65
CA SER A 19 5.55 32.26 4.70
C SER A 19 6.22 33.43 5.42
N PRO A 20 6.61 33.23 6.69
CA PRO A 20 7.19 34.34 7.45
C PRO A 20 8.59 34.73 6.99
N LYS A 21 9.38 33.80 6.45
CA LYS A 21 10.73 34.14 6.00
C LYS A 21 10.72 34.85 4.65
N PHE A 22 9.88 34.42 3.72
CA PHE A 22 10.01 34.91 2.35
C PHE A 22 8.94 35.92 1.97
N GLY A 23 7.92 36.09 2.80
CA GLY A 23 6.95 37.16 2.59
C GLY A 23 6.46 37.23 1.15
N ASP A 24 6.45 38.44 0.59
CA ASP A 24 5.90 38.64 -0.74
C ASP A 24 6.97 38.58 -1.84
N ARG A 25 8.14 38.00 -1.57
CA ARG A 25 9.21 37.95 -2.56
C ARG A 25 8.73 37.39 -3.91
N TYR A 26 7.99 36.28 -3.86
CA TYR A 26 7.54 35.64 -5.10
C TYR A 26 6.64 36.57 -5.92
N ALA A 27 5.85 37.40 -5.24
CA ALA A 27 5.00 38.38 -5.93
C ALA A 27 5.83 39.48 -6.57
N LEU A 28 6.86 39.98 -5.88
CA LEU A 28 7.74 40.95 -6.54
C LEU A 28 8.38 40.35 -7.79
N VAL A 29 8.82 39.09 -7.70
CA VAL A 29 9.45 38.45 -8.85
C VAL A 29 8.49 38.42 -10.04
N MET A 30 7.33 37.78 -9.85
CA MET A 30 6.39 37.63 -10.97
C MET A 30 5.85 38.97 -11.47
N ASP A 31 5.68 39.96 -10.58
CA ASP A 31 5.16 41.25 -11.01
C ASP A 31 6.21 42.07 -11.78
N LEU A 32 7.50 41.86 -11.51
CA LEU A 32 8.51 42.53 -12.33
C LEU A 32 8.67 41.85 -13.68
N ILE A 33 8.55 40.52 -13.72
CA ILE A 33 8.52 39.80 -14.99
C ILE A 33 7.35 40.28 -15.85
N ASN A 34 6.20 40.50 -15.21
CA ASN A 34 5.02 40.99 -15.90
C ASN A 34 5.16 42.46 -16.31
N ALA A 35 5.68 43.29 -15.40
CA ALA A 35 5.95 44.68 -15.73
C ALA A 35 6.87 44.82 -16.94
N TYR A 36 7.77 43.85 -17.17
CA TYR A 36 8.67 43.88 -18.32
C TYR A 36 8.08 43.18 -19.55
N LYS A 37 6.77 42.87 -19.52
CA LYS A 37 6.04 42.30 -20.67
C LYS A 37 6.70 41.02 -21.19
N LEU A 38 7.27 40.20 -20.28
CA LEU A 38 7.81 38.89 -20.62
C LEU A 38 6.77 37.77 -20.61
N ILE A 39 5.58 38.01 -20.06
CA ILE A 39 4.63 36.92 -19.76
C ILE A 39 3.92 36.46 -21.03
N PRO A 40 3.60 37.34 -22.00
CA PRO A 40 3.10 36.85 -23.29
C PRO A 40 4.07 35.95 -24.03
N GLU A 41 5.36 36.00 -23.74
CA GLU A 41 6.33 35.12 -24.37
C GLU A 41 6.38 33.73 -23.72
N LEU A 42 5.75 33.53 -22.57
CA LEU A 42 5.96 32.36 -21.75
C LEU A 42 4.67 31.52 -21.71
N SER A 43 4.83 30.21 -21.75
CA SER A 43 3.70 29.33 -21.52
C SER A 43 3.48 29.17 -20.01
N ARG A 44 2.26 29.44 -19.55
CA ARG A 44 1.95 29.28 -18.13
C ARG A 44 1.78 27.80 -17.81
N VAL A 45 2.56 27.28 -16.86
CA VAL A 45 2.44 25.89 -16.41
C VAL A 45 1.72 25.89 -15.07
N PRO A 46 0.53 25.29 -14.97
CA PRO A 46 -0.22 25.33 -13.72
C PRO A 46 0.34 24.32 -12.73
N PRO A 47 0.29 24.63 -11.43
CA PRO A 47 0.74 23.65 -10.43
C PRO A 47 -0.15 22.41 -10.45
N LEU A 48 0.48 21.27 -10.19
CA LEU A 48 -0.21 20.00 -10.22
C LEU A 48 -1.18 19.91 -9.04
N GLN A 49 -2.35 19.32 -9.28
CA GLN A 49 -3.29 19.03 -8.20
C GLN A 49 -3.69 17.56 -8.28
N TRP A 50 -4.25 17.03 -7.18
CA TRP A 50 -4.45 15.59 -7.07
C TRP A 50 -5.92 15.23 -6.93
N ASP A 51 -6.23 13.96 -7.22
CA ASP A 51 -7.59 13.47 -7.13
C ASP A 51 -7.94 12.90 -5.77
N SER A 52 -7.02 12.89 -4.82
CA SER A 52 -7.34 12.35 -3.49
C SER A 52 -6.22 12.71 -2.53
N PRO A 53 -6.51 12.72 -1.23
CA PRO A 53 -5.43 12.72 -0.23
C PRO A 53 -4.42 11.59 -0.40
N SER A 54 -4.87 10.38 -0.73
CA SER A 54 -3.95 9.27 -0.90
C SER A 54 -2.99 9.52 -2.06
N ARG A 55 -3.47 10.14 -3.13
CA ARG A 55 -2.59 10.35 -4.27
C ARG A 55 -1.56 11.45 -3.97
N MET A 56 -1.97 12.50 -3.25
CA MET A 56 -1.00 13.51 -2.84
C MET A 56 0.04 12.87 -1.93
N TYR A 57 -0.44 12.04 -1.00
CA TYR A 57 0.44 11.37 -0.05
C TYR A 57 1.45 10.50 -0.78
N GLU A 58 0.98 9.69 -1.73
CA GLU A 58 1.88 8.83 -2.50
C GLU A 58 2.95 9.65 -3.20
N ALA A 59 2.58 10.83 -3.70
CA ALA A 59 3.53 11.64 -4.46
C ALA A 59 4.60 12.21 -3.54
N VAL A 60 4.21 12.73 -2.38
CA VAL A 60 5.20 13.33 -1.49
C VAL A 60 6.08 12.27 -0.84
N THR A 61 5.51 11.09 -0.53
CA THR A 61 6.32 10.06 0.14
C THR A 61 7.15 9.22 -0.83
N ALA A 62 7.19 9.58 -2.10
CA ALA A 62 8.27 9.10 -2.96
C ALA A 62 9.64 9.49 -2.41
N PHE A 63 9.71 10.51 -1.56
CA PHE A 63 10.98 10.89 -0.95
C PHE A 63 10.83 11.04 0.57
N HIS A 64 9.84 11.78 1.03
CA HIS A 64 9.67 12.02 2.47
C HIS A 64 8.97 10.85 3.16
N SER A 65 9.26 10.67 4.45
CA SER A 65 8.62 9.61 5.21
C SER A 65 7.18 9.96 5.54
N THR A 66 6.33 8.94 5.58
CA THR A 66 4.93 9.15 5.94
C THR A 66 4.81 9.87 7.28
N GLU A 67 5.60 9.46 8.26
CA GLU A 67 5.44 10.07 9.58
C GLU A 67 5.88 11.52 9.58
N TYR A 68 6.81 11.89 8.69
CA TYR A 68 7.21 13.30 8.57
C TYR A 68 6.09 14.12 7.94
N VAL A 69 5.47 13.60 6.88
CA VAL A 69 4.35 14.33 6.27
C VAL A 69 3.20 14.47 7.25
N ASP A 70 2.90 13.40 7.99
CA ASP A 70 1.90 13.48 9.06
C ASP A 70 2.24 14.62 10.02
N ALA A 71 3.51 14.71 10.43
CA ALA A 71 3.91 15.73 11.40
C ALA A 71 3.74 17.13 10.83
N LEU A 72 4.12 17.31 9.57
CA LEU A 72 4.02 18.63 8.96
C LEU A 72 2.56 19.06 8.81
N LYS A 73 1.68 18.13 8.42
CA LYS A 73 0.25 18.43 8.33
C LYS A 73 -0.33 18.71 9.71
N LYS A 74 0.09 17.97 10.74
CA LYS A 74 -0.39 18.25 12.08
C LYS A 74 0.10 19.61 12.60
N LEU A 75 1.32 20.00 12.22
CA LEU A 75 1.85 21.31 12.61
C LEU A 75 0.99 22.46 12.07
N GLN A 76 0.54 22.36 10.82
CA GLN A 76 -0.34 23.39 10.28
C GLN A 76 -1.65 23.47 11.08
N MET A 77 -2.32 22.33 11.25
CA MET A 77 -3.52 22.27 12.07
C MET A 77 -3.29 22.87 13.46
N LEU A 78 -2.14 22.57 14.07
CA LEU A 78 -1.89 23.06 15.43
C LEU A 78 -1.74 24.58 15.44
N HIS A 79 -1.27 25.16 14.34
CA HIS A 79 -1.11 26.59 14.24
C HIS A 79 -2.37 27.29 13.74
N CYS A 80 -3.39 26.53 13.32
CA CYS A 80 -4.69 27.12 13.01
C CYS A 80 -5.60 27.21 14.22
N GLU A 81 -5.08 26.95 15.42
CA GLU A 81 -5.81 27.14 16.67
C GLU A 81 -5.05 28.12 17.56
N GLU A 82 -5.75 28.62 18.58
CA GLU A 82 -5.13 29.59 19.48
C GLU A 82 -4.21 28.93 20.50
N LYS A 83 -4.60 27.75 20.97
CA LYS A 83 -3.90 27.11 22.08
C LYS A 83 -2.44 26.81 21.73
N GLU A 84 -1.57 26.98 22.73
CA GLU A 84 -0.18 26.55 22.62
C GLU A 84 -0.09 25.04 22.35
N LEU A 85 1.04 24.63 21.81
CA LEU A 85 1.32 23.22 21.64
C LEU A 85 1.54 22.55 23.00
N THR A 86 1.14 21.28 23.11
CA THR A 86 1.42 20.48 24.29
C THR A 86 2.89 20.07 24.33
N ALA A 87 3.33 19.62 25.51
CA ALA A 87 4.68 19.09 25.66
C ALA A 87 4.93 17.92 24.70
N ASP A 88 3.96 17.00 24.59
CA ASP A 88 4.14 15.85 23.70
C ASP A 88 4.26 16.30 22.24
N ASP A 89 3.46 17.30 21.83
CA ASP A 89 3.54 17.75 20.46
C ASP A 89 4.84 18.51 20.19
N GLU A 90 5.33 19.27 21.18
CA GLU A 90 6.63 19.92 21.01
C GLU A 90 7.71 18.89 20.72
N LEU A 91 7.74 17.78 21.48
CA LEU A 91 8.71 16.72 21.24
C LEU A 91 8.54 16.13 19.84
N LEU A 92 7.30 15.93 19.42
CA LEU A 92 7.04 15.35 18.11
C LEU A 92 7.62 16.24 17.02
N MET A 93 7.33 17.54 17.08
CA MET A 93 7.89 18.48 16.11
C MET A 93 9.42 18.53 16.21
N ASP A 94 9.96 18.49 17.43
CA ASP A 94 11.40 18.55 17.58
C ASP A 94 12.09 17.36 16.91
N SER A 95 11.47 16.18 16.96
CA SER A 95 12.06 14.99 16.34
C SER A 95 12.16 15.09 14.82
N PHE A 96 11.48 16.05 14.21
CA PHE A 96 11.57 16.31 12.78
C PHE A 96 12.23 17.65 12.46
N SER A 97 12.81 18.33 13.45
CA SER A 97 13.44 19.64 13.26
C SER A 97 12.43 20.68 12.75
N LEU A 98 11.16 20.48 13.08
CA LEU A 98 10.12 21.46 12.80
C LEU A 98 10.12 22.51 13.92
N ASN A 99 11.15 23.34 13.86
CA ASN A 99 11.47 24.31 14.91
C ASN A 99 12.60 25.18 14.38
N TYR A 100 13.02 26.16 15.19
CA TYR A 100 14.17 27.01 14.89
C TYR A 100 13.89 27.79 13.61
N ASP A 101 14.68 27.61 12.55
CA ASP A 101 14.44 28.31 11.30
C ASP A 101 13.30 27.70 10.49
N CYS A 102 12.75 26.56 10.91
CA CYS A 102 11.60 25.94 10.27
C CYS A 102 10.42 25.79 11.23
N PRO A 103 9.94 26.88 11.82
CA PRO A 103 8.82 26.78 12.76
C PRO A 103 7.51 26.61 12.00
N GLY A 104 6.45 26.33 12.77
CA GLY A 104 5.13 26.29 12.19
C GLY A 104 4.56 27.67 11.95
N PHE A 105 3.59 27.72 11.05
CA PHE A 105 2.72 28.88 10.87
C PHE A 105 1.44 28.37 10.22
N PRO A 106 0.38 29.21 10.15
CA PRO A 106 -0.95 28.66 9.82
C PRO A 106 -1.05 27.98 8.45
N SER A 107 -0.18 28.28 7.48
CA SER A 107 -0.27 27.63 6.18
C SER A 107 0.99 26.84 5.81
N VAL A 108 1.79 26.45 6.81
CA VAL A 108 3.09 25.83 6.55
C VAL A 108 2.97 24.60 5.63
N PHE A 109 1.98 23.73 5.87
CA PHE A 109 1.89 22.55 5.00
C PHE A 109 1.48 22.94 3.59
N ASP A 110 0.46 23.79 3.46
CA ASP A 110 0.01 24.22 2.13
C ASP A 110 1.12 24.96 1.40
N TYR A 111 1.84 25.83 2.13
CA TYR A 111 2.99 26.56 1.59
C TYR A 111 4.05 25.62 1.04
N SER A 112 4.46 24.63 1.84
CA SER A 112 5.50 23.71 1.42
C SER A 112 5.01 22.85 0.26
N LEU A 113 3.76 22.39 0.33
CA LEU A 113 3.20 21.57 -0.73
C LEU A 113 3.12 22.33 -2.05
N ALA A 114 2.83 23.64 -1.98
CA ALA A 114 2.64 24.40 -3.21
C ALA A 114 3.88 24.32 -4.11
N ALA A 115 5.09 24.44 -3.54
CA ALA A 115 6.32 24.34 -4.33
C ALA A 115 6.46 22.97 -4.97
N VAL A 116 6.03 21.92 -4.26
CA VAL A 116 6.05 20.57 -4.81
C VAL A 116 5.11 20.47 -6.01
N GLN A 117 3.86 20.94 -5.85
CA GLN A 117 2.93 21.00 -6.98
C GLN A 117 3.54 21.75 -8.17
N GLY A 118 4.23 22.85 -7.88
CA GLY A 118 4.80 23.62 -8.98
C GLY A 118 5.88 22.86 -9.71
N SER A 119 6.87 22.36 -8.96
CA SER A 119 8.02 21.73 -9.62
C SER A 119 7.68 20.35 -10.22
N LEU A 120 6.64 19.66 -9.76
CA LEU A 120 6.21 18.42 -10.42
C LEU A 120 5.51 18.69 -11.73
N ALA A 121 4.69 19.75 -11.81
CA ALA A 121 4.11 20.07 -13.11
C ALA A 121 5.17 20.61 -14.05
N ALA A 122 6.18 21.30 -13.53
CA ALA A 122 7.24 21.75 -14.41
C ALA A 122 7.99 20.56 -15.00
N ALA A 123 8.26 19.54 -14.18
CA ALA A 123 8.92 18.35 -14.72
C ALA A 123 8.04 17.65 -15.75
N SER A 124 6.74 17.53 -15.49
CA SER A 124 5.85 16.86 -16.42
C SER A 124 5.80 17.59 -17.76
N ALA A 125 5.90 18.93 -17.74
CA ALA A 125 5.85 19.70 -18.98
C ALA A 125 7.08 19.40 -19.85
N LEU A 126 8.25 19.25 -19.22
CA LEU A 126 9.45 18.86 -19.96
C LEU A 126 9.32 17.44 -20.50
N ILE A 127 8.70 16.55 -19.73
CA ILE A 127 8.65 15.14 -20.11
C ILE A 127 7.80 14.97 -21.36
N CYS A 128 6.58 15.51 -21.36
CA CYS A 128 5.73 15.40 -22.54
C CYS A 128 6.14 16.35 -23.67
N ARG A 129 7.31 16.97 -23.57
CA ARG A 129 7.88 17.82 -24.62
C ARG A 129 7.02 19.04 -24.94
N HIS A 130 6.10 19.43 -24.06
CA HIS A 130 5.39 20.69 -24.23
C HIS A 130 6.34 21.88 -24.10
N CYS A 131 7.37 21.77 -23.27
CA CYS A 131 8.28 22.87 -23.00
C CYS A 131 9.72 22.38 -23.11
N GLU A 132 10.56 23.19 -23.75
CA GLU A 132 12.01 22.96 -23.74
C GLU A 132 12.65 23.35 -22.41
N VAL A 133 12.18 24.43 -21.79
CA VAL A 133 12.67 24.90 -20.49
C VAL A 133 11.45 25.31 -19.68
N VAL A 134 11.50 25.07 -18.37
CA VAL A 134 10.44 25.54 -17.49
C VAL A 134 11.07 26.21 -16.27
N ILE A 135 10.47 27.33 -15.86
CA ILE A 135 10.94 28.14 -14.75
C ILE A 135 9.92 28.03 -13.62
N ASN A 136 10.40 27.79 -12.41
CA ASN A 136 9.56 27.85 -11.21
C ASN A 136 10.30 28.68 -10.15
N TRP A 137 10.00 29.99 -10.08
CA TRP A 137 10.60 30.83 -9.06
C TRP A 137 9.96 30.65 -7.69
N GLY A 138 8.89 29.88 -7.59
CA GLY A 138 8.38 29.45 -6.30
C GLY A 138 8.96 28.15 -5.77
N GLY A 139 9.96 27.58 -6.44
CA GLY A 139 10.55 26.31 -6.07
C GLY A 139 12.04 26.44 -5.79
N GLY A 140 12.66 25.28 -5.54
CA GLY A 140 14.10 25.22 -5.34
C GLY A 140 14.58 25.08 -3.90
N TRP A 141 13.89 24.23 -3.11
CA TRP A 141 14.13 24.15 -1.66
C TRP A 141 15.04 22.96 -1.33
N HIS A 142 16.33 23.18 -1.51
CA HIS A 142 17.28 22.07 -1.64
C HIS A 142 17.75 21.49 -0.31
N HIS A 143 17.37 22.06 0.84
CA HIS A 143 17.88 21.57 2.12
C HIS A 143 17.00 20.53 2.81
N ALA A 144 15.74 20.40 2.43
CA ALA A 144 14.84 19.47 3.12
C ALA A 144 15.27 18.03 2.90
N LYS A 145 15.16 17.22 3.95
CA LYS A 145 15.57 15.83 3.93
C LYS A 145 14.34 14.93 4.10
N ARG A 146 14.58 13.63 3.95
CA ARG A 146 13.55 12.61 4.05
C ARG A 146 12.60 12.85 5.22
N SER A 147 13.13 13.02 6.44
CA SER A 147 12.33 13.19 7.66
C SER A 147 12.80 14.40 8.48
N GLU A 148 13.23 15.47 7.83
CA GLU A 148 13.86 16.58 8.54
C GLU A 148 13.70 17.84 7.72
N ALA A 149 13.10 18.86 8.32
CA ALA A 149 13.11 20.21 7.79
C ALA A 149 14.45 20.88 8.11
N SER A 150 14.87 21.79 7.23
CA SER A 150 16.20 22.39 7.39
C SER A 150 16.29 23.66 6.56
N GLY A 151 16.90 24.69 7.15
CA GLY A 151 17.15 25.96 6.47
C GLY A 151 16.00 26.55 5.67
N PHE A 152 14.83 26.70 6.30
CA PHE A 152 13.60 27.25 5.71
C PHE A 152 12.93 26.31 4.71
N CYS A 153 13.42 25.09 4.56
CA CYS A 153 12.91 24.12 3.60
C CYS A 153 12.15 23.03 4.36
N TYR A 154 10.89 22.83 4.02
CA TYR A 154 10.13 21.78 4.67
C TYR A 154 9.92 20.54 3.80
N LEU A 155 9.72 20.72 2.49
CA LEU A 155 9.62 19.61 1.55
C LEU A 155 10.59 19.84 0.40
N ASN A 156 11.24 18.80 -0.09
CA ASN A 156 12.27 19.00 -1.11
C ASN A 156 11.63 18.81 -2.49
N ASP A 157 11.13 19.91 -3.05
CA ASP A 157 10.50 19.89 -4.35
C ASP A 157 11.48 19.50 -5.45
N ILE A 158 12.78 19.81 -5.30
CA ILE A 158 13.76 19.48 -6.34
C ILE A 158 13.93 17.96 -6.43
N VAL A 159 14.11 17.29 -5.29
CA VAL A 159 14.28 15.84 -5.28
C VAL A 159 13.08 15.18 -5.96
N LEU A 160 11.88 15.61 -5.59
CA LEU A 160 10.67 15.03 -6.15
C LEU A 160 10.60 15.28 -7.66
N ALA A 161 10.89 16.50 -8.11
CA ALA A 161 10.96 16.75 -9.55
C ALA A 161 11.99 15.86 -10.23
N ILE A 162 13.20 15.79 -9.67
CA ILE A 162 14.24 15.00 -10.32
C ILE A 162 13.84 13.55 -10.38
N HIS A 163 13.23 13.04 -9.31
CA HIS A 163 12.75 11.66 -9.33
C HIS A 163 11.71 11.44 -10.43
N ARG A 164 10.82 12.41 -10.66
CA ARG A 164 9.89 12.25 -11.77
C ARG A 164 10.59 12.28 -13.13
N LEU A 165 11.69 13.03 -13.25
CA LEU A 165 12.40 13.07 -14.53
C LEU A 165 13.11 11.75 -14.82
N VAL A 166 13.84 11.21 -13.82
CA VAL A 166 14.59 9.98 -14.03
C VAL A 166 13.66 8.79 -14.22
N SER A 167 12.49 8.82 -13.59
CA SER A 167 11.55 7.72 -13.74
C SER A 167 10.83 7.74 -15.07
N SER A 168 11.26 8.60 -16.00
CA SER A 168 10.73 8.63 -17.36
C SER A 168 11.85 8.32 -18.36
N GLN A 178 18.94 5.40 -21.77
CA GLN A 178 18.84 5.44 -20.31
C GLN A 178 18.92 6.88 -19.79
N THR A 179 17.99 7.23 -18.89
CA THR A 179 17.83 8.60 -18.45
C THR A 179 18.86 8.99 -17.40
N ARG A 180 19.56 10.09 -17.62
CA ARG A 180 20.43 10.70 -16.63
C ARG A 180 20.06 12.15 -16.44
N VAL A 181 20.14 12.61 -15.20
CA VAL A 181 19.85 14.00 -14.85
C VAL A 181 21.12 14.62 -14.26
N LEU A 182 21.46 15.80 -14.75
CA LEU A 182 22.50 16.64 -14.14
C LEU A 182 21.83 17.77 -13.37
N TYR A 183 22.17 17.88 -12.09
CA TYR A 183 21.65 18.91 -11.22
C TYR A 183 22.77 19.89 -10.90
N VAL A 184 22.51 21.17 -11.13
CA VAL A 184 23.49 22.25 -10.99
C VAL A 184 22.92 23.22 -9.96
N ASP A 185 23.65 23.43 -8.86
CA ASP A 185 23.13 24.15 -7.67
C ASP A 185 23.98 25.41 -7.50
N LEU A 186 23.42 26.55 -7.90
CA LEU A 186 24.15 27.81 -7.93
C LEU A 186 23.97 28.63 -6.66
N ASP A 187 23.21 28.11 -5.70
CA ASP A 187 22.93 28.80 -4.46
C ASP A 187 24.22 29.08 -3.69
N LEU A 188 24.20 30.14 -2.86
CA LEU A 188 25.32 30.40 -1.97
C LEU A 188 25.59 29.21 -1.04
N HIS A 189 24.53 28.47 -0.71
CA HIS A 189 24.61 27.36 0.24
C HIS A 189 24.72 26.01 -0.48
N HIS A 190 25.43 25.09 0.16
CA HIS A 190 25.57 23.73 -0.34
C HIS A 190 24.21 23.06 -0.46
N GLY A 191 23.97 22.43 -1.61
CA GLY A 191 22.71 21.77 -1.85
C GLY A 191 22.70 20.38 -1.22
N ASP A 192 22.63 20.33 0.11
CA ASP A 192 22.89 19.07 0.80
C ASP A 192 21.71 18.10 0.70
N GLY A 193 20.47 18.60 0.70
CA GLY A 193 19.32 17.68 0.66
C GLY A 193 19.25 16.89 -0.64
N VAL A 194 19.50 17.56 -1.76
CA VAL A 194 19.45 16.88 -3.05
C VAL A 194 20.64 15.95 -3.21
N GLU A 195 21.82 16.39 -2.76
CA GLU A 195 23.00 15.53 -2.80
C GLU A 195 22.78 14.24 -2.02
N GLU A 196 22.30 14.37 -0.78
CA GLU A 196 21.99 13.20 0.03
C GLU A 196 20.98 12.28 -0.64
N ALA A 197 19.90 12.85 -1.20
CA ALA A 197 18.86 12.01 -1.76
C ALA A 197 19.37 11.10 -2.87
N PHE A 198 20.35 11.57 -3.66
CA PHE A 198 20.84 10.81 -4.79
C PHE A 198 22.25 10.30 -4.58
N TRP A 199 22.66 10.17 -3.31
CA TRP A 199 24.02 9.78 -2.94
C TRP A 199 24.42 8.41 -3.46
N TYR A 200 23.46 7.50 -3.65
CA TYR A 200 23.72 6.15 -4.15
C TYR A 200 23.27 5.97 -5.59
N SER A 201 22.95 7.05 -6.27
CA SER A 201 22.35 6.99 -7.61
C SER A 201 23.32 7.53 -8.65
N PRO A 202 23.89 6.70 -9.53
CA PRO A 202 24.68 7.26 -10.65
C PRO A 202 23.85 8.01 -11.69
N ARG A 203 22.53 7.81 -11.74
CA ARG A 203 21.79 8.42 -12.83
C ARG A 203 21.45 9.89 -12.58
N VAL A 204 21.62 10.39 -11.36
CA VAL A 204 21.43 11.81 -11.04
C VAL A 204 22.79 12.32 -10.57
N VAL A 205 23.52 13.02 -11.44
CA VAL A 205 24.77 13.64 -11.01
C VAL A 205 24.47 15.01 -10.44
N THR A 206 24.98 15.29 -9.24
CA THR A 206 24.74 16.56 -8.59
C THR A 206 26.03 17.38 -8.53
N PHE A 207 25.90 18.69 -8.71
CA PHE A 207 27.04 19.61 -8.69
C PHE A 207 26.59 20.87 -7.98
N SER A 208 27.20 21.16 -6.83
CA SER A 208 26.93 22.37 -6.07
C SER A 208 28.21 23.19 -6.04
N VAL A 209 28.08 24.49 -6.31
CA VAL A 209 29.13 25.45 -6.00
C VAL A 209 28.59 26.35 -4.90
N HIS A 210 29.43 26.67 -3.91
CA HIS A 210 28.90 27.33 -2.72
C HIS A 210 30.03 27.90 -1.89
N HIS A 211 29.66 28.80 -0.97
CA HIS A 211 30.56 29.11 0.12
C HIS A 211 30.52 27.99 1.15
N ALA A 212 31.68 27.63 1.67
CA ALA A 212 31.79 26.75 2.83
C ALA A 212 32.90 27.27 3.72
N SER A 213 32.65 27.32 5.02
CA SER A 213 33.67 27.72 5.98
C SER A 213 33.20 27.26 7.37
N PRO A 214 34.09 27.25 8.36
CA PRO A 214 33.70 26.69 9.67
C PRO A 214 32.55 27.44 10.30
N GLY A 215 31.50 26.69 10.71
CA GLY A 215 30.31 27.25 11.30
C GLY A 215 29.24 27.71 10.31
N PHE A 216 29.55 27.73 9.03
CA PHE A 216 28.64 28.29 8.02
C PHE A 216 27.68 27.21 7.55
N PHE A 217 26.38 27.52 7.59
CA PHE A 217 25.30 26.60 7.20
C PHE A 217 25.48 26.05 5.78
N PRO A 218 25.12 24.76 5.54
CA PRO A 218 24.77 23.71 6.51
C PRO A 218 26.01 22.96 6.99
N GLY A 219 27.16 23.28 6.40
CA GLY A 219 28.42 22.74 6.86
C GLY A 219 29.05 21.71 5.95
N THR A 220 28.31 21.22 4.96
CA THR A 220 28.80 20.15 4.10
C THR A 220 29.31 20.72 2.77
N GLY A 221 29.62 19.83 1.82
CA GLY A 221 30.11 20.23 0.52
C GLY A 221 31.57 20.64 0.54
N THR A 222 32.36 20.10 1.46
CA THR A 222 33.75 20.52 1.55
C THR A 222 34.55 19.36 2.15
N TRP A 223 35.83 19.63 2.42
CA TRP A 223 36.74 18.61 2.93
C TRP A 223 36.15 17.96 4.17
N ASN A 224 36.37 16.65 4.27
CA ASN A 224 35.75 15.79 5.28
C ASN A 224 36.65 15.60 6.49
N LYS A 230 45.99 11.57 8.21
CA LYS A 230 45.64 11.51 6.80
C LYS A 230 45.03 12.84 6.32
N LEU A 231 45.51 13.33 5.17
CA LEU A 231 44.96 14.55 4.58
C LEU A 231 43.46 14.37 4.36
N PRO A 232 42.66 15.41 4.62
CA PRO A 232 41.22 15.28 4.41
C PRO A 232 40.87 15.17 2.93
N ILE A 233 39.70 14.57 2.67
CA ILE A 233 39.26 14.25 1.31
C ILE A 233 37.81 14.73 1.13
N PHE A 234 37.33 14.62 -0.10
CA PHE A 234 35.94 14.86 -0.44
C PHE A 234 35.20 13.53 -0.53
N LEU A 235 34.15 13.37 0.25
CA LEU A 235 33.21 12.29 -0.06
C LEU A 235 32.42 12.68 -1.31
N ASN A 236 32.04 11.69 -2.11
CA ASN A 236 31.45 12.04 -3.39
C ASN A 236 30.43 11.02 -3.88
N GLY A 237 29.74 10.35 -2.97
CA GLY A 237 28.80 9.30 -3.33
C GLY A 237 29.19 7.96 -2.73
N ALA A 238 28.29 6.98 -2.92
CA ALA A 238 28.49 5.68 -2.30
C ALA A 238 27.77 4.61 -3.11
N GLY A 239 28.21 3.37 -2.90
CA GLY A 239 27.65 2.27 -3.69
C GLY A 239 27.86 2.51 -5.17
N ARG A 240 26.80 2.26 -5.94
CA ARG A 240 26.90 2.54 -7.37
C ARG A 240 26.92 4.03 -7.65
N GLY A 241 26.56 4.85 -6.67
CA GLY A 241 26.64 6.29 -6.76
C GLY A 241 28.00 6.89 -6.53
N ARG A 242 29.04 6.08 -6.40
CA ARG A 242 30.36 6.63 -6.08
C ARG A 242 30.84 7.53 -7.22
N PHE A 243 31.39 8.68 -6.84
CA PHE A 243 31.91 9.73 -7.72
C PHE A 243 30.80 10.53 -8.38
N SER A 244 29.55 10.36 -7.97
CA SER A 244 28.43 11.05 -8.64
C SER A 244 28.00 12.32 -7.94
N ALA A 245 28.64 12.71 -6.84
CA ALA A 245 28.32 13.96 -6.12
C ALA A 245 29.52 14.89 -6.20
N PHE A 246 29.33 16.03 -6.86
CA PHE A 246 30.38 17.00 -7.11
C PHE A 246 30.14 18.26 -6.28
N ASN A 247 31.23 18.91 -5.88
CA ASN A 247 31.17 20.06 -5.00
C ASN A 247 32.38 20.94 -5.25
N LEU A 248 32.14 22.25 -5.26
CA LEU A 248 33.19 23.26 -5.41
C LEU A 248 32.94 24.35 -4.38
N PRO A 249 33.64 24.32 -3.24
CA PRO A 249 33.48 25.37 -2.23
C PRO A 249 34.46 26.50 -2.49
N LEU A 250 33.96 27.73 -2.37
CA LEU A 250 34.75 28.91 -2.70
C LEU A 250 34.79 29.83 -1.50
N GLU A 251 35.79 30.70 -1.50
CA GLU A 251 36.00 31.62 -0.39
C GLU A 251 35.11 32.84 -0.56
N GLU A 252 34.81 33.50 0.57
CA GLU A 252 33.93 34.65 0.52
C GLU A 252 34.55 35.76 -0.32
N GLY A 253 33.68 36.58 -0.93
CA GLY A 253 34.10 37.74 -1.67
C GLY A 253 34.27 37.54 -3.16
N ILE A 254 34.11 36.32 -3.68
CA ILE A 254 34.39 36.06 -5.09
C ILE A 254 33.48 36.91 -5.96
N ASN A 255 34.02 37.41 -7.08
CA ASN A 255 33.26 38.25 -7.99
C ASN A 255 32.78 37.43 -9.20
N ASP A 256 32.04 38.10 -10.08
CA ASP A 256 31.46 37.45 -11.26
C ASP A 256 32.52 36.71 -12.08
N LEU A 257 33.56 37.41 -12.49
CA LEU A 257 34.54 36.80 -13.41
C LEU A 257 35.22 35.58 -12.78
N ASP A 258 35.64 35.68 -11.52
CA ASP A 258 36.35 34.58 -10.91
C ASP A 258 35.44 33.39 -10.64
N TRP A 259 34.18 33.67 -10.28
CA TRP A 259 33.20 32.60 -10.09
C TRP A 259 32.86 31.94 -11.42
N SER A 260 32.71 32.76 -12.47
CA SER A 260 32.42 32.27 -13.82
C SER A 260 33.54 31.36 -14.33
N ASN A 261 34.79 31.83 -14.25
CA ASN A 261 35.93 30.98 -14.63
C ASN A 261 36.04 29.73 -13.77
N ALA A 262 35.58 29.81 -12.51
CA ALA A 262 35.69 28.66 -11.62
C ALA A 262 34.73 27.54 -12.00
N ILE A 263 33.53 27.87 -12.46
CA ILE A 263 32.51 26.85 -12.72
C ILE A 263 32.37 26.48 -14.20
N GLY A 264 32.82 27.37 -15.12
CA GLY A 264 32.62 27.20 -16.54
C GLY A 264 33.14 25.89 -17.14
N PRO A 265 34.41 25.58 -16.90
CA PRO A 265 34.92 24.30 -17.40
C PRO A 265 34.31 23.09 -16.72
N ILE A 266 33.95 23.20 -15.43
CA ILE A 266 33.30 22.08 -14.76
C ILE A 266 31.96 21.80 -15.43
N LEU A 267 31.15 22.85 -15.63
CA LEU A 267 29.87 22.71 -16.31
C LEU A 267 30.03 22.06 -17.68
N ASP A 268 30.97 22.57 -18.47
CA ASP A 268 31.16 22.04 -19.82
C ASP A 268 31.64 20.59 -19.78
N SER A 269 32.50 20.24 -18.82
CA SER A 269 32.98 18.88 -18.70
C SER A 269 31.86 17.92 -18.30
N LEU A 270 31.03 18.33 -17.34
CA LEU A 270 29.93 17.47 -16.89
C LEU A 270 28.98 17.13 -18.05
N ASN A 271 28.64 18.13 -18.86
CA ASN A 271 27.76 17.91 -20.00
C ASN A 271 28.36 16.94 -21.02
N ILE A 272 29.62 17.15 -21.39
CA ILE A 272 30.27 16.27 -22.37
C ILE A 272 30.27 14.82 -21.87
N VAL A 273 30.72 14.62 -20.63
CA VAL A 273 30.90 13.26 -20.12
C VAL A 273 29.57 12.60 -19.76
N ILE A 274 28.67 13.31 -19.08
CA ILE A 274 27.46 12.64 -18.59
C ILE A 274 26.40 12.53 -19.69
N GLN A 275 26.39 13.49 -20.63
CA GLN A 275 25.38 13.66 -21.68
C GLN A 275 23.98 13.57 -21.10
N PRO A 276 23.57 14.53 -20.27
CA PRO A 276 22.32 14.38 -19.52
C PRO A 276 21.10 14.40 -20.42
N SER A 277 20.11 13.63 -20.01
CA SER A 277 18.77 13.70 -20.59
C SER A 277 18.05 14.97 -20.17
N TYR A 278 18.29 15.45 -18.94
CA TYR A 278 17.73 16.70 -18.43
C TYR A 278 18.75 17.41 -17.56
N VAL A 279 18.64 18.73 -17.48
CA VAL A 279 19.36 19.53 -16.50
C VAL A 279 18.34 20.22 -15.59
N VAL A 280 18.65 20.24 -14.30
CA VAL A 280 17.89 20.97 -13.29
C VAL A 280 18.85 21.94 -12.62
N VAL A 281 18.47 23.23 -12.61
CA VAL A 281 19.33 24.29 -12.08
C VAL A 281 18.62 24.94 -10.89
N GLN A 282 19.26 24.90 -9.72
CA GLN A 282 18.83 25.73 -8.59
C GLN A 282 19.59 27.04 -8.72
N CYS A 283 18.85 28.14 -8.72
CA CYS A 283 19.37 29.45 -9.07
CA CYS A 283 19.38 29.45 -9.07
C CYS A 283 19.22 30.44 -7.92
N GLY A 284 19.52 29.99 -6.70
CA GLY A 284 19.46 30.83 -5.53
C GLY A 284 20.21 32.13 -5.75
N ALA A 285 19.62 33.24 -5.30
CA ALA A 285 20.15 34.56 -5.58
C ALA A 285 20.94 35.15 -4.42
N ASP A 286 21.27 34.35 -3.40
CA ASP A 286 21.99 34.87 -2.23
C ASP A 286 23.49 35.01 -2.45
N CYS A 287 24.00 34.67 -3.64
CA CYS A 287 25.37 35.04 -3.97
C CYS A 287 25.52 36.51 -4.35
N LEU A 288 24.41 37.23 -4.52
CA LEU A 288 24.46 38.61 -5.00
C LEU A 288 25.22 39.49 -4.02
N ALA A 289 25.98 40.44 -4.55
CA ALA A 289 26.78 41.32 -3.71
C ALA A 289 25.92 42.09 -2.72
N THR A 290 24.65 42.30 -3.08
CA THR A 290 23.73 43.12 -2.30
C THR A 290 22.81 42.29 -1.41
N ASP A 291 22.97 40.97 -1.42
CA ASP A 291 22.21 40.14 -0.51
C ASP A 291 22.68 40.39 0.92
N PRO A 292 21.76 40.45 1.89
CA PRO A 292 22.18 40.65 3.28
C PRO A 292 23.10 39.56 3.80
N MET A 293 23.13 38.38 3.18
CA MET A 293 24.17 37.39 3.48
C MET A 293 25.56 38.02 3.33
N ARG A 294 25.77 38.77 2.25
CA ARG A 294 26.99 39.52 2.01
C ARG A 294 28.23 38.62 2.05
N ILE A 295 28.19 37.54 1.28
CA ILE A 295 29.29 36.57 1.22
C ILE A 295 29.99 36.63 -0.13
N PHE A 296 29.25 36.40 -1.21
CA PHE A 296 29.79 36.52 -2.56
C PHE A 296 29.49 37.92 -3.13
N ARG A 297 30.07 38.21 -4.29
CA ARG A 297 29.90 39.52 -4.90
C ARG A 297 29.47 39.40 -6.36
N LEU A 298 28.50 38.53 -6.63
CA LEU A 298 27.97 38.41 -7.99
C LEU A 298 26.93 39.50 -8.26
N THR A 299 26.72 39.80 -9.54
CA THR A 299 25.73 40.80 -9.94
C THR A 299 24.66 40.15 -10.82
N ASN A 300 23.75 41.00 -11.29
CA ASN A 300 22.84 40.69 -12.39
C ASN A 300 23.20 41.48 -13.65
N PHE A 301 24.46 41.88 -13.78
CA PHE A 301 24.88 42.72 -14.89
C PHE A 301 24.90 41.93 -16.21
N TYR A 302 24.43 42.59 -17.27
CA TYR A 302 24.37 42.00 -18.60
C TYR A 302 24.82 43.06 -19.60
N PRO A 303 26.14 43.17 -19.86
CA PRO A 303 26.69 44.20 -20.74
C PRO A 303 26.14 44.15 -22.17
N SER A 316 31.46 43.76 -16.26
CA SER A 316 31.24 42.43 -15.69
C SER A 316 29.99 41.79 -16.26
N LEU A 317 30.07 40.49 -16.55
CA LEU A 317 28.90 39.68 -16.87
C LEU A 317 28.49 38.87 -15.64
N SER A 318 27.22 38.94 -15.29
CA SER A 318 26.68 38.20 -14.14
C SER A 318 27.11 36.74 -14.17
N GLY A 319 27.68 36.28 -13.04
CA GLY A 319 27.98 34.87 -12.92
C GLY A 319 26.77 34.02 -13.22
N TYR A 320 25.60 34.45 -12.76
CA TYR A 320 24.37 33.69 -12.98
C TYR A 320 24.01 33.64 -14.45
N LEU A 321 24.09 34.78 -15.14
CA LEU A 321 23.74 34.82 -16.55
C LEU A 321 24.73 34.02 -17.39
N TYR A 322 26.03 34.14 -17.08
CA TYR A 322 27.04 33.31 -17.74
C TYR A 322 26.68 31.82 -17.67
N ALA A 323 26.48 31.32 -16.45
CA ALA A 323 26.23 29.88 -16.25
C ALA A 323 24.93 29.44 -16.91
N ILE A 324 23.87 30.24 -16.78
CA ILE A 324 22.58 29.85 -17.36
C ILE A 324 22.69 29.81 -18.89
N LYS A 325 23.29 30.84 -19.49
CA LYS A 325 23.45 30.83 -20.94
C LYS A 325 24.28 29.63 -21.41
N LYS A 326 25.34 29.30 -20.67
CA LYS A 326 26.14 28.13 -21.02
C LYS A 326 25.31 26.85 -20.94
N ILE A 327 24.51 26.72 -19.89
CA ILE A 327 23.71 25.51 -19.76
C ILE A 327 22.68 25.43 -20.89
N LEU A 328 22.08 26.57 -21.24
CA LEU A 328 21.07 26.61 -22.30
C LEU A 328 21.65 26.33 -23.68
N SER A 329 22.94 26.64 -23.90
CA SER A 329 23.52 26.35 -25.21
C SER A 329 23.67 24.86 -25.48
N TRP A 330 23.44 24.03 -24.46
CA TRP A 330 23.56 22.58 -24.59
C TRP A 330 22.34 21.96 -25.24
N LYS A 331 21.21 22.67 -25.22
CA LYS A 331 19.97 22.23 -25.86
C LYS A 331 19.43 20.95 -25.22
N VAL A 332 19.56 20.84 -23.90
CA VAL A 332 18.96 19.76 -23.12
C VAL A 332 17.73 20.32 -22.40
N PRO A 333 16.61 19.60 -22.33
CA PRO A 333 15.43 20.13 -21.61
C PRO A 333 15.78 20.48 -20.18
N THR A 334 15.42 21.68 -19.75
CA THR A 334 15.99 22.25 -18.54
C THR A 334 14.92 22.82 -17.61
N LEU A 335 15.01 22.47 -16.34
CA LEU A 335 14.19 23.04 -15.27
C LEU A 335 15.01 24.11 -14.56
N ILE A 336 14.48 25.34 -14.49
CA ILE A 336 15.15 26.44 -13.78
C ILE A 336 14.32 26.79 -12.55
N LEU A 337 14.97 26.73 -11.38
CA LEU A 337 14.31 26.88 -10.08
C LEU A 337 14.94 28.01 -9.25
N GLY A 338 14.14 28.61 -8.37
CA GLY A 338 14.59 29.61 -7.42
C GLY A 338 15.43 29.05 -6.28
N GLY A 339 15.22 29.56 -5.09
CA GLY A 339 16.04 29.19 -3.95
C GLY A 339 16.24 30.38 -3.05
N GLY A 340 17.44 30.51 -2.47
CA GLY A 340 17.72 31.62 -1.58
C GLY A 340 17.60 32.96 -2.30
N GLY A 341 17.67 34.02 -1.51
CA GLY A 341 17.54 35.37 -2.02
C GLY A 341 16.77 36.20 -1.03
N TYR A 342 17.50 37.02 -0.26
CA TYR A 342 16.92 37.70 0.89
C TYR A 342 16.90 39.21 0.74
N ASN A 343 17.36 39.72 -0.40
CA ASN A 343 17.10 41.09 -0.84
C ASN A 343 16.03 40.92 -1.91
N PHE A 344 14.76 41.04 -1.52
CA PHE A 344 13.68 40.66 -2.42
C PHE A 344 13.68 41.44 -3.73
N PRO A 345 13.83 42.77 -3.74
CA PRO A 345 13.84 43.48 -5.04
C PRO A 345 15.02 43.10 -5.91
N ASP A 346 16.20 42.84 -5.33
CA ASP A 346 17.35 42.44 -6.13
C ASP A 346 17.26 40.99 -6.61
N THR A 347 16.63 40.09 -5.83
CA THR A 347 16.28 38.78 -6.36
C THR A 347 15.36 38.93 -7.58
N ALA A 348 14.36 39.80 -7.49
CA ALA A 348 13.51 40.08 -8.64
C ALA A 348 14.32 40.64 -9.83
N ARG A 349 15.27 41.54 -9.56
CA ARG A 349 16.09 42.06 -10.66
C ARG A 349 16.84 40.94 -11.35
N LEU A 350 17.46 40.06 -10.57
CA LEU A 350 18.18 38.94 -11.17
C LEU A 350 17.24 38.04 -11.97
N TRP A 351 16.17 37.56 -11.33
CA TRP A 351 15.40 36.46 -11.94
C TRP A 351 14.62 36.94 -13.15
N THR A 352 14.27 38.22 -13.20
CA THR A 352 13.74 38.81 -14.42
C THR A 352 14.71 38.69 -15.57
N ARG A 353 16.00 38.95 -15.31
CA ARG A 353 17.00 38.84 -16.37
C ARG A 353 17.28 37.39 -16.73
N VAL A 354 17.32 36.49 -15.74
CA VAL A 354 17.42 35.08 -16.09
C VAL A 354 16.25 34.69 -16.98
N THR A 355 15.08 35.26 -16.74
CA THR A 355 13.88 34.84 -17.46
C THR A 355 13.90 35.34 -18.90
N ALA A 356 14.27 36.62 -19.08
CA ALA A 356 14.49 37.19 -20.41
C ALA A 356 15.61 36.47 -21.17
N LEU A 357 16.71 36.13 -20.48
CA LEU A 357 17.79 35.41 -21.15
C LEU A 357 17.31 34.05 -21.66
N THR A 358 16.54 33.34 -20.86
CA THR A 358 16.03 32.04 -21.28
C THR A 358 15.16 32.19 -22.53
N ILE A 359 14.25 33.15 -22.53
CA ILE A 359 13.41 33.38 -23.71
C ILE A 359 14.29 33.62 -24.94
N GLU A 360 15.28 34.49 -24.80
CA GLU A 360 16.18 34.82 -25.90
C GLU A 360 16.92 33.60 -26.40
N GLU A 361 17.54 32.83 -25.49
CA GLU A 361 18.33 31.69 -25.91
C GLU A 361 17.48 30.58 -26.53
N VAL A 362 16.22 30.48 -26.16
CA VAL A 362 15.37 29.36 -26.59
C VAL A 362 14.57 29.72 -27.84
N LYS A 363 13.88 30.85 -27.84
CA LYS A 363 13.06 31.18 -28.99
C LYS A 363 13.88 31.78 -30.14
N GLY A 364 15.09 32.22 -29.88
CA GLY A 364 15.88 32.92 -30.88
C GLY A 364 15.53 34.37 -31.04
N LYS A 365 14.69 34.91 -30.17
CA LYS A 365 14.09 36.23 -30.32
C LYS A 365 14.63 37.17 -29.25
N LYS A 366 15.17 38.31 -29.67
CA LYS A 366 15.84 39.20 -28.73
C LYS A 366 14.84 39.88 -27.80
N MET A 367 15.22 40.01 -26.53
CA MET A 367 14.45 40.71 -25.51
C MET A 367 15.18 42.00 -25.17
N THR A 368 14.44 43.10 -25.10
CA THR A 368 15.05 44.40 -24.84
C THR A 368 14.53 44.92 -23.51
N ILE A 369 15.38 44.89 -22.50
CA ILE A 369 15.01 45.24 -21.14
C ILE A 369 15.52 46.64 -20.83
N SER A 370 14.59 47.58 -20.69
CA SER A 370 14.98 48.94 -20.35
C SER A 370 15.72 48.97 -19.00
N PRO A 371 16.80 49.75 -18.89
CA PRO A 371 17.54 49.80 -17.63
C PRO A 371 16.76 50.38 -16.45
N GLU A 372 15.61 51.01 -16.68
CA GLU A 372 14.85 51.61 -15.60
C GLU A 372 13.66 50.71 -15.25
N ILE A 373 13.36 50.62 -13.97
CA ILE A 373 12.25 49.76 -13.52
C ILE A 373 10.93 50.35 -14.00
N PRO A 374 10.10 49.60 -14.70
CA PRO A 374 8.82 50.15 -15.18
C PRO A 374 7.82 50.29 -14.04
N GLU A 375 6.97 51.29 -14.17
CA GLU A 375 5.92 51.50 -13.19
C GLU A 375 5.02 50.27 -13.13
N HIS A 376 4.70 49.84 -11.91
CA HIS A 376 3.86 48.68 -11.63
C HIS A 376 3.61 48.68 -10.13
N SER A 377 2.93 47.63 -9.65
CA SER A 377 2.37 47.66 -8.30
C SER A 377 3.43 47.81 -7.23
N TYR A 378 4.59 47.16 -7.39
CA TYR A 378 5.65 47.18 -6.40
C TYR A 378 6.77 48.15 -6.74
N PHE A 379 6.50 49.09 -7.65
CA PHE A 379 7.54 49.99 -8.17
C PHE A 379 8.30 50.71 -7.05
N SER A 380 7.64 51.03 -5.94
CA SER A 380 8.31 51.79 -4.89
C SER A 380 9.41 50.98 -4.23
N ARG A 381 9.31 49.65 -4.25
CA ARG A 381 10.31 48.80 -3.61
C ARG A 381 11.66 48.87 -4.29
N TYR A 382 11.74 49.48 -5.47
CA TYR A 382 12.97 49.51 -6.26
C TYR A 382 13.72 50.83 -6.13
N GLY A 383 13.22 51.76 -5.32
CA GLY A 383 13.95 52.99 -5.02
C GLY A 383 15.28 52.71 -4.35
N PRO A 384 16.11 53.75 -4.20
CA PRO A 384 15.80 55.16 -4.47
C PRO A 384 16.02 55.58 -5.92
N ASP A 385 16.53 54.67 -6.76
CA ASP A 385 16.90 55.01 -8.12
C ASP A 385 16.19 54.20 -9.20
N PHE A 386 15.60 53.05 -8.87
CA PHE A 386 14.67 52.36 -9.77
C PHE A 386 15.35 51.89 -11.06
N GLU A 387 16.53 51.29 -10.93
CA GLU A 387 17.22 50.72 -12.08
C GLU A 387 17.19 49.20 -12.01
N LEU A 388 17.31 48.56 -13.17
CA LEU A 388 17.34 47.09 -13.21
C LEU A 388 18.66 46.55 -12.67
N ASP A 389 19.77 47.22 -12.98
CA ASP A 389 21.07 46.84 -12.42
C ASP A 389 21.06 46.97 -10.91
N ILE A 390 21.68 45.99 -10.23
CA ILE A 390 21.80 46.13 -8.80
C ILE A 390 22.78 47.25 -8.46
N ASP A 391 22.68 47.75 -7.24
CA ASP A 391 23.37 48.98 -6.85
C ASP A 391 24.69 48.62 -6.18
N TYR A 392 25.66 48.24 -7.01
CA TYR A 392 26.95 47.77 -6.53
C TYR A 392 28.04 48.17 -7.50
N PHE A 393 29.22 48.47 -6.96
CA PHE A 393 30.38 48.77 -7.80
C PHE A 393 31.53 47.84 -7.46
N PRO A 394 31.86 46.87 -8.32
CA PRO A 394 32.91 45.87 -8.13
C PRO A 394 34.32 46.46 -8.28
N ASP A 403 44.46 29.60 -7.30
CA ASP A 403 45.35 28.44 -7.21
C ASP A 403 44.70 27.32 -6.39
N SER A 404 43.90 27.73 -5.40
CA SER A 404 42.97 26.78 -4.79
C SER A 404 41.99 26.24 -5.82
N ILE A 405 41.46 27.13 -6.67
CA ILE A 405 40.52 26.73 -7.71
C ILE A 405 41.18 25.77 -8.69
N GLN A 406 42.47 25.99 -8.97
CA GLN A 406 43.19 25.12 -9.87
C GLN A 406 43.34 23.72 -9.29
N LYS A 407 43.64 23.61 -7.98
CA LYS A 407 43.69 22.30 -7.36
C LYS A 407 42.31 21.64 -7.37
N HIS A 408 41.26 22.43 -7.14
CA HIS A 408 39.89 21.93 -7.17
C HIS A 408 39.52 21.41 -8.56
N HIS A 409 40.01 22.08 -9.60
CA HIS A 409 39.76 21.64 -10.97
C HIS A 409 40.43 20.29 -11.24
N ARG A 410 41.66 20.11 -10.75
CA ARG A 410 42.34 18.83 -10.96
C ARG A 410 41.65 17.71 -10.18
N ARG A 411 41.14 18.02 -8.99
CA ARG A 411 40.41 17.02 -8.21
C ARG A 411 39.11 16.63 -8.91
N ILE A 412 38.34 17.63 -9.35
CA ILE A 412 37.06 17.36 -10.01
C ILE A 412 37.26 16.60 -11.31
N LEU A 413 38.28 16.97 -12.09
CA LEU A 413 38.52 16.30 -13.38
C LEU A 413 38.79 14.82 -13.17
N GLU A 414 39.58 14.49 -12.15
CA GLU A 414 39.86 13.10 -11.82
C GLU A 414 38.62 12.38 -11.32
N GLN A 415 37.81 13.04 -10.48
CA GLN A 415 36.54 12.46 -10.06
C GLN A 415 35.65 12.16 -11.25
N LEU A 416 35.58 13.07 -12.22
CA LEU A 416 34.77 12.83 -13.41
C LEU A 416 35.30 11.63 -14.19
N ARG A 417 36.64 11.47 -14.24
CA ARG A 417 37.24 10.31 -14.88
C ARG A 417 36.82 9.03 -14.16
N ASN A 418 36.92 9.02 -12.83
CA ASN A 418 36.50 7.88 -12.04
C ASN A 418 35.02 7.55 -12.29
N TYR A 419 34.16 8.56 -12.20
CA TYR A 419 32.74 8.36 -12.50
C TYR A 419 32.55 7.70 -13.86
N ALA A 420 33.24 8.22 -14.87
CA ALA A 420 33.07 7.74 -16.23
C ALA A 420 33.68 6.36 -16.43
N ASP A 421 34.69 5.99 -15.64
CA ASP A 421 35.21 4.63 -15.70
C ASP A 421 34.27 3.65 -14.99
N LEU A 422 33.80 4.04 -13.79
CA LEU A 422 32.89 3.19 -13.03
C LEU A 422 31.61 2.93 -13.80
N ASN A 423 31.11 3.94 -14.52
CA ASN A 423 29.83 3.85 -15.20
C ASN A 423 29.98 3.55 -16.69
N LYS A 424 31.15 3.10 -17.11
CA LYS A 424 31.43 2.67 -18.49
C LYS A 424 30.91 3.68 -19.52
N LEU A 425 31.35 4.92 -19.36
CA LEU A 425 31.00 6.00 -20.27
C LEU A 425 32.19 6.31 -21.18
N ILE A 426 31.93 6.46 -22.48
CA ILE A 426 32.93 6.85 -23.46
C ILE A 426 33.04 8.36 -23.52
N TYR A 427 34.26 8.85 -23.77
CA TYR A 427 34.56 10.28 -23.76
C TYR A 427 36.03 10.55 -24.10
N ASP A 428 36.30 11.58 -24.88
CA ASP A 428 37.67 11.96 -25.22
C ASP A 428 38.32 12.64 -24.02
N TYR A 429 39.28 11.96 -23.39
CA TYR A 429 39.89 12.53 -22.18
C TYR A 429 40.65 13.81 -22.48
N ASP A 430 41.15 13.97 -23.71
CA ASP A 430 41.88 15.18 -24.06
C ASP A 430 40.98 16.29 -24.57
N GLN A 431 39.75 15.97 -25.00
CA GLN A 431 38.78 17.02 -25.28
C GLN A 431 38.27 17.66 -23.99
N VAL A 432 38.06 16.87 -22.95
CA VAL A 432 37.64 17.44 -21.67
C VAL A 432 38.80 18.13 -20.96
N TYR A 433 40.00 17.54 -21.05
CA TYR A 433 41.17 18.10 -20.35
C TYR A 433 41.52 19.49 -20.85
N GLN A 434 41.22 19.80 -22.12
CA GLN A 434 41.54 21.11 -22.66
C GLN A 434 40.53 22.19 -22.24
N LEU A 435 39.33 21.80 -21.81
CA LEU A 435 38.37 22.77 -21.31
C LEU A 435 38.96 23.57 -20.15
N TYR A 436 39.73 22.90 -19.29
CA TYR A 436 40.42 23.58 -18.20
C TYR A 436 41.72 24.21 -18.70
N SER B 3 -45.29 20.24 -14.19
CA SER B 3 -44.49 19.88 -15.35
C SER B 3 -43.01 19.83 -15.00
N VAL B 4 -42.41 18.67 -15.20
CA VAL B 4 -40.97 18.47 -15.02
C VAL B 4 -40.35 18.40 -16.42
N GLY B 5 -39.47 19.31 -16.72
CA GLY B 5 -38.79 19.28 -17.99
C GLY B 5 -37.47 18.54 -17.92
N ILE B 6 -37.00 18.07 -19.08
CA ILE B 6 -35.66 17.50 -19.17
C ILE B 6 -35.09 17.85 -20.54
N VAL B 7 -33.83 18.28 -20.55
CA VAL B 7 -33.19 18.71 -21.80
C VAL B 7 -32.65 17.51 -22.57
N TYR B 8 -33.12 17.32 -23.81
CA TYR B 8 -32.45 16.41 -24.74
C TYR B 8 -32.80 16.74 -26.18
N GLY B 9 -32.12 16.04 -27.09
CA GLY B 9 -32.28 16.19 -28.53
C GLY B 9 -31.26 15.33 -29.24
N ASP B 10 -31.50 14.97 -30.50
CA ASP B 10 -30.58 14.08 -31.21
C ASP B 10 -29.19 14.69 -31.32
N GLN B 11 -29.10 15.92 -31.84
CA GLN B 11 -27.80 16.54 -32.03
C GLN B 11 -27.19 16.92 -30.69
N TYR B 12 -28.04 17.27 -29.72
CA TYR B 12 -27.57 17.48 -28.36
C TYR B 12 -26.88 16.23 -27.81
N ARG B 13 -27.53 15.07 -27.96
CA ARG B 13 -26.90 13.83 -27.50
C ARG B 13 -25.56 13.59 -28.18
N GLN B 14 -25.48 13.81 -29.51
CA GLN B 14 -24.22 13.55 -30.19
C GLN B 14 -23.12 14.47 -29.66
N LEU B 15 -23.42 15.76 -29.48
CA LEU B 15 -22.42 16.70 -28.98
C LEU B 15 -22.03 16.38 -27.54
N CYS B 16 -23.02 16.13 -26.66
CA CYS B 16 -22.72 15.78 -25.29
C CYS B 16 -21.84 14.55 -25.17
N CYS B 17 -21.81 13.69 -26.19
CA CYS B 17 -21.02 12.47 -26.15
C CYS B 17 -19.72 12.56 -26.94
N SER B 18 -19.31 13.76 -27.35
CA SER B 18 -18.14 13.94 -28.20
C SER B 18 -16.89 14.32 -27.43
N SER B 19 -16.93 14.32 -26.06
CA SER B 19 -15.69 14.74 -25.42
C SER B 19 -14.83 13.55 -25.05
N PRO B 20 -13.50 13.73 -25.04
CA PRO B 20 -12.62 12.58 -24.72
C PRO B 20 -12.73 12.13 -23.28
N LYS B 21 -13.05 13.02 -22.36
CA LYS B 21 -13.13 12.62 -20.95
C LYS B 21 -14.45 11.93 -20.63
N PHE B 22 -15.58 12.51 -21.04
CA PHE B 22 -16.88 12.01 -20.60
C PHE B 22 -17.52 11.02 -21.56
N GLY B 23 -16.95 10.82 -22.74
CA GLY B 23 -17.36 9.72 -23.61
C GLY B 23 -18.87 9.67 -23.80
N ASP B 24 -19.45 8.48 -23.60
CA ASP B 24 -20.88 8.28 -23.82
C ASP B 24 -21.70 8.38 -22.54
N ARG B 25 -21.19 9.04 -21.49
CA ARG B 25 -21.89 9.04 -20.21
C ARG B 25 -23.32 9.58 -20.35
N TYR B 26 -23.49 10.64 -21.15
CA TYR B 26 -24.82 11.24 -21.30
C TYR B 26 -25.79 10.26 -21.96
N ALA B 27 -25.29 9.48 -22.94
CA ALA B 27 -26.12 8.49 -23.61
C ALA B 27 -26.61 7.44 -22.61
N LEU B 28 -25.71 6.91 -21.77
CA LEU B 28 -26.14 5.93 -20.78
C LEU B 28 -27.19 6.52 -19.85
N VAL B 29 -26.96 7.75 -19.39
CA VAL B 29 -27.89 8.39 -18.46
C VAL B 29 -29.26 8.53 -19.11
N MET B 30 -29.31 9.13 -20.31
CA MET B 30 -30.60 9.33 -20.95
C MET B 30 -31.26 8.01 -21.32
N ASP B 31 -30.47 7.01 -21.72
CA ASP B 31 -31.03 5.73 -22.13
C ASP B 31 -31.54 4.93 -20.94
N LEU B 32 -30.90 5.05 -19.77
CA LEU B 32 -31.42 4.36 -18.60
C LEU B 32 -32.74 4.99 -18.17
N ILE B 33 -32.82 6.31 -18.20
CA ILE B 33 -34.07 6.99 -17.89
C ILE B 33 -35.15 6.56 -18.87
N ASN B 34 -34.76 6.42 -20.15
CA ASN B 34 -35.71 5.96 -21.16
C ASN B 34 -36.12 4.50 -20.92
N ALA B 35 -35.16 3.64 -20.55
CA ALA B 35 -35.46 2.22 -20.37
C ALA B 35 -36.35 1.98 -19.16
N TYR B 36 -36.29 2.84 -18.17
CA TYR B 36 -37.22 2.77 -17.05
C TYR B 36 -38.54 3.50 -17.35
N LYS B 37 -38.79 3.86 -18.61
CA LYS B 37 -40.06 4.44 -19.05
C LYS B 37 -40.38 5.77 -18.37
N LEU B 38 -39.37 6.54 -17.99
CA LEU B 38 -39.63 7.86 -17.40
C LEU B 38 -39.85 8.93 -18.47
N ILE B 39 -39.37 8.71 -19.69
CA ILE B 39 -39.43 9.76 -20.72
C ILE B 39 -40.84 10.25 -20.99
N PRO B 40 -41.89 9.39 -21.07
CA PRO B 40 -43.24 9.92 -21.30
C PRO B 40 -43.80 10.76 -20.14
N GLU B 41 -43.17 10.73 -18.96
CA GLU B 41 -43.61 11.59 -17.86
C GLU B 41 -43.02 12.98 -17.90
N LEU B 42 -42.05 13.23 -18.78
CA LEU B 42 -41.26 14.44 -18.80
C LEU B 42 -41.52 15.23 -20.08
N SER B 43 -41.43 16.54 -19.97
CA SER B 43 -41.53 17.43 -21.12
CA SER B 43 -41.53 17.44 -21.13
C SER B 43 -40.13 17.67 -21.66
N ARG B 44 -39.92 17.34 -22.94
CA ARG B 44 -38.61 17.57 -23.52
C ARG B 44 -38.36 19.08 -23.66
N VAL B 45 -37.22 19.54 -23.17
CA VAL B 45 -36.83 20.94 -23.31
C VAL B 45 -35.75 21.01 -24.38
N PRO B 46 -36.01 21.63 -25.53
CA PRO B 46 -35.02 21.61 -26.61
C PRO B 46 -33.91 22.61 -26.33
N PRO B 47 -32.65 22.25 -26.58
CA PRO B 47 -31.55 23.21 -26.42
C PRO B 47 -31.80 24.49 -27.21
N LEU B 48 -31.27 25.59 -26.70
CA LEU B 48 -31.51 26.89 -27.30
C LEU B 48 -30.64 27.04 -28.53
N GLN B 49 -31.23 27.57 -29.60
CA GLN B 49 -30.47 27.93 -30.79
C GLN B 49 -30.69 29.40 -31.12
N TRP B 50 -29.81 29.95 -31.95
CA TRP B 50 -29.82 31.40 -32.20
C TRP B 50 -30.01 31.68 -33.67
N ASP B 51 -30.37 32.93 -33.97
CA ASP B 51 -30.57 33.37 -35.34
C ASP B 51 -29.32 34.02 -35.95
N SER B 52 -28.20 34.03 -35.24
CA SER B 52 -26.99 34.56 -35.86
C SER B 52 -25.79 34.18 -34.99
N PRO B 53 -24.58 34.14 -35.58
CA PRO B 53 -23.38 34.02 -34.76
C PRO B 53 -23.24 35.15 -33.76
N SER B 54 -23.59 36.39 -34.14
CA SER B 54 -23.50 37.53 -33.23
C SER B 54 -24.36 37.30 -31.99
N ARG B 55 -25.55 36.74 -32.16
CA ARG B 55 -26.37 36.57 -30.97
C ARG B 55 -25.92 35.40 -30.11
N MET B 56 -25.39 34.32 -30.70
CA MET B 56 -24.76 33.29 -29.85
C MET B 56 -23.59 33.88 -29.07
N TYR B 57 -22.74 34.65 -29.76
CA TYR B 57 -21.56 35.23 -29.15
C TYR B 57 -21.91 36.18 -28.02
N GLU B 58 -22.97 36.98 -28.21
CA GLU B 58 -23.42 37.88 -27.16
C GLU B 58 -23.94 37.09 -25.96
N ALA B 59 -24.61 35.97 -26.22
CA ALA B 59 -25.10 35.13 -25.12
C ALA B 59 -23.93 34.60 -24.29
N VAL B 60 -22.88 34.11 -24.97
CA VAL B 60 -21.77 33.48 -24.25
C VAL B 60 -20.93 34.53 -23.51
N THR B 61 -20.78 35.73 -24.12
CA THR B 61 -19.99 36.79 -23.48
C THR B 61 -20.79 37.59 -22.47
N ALA B 62 -21.98 37.12 -22.06
CA ALA B 62 -22.59 37.69 -20.86
C ALA B 62 -21.78 37.36 -19.61
N PHE B 63 -21.00 36.27 -19.65
CA PHE B 63 -20.01 35.94 -18.64
C PHE B 63 -18.60 35.89 -19.19
N HIS B 64 -18.35 35.20 -20.29
CA HIS B 64 -16.98 34.95 -20.71
C HIS B 64 -16.43 36.12 -21.53
N SER B 65 -15.11 36.29 -21.50
CA SER B 65 -14.48 37.36 -22.25
C SER B 65 -14.50 37.06 -23.74
N THR B 66 -14.59 38.14 -24.53
CA THR B 66 -14.49 38.03 -25.99
C THR B 66 -13.22 37.29 -26.40
N GLU B 67 -12.09 37.62 -25.77
CA GLU B 67 -10.83 36.98 -26.16
C GLU B 67 -10.83 35.49 -25.82
N TYR B 68 -11.45 35.09 -24.70
CA TYR B 68 -11.49 33.67 -24.37
C TYR B 68 -12.38 32.90 -25.33
N VAL B 69 -13.56 33.43 -25.64
CA VAL B 69 -14.46 32.79 -26.60
C VAL B 69 -13.79 32.68 -27.96
N ASP B 70 -13.11 33.76 -28.39
CA ASP B 70 -12.38 33.74 -29.66
C ASP B 70 -11.38 32.60 -29.72
N ALA B 71 -10.57 32.45 -28.66
CA ALA B 71 -9.55 31.41 -28.60
C ALA B 71 -10.16 30.01 -28.63
N LEU B 72 -11.26 29.80 -27.90
CA LEU B 72 -11.88 28.48 -27.88
C LEU B 72 -12.44 28.13 -29.26
N LYS B 73 -12.97 29.13 -29.96
CA LYS B 73 -13.38 28.98 -31.36
C LYS B 73 -12.20 28.58 -32.24
N LYS B 74 -11.07 29.27 -32.08
CA LYS B 74 -9.89 28.94 -32.87
C LYS B 74 -9.40 27.53 -32.55
N LEU B 75 -9.50 27.12 -31.27
CA LEU B 75 -9.00 25.80 -30.89
C LEU B 75 -9.75 24.70 -31.63
N GLN B 76 -11.06 24.81 -31.71
CA GLN B 76 -11.83 23.82 -32.46
C GLN B 76 -11.40 23.79 -33.92
N MET B 77 -11.39 24.96 -34.57
CA MET B 77 -10.94 25.05 -35.96
C MET B 77 -9.58 24.39 -36.16
N LEU B 78 -8.64 24.66 -35.26
CA LEU B 78 -7.29 24.09 -35.38
C LEU B 78 -7.31 22.56 -35.31
N HIS B 79 -8.10 21.98 -34.41
CA HIS B 79 -8.08 20.52 -34.29
C HIS B 79 -8.82 19.84 -35.43
N CYS B 80 -9.59 20.58 -36.22
CA CYS B 80 -10.24 20.06 -37.42
C CYS B 80 -9.36 20.14 -38.66
N GLU B 81 -8.05 20.31 -38.48
CA GLU B 81 -7.12 20.39 -39.60
C GLU B 81 -5.87 19.57 -39.31
N GLU B 84 0.10 20.75 -37.67
CA GLU B 84 0.17 20.99 -36.24
C GLU B 84 0.03 22.48 -35.94
N LEU B 85 -0.03 22.79 -34.65
CA LEU B 85 -0.33 24.12 -34.17
C LEU B 85 0.96 24.91 -33.99
N THR B 86 0.94 26.19 -34.38
CA THR B 86 2.18 26.98 -34.39
C THR B 86 2.58 27.41 -32.97
N ALA B 87 3.86 27.76 -32.84
CA ALA B 87 4.37 28.15 -31.53
C ALA B 87 3.61 29.35 -30.96
N ASP B 88 3.10 30.24 -31.82
CA ASP B 88 2.33 31.35 -31.28
C ASP B 88 0.90 30.93 -30.93
N ASP B 89 0.29 30.03 -31.70
CA ASP B 89 -1.03 29.57 -31.29
C ASP B 89 -0.98 28.76 -29.99
N GLU B 90 0.12 28.03 -29.75
CA GLU B 90 0.27 27.29 -28.49
C GLU B 90 0.25 28.26 -27.31
N LEU B 91 1.07 29.30 -27.39
CA LEU B 91 1.09 30.30 -26.33
C LEU B 91 -0.28 30.93 -26.15
N LEU B 92 -1.00 31.15 -27.24
CA LEU B 92 -2.37 31.66 -27.14
C LEU B 92 -3.24 30.72 -26.30
N MET B 93 -3.23 29.42 -26.66
CA MET B 93 -4.05 28.45 -25.93
C MET B 93 -3.61 28.33 -24.47
N ASP B 94 -2.29 28.28 -24.23
CA ASP B 94 -1.79 28.20 -22.86
C ASP B 94 -2.26 29.37 -22.01
N SER B 95 -2.38 30.55 -22.61
CA SER B 95 -2.82 31.72 -21.85
C SER B 95 -4.27 31.60 -21.36
N PHE B 96 -5.06 30.68 -21.93
CA PHE B 96 -6.44 30.49 -21.48
C PHE B 96 -6.64 29.14 -20.80
N SER B 97 -5.54 28.47 -20.44
CA SER B 97 -5.58 27.13 -19.84
C SER B 97 -6.29 26.13 -20.76
N LEU B 98 -6.13 26.31 -22.06
CA LEU B 98 -6.71 25.38 -23.02
C LEU B 98 -5.70 24.28 -23.35
N ASN B 99 -5.38 23.52 -22.31
CA ASN B 99 -4.34 22.49 -22.33
C ASN B 99 -4.54 21.62 -21.08
N TYR B 100 -3.60 20.70 -20.84
CA TYR B 100 -3.64 19.75 -19.71
C TYR B 100 -5.01 19.08 -19.62
N ASP B 101 -5.77 19.35 -18.55
CA ASP B 101 -7.06 18.68 -18.37
C ASP B 101 -8.17 19.23 -19.25
N CYS B 102 -7.95 20.37 -19.90
CA CYS B 102 -8.91 20.96 -20.83
C CYS B 102 -8.30 21.06 -22.23
N PRO B 103 -7.93 19.93 -22.82
CA PRO B 103 -7.27 19.98 -24.14
C PRO B 103 -8.26 20.31 -25.25
N GLY B 104 -7.70 20.56 -26.44
CA GLY B 104 -8.53 20.67 -27.61
C GLY B 104 -8.93 19.32 -28.18
N PHE B 105 -10.02 19.33 -28.92
CA PHE B 105 -10.42 18.20 -29.75
C PHE B 105 -11.31 18.74 -30.85
N PRO B 106 -11.61 17.93 -31.88
CA PRO B 106 -12.33 18.50 -33.05
C PRO B 106 -13.66 19.20 -32.75
N SER B 107 -14.34 18.84 -31.65
CA SER B 107 -15.64 19.43 -31.36
C SER B 107 -15.64 20.24 -30.07
N VAL B 108 -14.49 20.73 -29.63
CA VAL B 108 -14.37 21.29 -28.28
C VAL B 108 -15.31 22.48 -28.10
N PHE B 109 -15.47 23.31 -29.14
CA PHE B 109 -16.37 24.45 -28.98
C PHE B 109 -17.83 24.03 -29.06
N ASP B 110 -18.18 23.20 -30.06
CA ASP B 110 -19.56 22.72 -30.18
C ASP B 110 -19.99 21.96 -28.93
N TYR B 111 -19.09 21.15 -28.38
CA TYR B 111 -19.34 20.40 -27.17
C TYR B 111 -19.62 21.33 -26.00
N SER B 112 -18.78 22.36 -25.85
CA SER B 112 -18.87 23.29 -24.73
C SER B 112 -20.11 24.17 -24.85
N LEU B 113 -20.39 24.64 -26.06
CA LEU B 113 -21.56 25.47 -26.29
C LEU B 113 -22.84 24.69 -26.06
N ALA B 114 -22.86 23.40 -26.42
CA ALA B 114 -24.06 22.60 -26.24
C ALA B 114 -24.61 22.70 -24.81
N ALA B 115 -23.76 22.47 -23.80
CA ALA B 115 -24.24 22.54 -22.43
C ALA B 115 -24.87 23.90 -22.12
N VAL B 116 -24.31 24.97 -22.69
CA VAL B 116 -24.89 26.29 -22.52
C VAL B 116 -26.28 26.34 -23.11
N GLN B 117 -26.42 25.81 -24.34
CA GLN B 117 -27.70 25.82 -25.01
C GLN B 117 -28.76 25.10 -24.20
N GLY B 118 -28.40 23.97 -23.58
CA GLY B 118 -29.37 23.23 -22.78
C GLY B 118 -29.79 23.98 -21.53
N SER B 119 -28.81 24.54 -20.81
CA SER B 119 -29.12 25.18 -19.53
C SER B 119 -29.82 26.53 -19.72
N LEU B 120 -29.52 27.26 -20.81
CA LEU B 120 -30.26 28.51 -21.05
C LEU B 120 -31.70 28.20 -21.40
N ALA B 121 -31.91 27.16 -22.20
CA ALA B 121 -33.27 26.70 -22.47
C ALA B 121 -33.96 26.29 -21.18
N ALA B 122 -33.27 25.51 -20.35
CA ALA B 122 -33.87 25.09 -19.08
C ALA B 122 -34.27 26.30 -18.25
N ALA B 123 -33.38 27.29 -18.17
CA ALA B 123 -33.72 28.51 -17.44
C ALA B 123 -34.95 29.19 -18.05
N SER B 124 -35.04 29.26 -19.38
CA SER B 124 -36.16 29.96 -20.00
C SER B 124 -37.49 29.25 -19.75
N ALA B 125 -37.49 27.91 -19.72
CA ALA B 125 -38.70 27.17 -19.40
C ALA B 125 -39.18 27.43 -17.97
N LEU B 126 -38.25 27.69 -17.03
CA LEU B 126 -38.68 28.04 -15.67
C LEU B 126 -39.28 29.44 -15.64
N ILE B 127 -38.68 30.39 -16.37
CA ILE B 127 -39.14 31.78 -16.34
C ILE B 127 -40.56 31.90 -16.84
N CYS B 128 -40.86 31.26 -17.96
CA CYS B 128 -42.20 31.35 -18.54
C CYS B 128 -43.20 30.40 -17.88
N ARG B 129 -42.79 29.69 -16.83
CA ARG B 129 -43.65 28.81 -16.04
C ARG B 129 -44.12 27.59 -16.83
N HIS B 130 -43.43 27.22 -17.92
CA HIS B 130 -43.77 25.99 -18.63
C HIS B 130 -43.44 24.76 -17.79
N CYS B 131 -42.42 24.85 -16.95
CA CYS B 131 -42.01 23.76 -16.08
C CYS B 131 -41.77 24.30 -14.70
N GLU B 132 -42.14 23.50 -13.68
CA GLU B 132 -41.79 23.84 -12.31
C GLU B 132 -40.35 23.49 -12.02
N VAL B 133 -39.81 22.48 -12.71
CA VAL B 133 -38.48 21.94 -12.52
C VAL B 133 -37.97 21.51 -13.89
N VAL B 134 -36.69 21.77 -14.16
CA VAL B 134 -36.08 21.29 -15.39
C VAL B 134 -34.75 20.62 -15.08
N ILE B 135 -34.55 19.46 -15.68
CA ILE B 135 -33.35 18.64 -15.51
C ILE B 135 -32.48 18.82 -16.74
N ASN B 136 -31.19 19.07 -16.54
CA ASN B 136 -30.22 19.00 -17.65
C ASN B 136 -29.02 18.16 -17.25
N TRP B 137 -29.01 16.89 -17.62
CA TRP B 137 -27.88 16.04 -17.29
C TRP B 137 -26.70 16.24 -18.24
N GLY B 138 -26.84 17.08 -19.26
CA GLY B 138 -25.70 17.47 -20.06
C GLY B 138 -25.01 18.76 -19.62
N GLY B 139 -25.44 19.35 -18.51
CA GLY B 139 -24.83 20.58 -18.02
C GLY B 139 -24.29 20.39 -16.62
N GLY B 140 -23.85 21.48 -16.01
CA GLY B 140 -23.26 21.45 -14.68
C GLY B 140 -21.78 21.79 -14.58
N TRP B 141 -21.22 22.46 -15.59
CA TRP B 141 -19.77 22.68 -15.64
C TRP B 141 -19.41 23.91 -14.79
N HIS B 142 -19.14 23.66 -13.51
CA HIS B 142 -19.05 24.71 -12.51
C HIS B 142 -17.66 25.30 -12.36
N HIS B 143 -16.64 24.76 -13.04
CA HIS B 143 -15.27 25.20 -12.82
C HIS B 143 -14.78 26.24 -13.81
N ALA B 144 -15.45 26.45 -14.93
CA ALA B 144 -14.90 27.35 -15.94
C ALA B 144 -15.04 28.80 -15.51
N LYS B 145 -13.98 29.58 -15.73
CA LYS B 145 -13.92 30.99 -15.35
C LYS B 145 -14.14 31.90 -16.55
N ARG B 146 -14.24 33.21 -16.28
CA ARG B 146 -14.59 34.14 -17.36
C ARG B 146 -13.59 34.08 -18.51
N SER B 147 -12.31 33.80 -18.23
CA SER B 147 -11.29 33.75 -19.28
C SER B 147 -10.37 32.55 -19.11
N GLU B 148 -10.90 31.40 -18.67
CA GLU B 148 -10.02 30.29 -18.35
C GLU B 148 -10.79 28.99 -18.25
N ALA B 149 -10.36 27.98 -19.01
CA ALA B 149 -10.89 26.62 -18.88
C ALA B 149 -10.30 25.96 -17.63
N SER B 150 -11.06 25.07 -17.01
CA SER B 150 -10.61 24.49 -15.75
C SER B 150 -11.39 23.23 -15.43
N GLY B 151 -10.67 22.19 -15.01
CA GLY B 151 -11.28 20.97 -14.51
C GLY B 151 -12.29 20.35 -15.47
N PHE B 152 -11.90 20.22 -16.73
CA PHE B 152 -12.70 19.69 -17.83
C PHE B 152 -13.84 20.60 -18.25
N CYS B 153 -13.93 21.82 -17.71
CA CYS B 153 -15.00 22.75 -18.03
C CYS B 153 -14.43 23.88 -18.91
N TYR B 154 -15.15 24.19 -19.98
CA TYR B 154 -14.67 25.19 -20.94
C TYR B 154 -15.53 26.45 -20.94
N LEU B 155 -16.84 26.28 -20.77
CA LEU B 155 -17.82 27.35 -20.72
C LEU B 155 -18.72 27.10 -19.53
N ASN B 156 -19.03 28.13 -18.76
CA ASN B 156 -19.75 27.90 -17.51
C ASN B 156 -21.26 28.05 -17.77
N ASP B 157 -21.91 26.93 -18.13
CA ASP B 157 -23.35 26.96 -18.42
C ASP B 157 -24.15 27.36 -17.19
N ILE B 158 -23.64 27.06 -16.01
CA ILE B 158 -24.37 27.36 -14.78
C ILE B 158 -24.45 28.86 -14.56
N VAL B 159 -23.32 29.55 -14.71
CA VAL B 159 -23.29 31.00 -14.55
C VAL B 159 -24.25 31.65 -15.53
N LEU B 160 -24.26 31.17 -16.79
CA LEU B 160 -25.11 31.82 -17.78
C LEU B 160 -26.59 31.57 -17.50
N ALA B 161 -26.94 30.35 -17.07
CA ALA B 161 -28.33 30.05 -16.74
C ALA B 161 -28.80 30.86 -15.53
N ILE B 162 -27.96 30.94 -14.50
CA ILE B 162 -28.28 31.76 -13.33
C ILE B 162 -28.46 33.21 -13.74
N HIS B 163 -27.58 33.71 -14.61
CA HIS B 163 -27.69 35.10 -15.03
C HIS B 163 -29.03 35.37 -15.72
N ARG B 164 -29.49 34.43 -16.55
CA ARG B 164 -30.80 34.61 -17.18
C ARG B 164 -31.92 34.62 -16.14
N LEU B 165 -31.82 33.78 -15.12
CA LEU B 165 -32.88 33.72 -14.11
C LEU B 165 -32.93 35.01 -13.30
N VAL B 166 -31.75 35.47 -12.85
CA VAL B 166 -31.71 36.54 -11.86
C VAL B 166 -32.02 37.88 -12.49
N SER B 167 -31.97 37.98 -13.82
CA SER B 167 -32.34 39.20 -14.52
C SER B 167 -33.71 39.10 -15.19
N SER B 168 -34.50 38.09 -14.86
CA SER B 168 -35.89 38.02 -15.29
C SER B 168 -36.78 38.77 -14.31
N THR B 169 -38.00 39.06 -14.74
CA THR B 169 -38.94 39.74 -13.87
C THR B 169 -40.02 38.79 -13.38
N GLN B 178 -35.27 42.21 -6.08
CA GLN B 178 -36.28 41.37 -5.48
C GLN B 178 -36.12 39.90 -5.88
N THR B 179 -35.74 39.65 -7.12
CA THR B 179 -35.57 38.26 -7.58
C THR B 179 -34.19 37.77 -7.15
N ARG B 180 -34.18 36.67 -6.41
CA ARG B 180 -32.96 36.09 -5.85
C ARG B 180 -32.87 34.63 -6.25
N VAL B 181 -31.65 34.15 -6.48
CA VAL B 181 -31.42 32.75 -6.85
C VAL B 181 -30.53 32.11 -5.80
N LEU B 182 -30.90 30.91 -5.35
CA LEU B 182 -30.08 30.11 -4.47
C LEU B 182 -29.41 29.00 -5.28
N TYR B 183 -28.07 29.01 -5.30
CA TYR B 183 -27.27 27.98 -5.99
C TYR B 183 -26.73 26.99 -4.98
N VAL B 184 -26.97 25.70 -5.23
CA VAL B 184 -26.60 24.61 -4.31
C VAL B 184 -25.73 23.63 -5.09
N ASP B 185 -24.50 23.40 -4.61
CA ASP B 185 -23.51 22.61 -5.36
C ASP B 185 -23.15 21.35 -4.57
N LEU B 186 -23.72 20.20 -4.97
CA LEU B 186 -23.51 18.96 -4.24
C LEU B 186 -22.34 18.15 -4.77
N ASP B 187 -21.62 18.67 -5.77
CA ASP B 187 -20.50 17.96 -6.36
C ASP B 187 -19.43 17.71 -5.30
N LEU B 188 -18.64 16.65 -5.52
CA LEU B 188 -17.49 16.38 -4.66
C LEU B 188 -16.55 17.57 -4.57
N HIS B 189 -16.47 18.39 -5.62
CA HIS B 189 -15.52 19.48 -5.72
C HIS B 189 -16.18 20.82 -5.45
N HIS B 190 -15.39 21.74 -4.89
CA HIS B 190 -15.84 23.11 -4.67
C HIS B 190 -16.27 23.80 -5.97
N GLY B 191 -17.50 24.34 -5.97
CA GLY B 191 -17.99 25.06 -7.14
C GLY B 191 -17.35 26.43 -7.32
N ASP B 192 -16.03 26.44 -7.59
CA ASP B 192 -15.28 27.69 -7.55
C ASP B 192 -15.71 28.67 -8.66
N GLY B 193 -16.08 28.18 -9.84
CA GLY B 193 -16.32 29.09 -10.95
C GLY B 193 -17.62 29.84 -10.81
N VAL B 194 -18.66 29.15 -10.33
CA VAL B 194 -19.92 29.82 -10.02
C VAL B 194 -19.74 30.78 -8.86
N GLU B 195 -19.03 30.34 -7.81
CA GLU B 195 -18.80 31.22 -6.65
C GLU B 195 -18.08 32.50 -7.06
N GLU B 196 -17.07 32.38 -7.92
CA GLU B 196 -16.29 33.54 -8.32
C GLU B 196 -17.10 34.52 -9.18
N ALA B 197 -18.00 33.98 -10.02
CA ALA B 197 -18.78 34.83 -10.91
C ALA B 197 -19.74 35.73 -10.15
N PHE B 198 -20.28 35.28 -9.02
CA PHE B 198 -21.27 36.06 -8.27
C PHE B 198 -20.71 36.54 -6.93
N TRP B 199 -19.38 36.64 -6.81
CA TRP B 199 -18.72 37.00 -5.55
C TRP B 199 -19.14 38.39 -5.07
N TYR B 200 -19.43 39.31 -6.00
CA TYR B 200 -19.84 40.66 -5.67
C TYR B 200 -21.34 40.89 -5.76
N SER B 201 -22.14 39.83 -5.92
CA SER B 201 -23.57 39.99 -6.17
CA SER B 201 -23.56 40.00 -6.18
C SER B 201 -24.39 39.36 -5.06
N PRO B 202 -25.14 40.15 -4.29
CA PRO B 202 -25.97 39.57 -3.23
C PRO B 202 -27.20 38.81 -3.73
N ARG B 203 -27.62 38.99 -4.99
CA ARG B 203 -28.85 38.35 -5.42
C ARG B 203 -28.66 36.91 -5.91
N VAL B 204 -27.44 36.42 -5.96
CA VAL B 204 -27.17 35.00 -6.18
C VAL B 204 -26.39 34.51 -4.97
N VAL B 205 -27.04 33.76 -4.10
CA VAL B 205 -26.38 33.15 -2.95
C VAL B 205 -25.91 31.75 -3.37
N THR B 206 -24.61 31.51 -3.24
CA THR B 206 -24.00 30.26 -3.65
C THR B 206 -23.68 29.43 -2.41
N PHE B 207 -23.97 28.14 -2.45
CA PHE B 207 -23.62 27.27 -1.32
C PHE B 207 -23.05 25.98 -1.88
N SER B 208 -21.79 25.68 -1.56
CA SER B 208 -21.16 24.44 -2.01
C SER B 208 -20.70 23.58 -0.83
N VAL B 209 -21.09 22.27 -0.85
CA VAL B 209 -20.54 21.25 0.04
C VAL B 209 -19.60 20.39 -0.78
N HIS B 210 -18.48 19.95 -0.18
CA HIS B 210 -17.44 19.35 -1.01
C HIS B 210 -16.36 18.80 -0.10
N HIS B 211 -15.48 17.99 -0.70
CA HIS B 211 -14.19 17.72 -0.08
C HIS B 211 -13.21 18.85 -0.32
N ALA B 212 -12.45 19.19 0.72
CA ALA B 212 -11.28 20.03 0.57
C ALA B 212 -10.17 19.48 1.46
N SER B 213 -8.95 19.49 0.93
CA SER B 213 -7.75 19.03 1.62
C SER B 213 -6.53 19.49 0.81
N PRO B 214 -5.34 19.47 1.39
CA PRO B 214 -4.18 20.07 0.69
C PRO B 214 -3.77 19.30 -0.56
N GLY B 215 -3.65 20.03 -1.68
CA GLY B 215 -3.40 19.44 -2.98
C GLY B 215 -4.63 18.99 -3.75
N PHE B 216 -5.81 18.99 -3.14
CA PHE B 216 -7.03 18.48 -3.77
C PHE B 216 -7.69 19.59 -4.58
N PHE B 217 -8.00 19.31 -5.85
CA PHE B 217 -8.63 20.27 -6.77
C PHE B 217 -10.00 20.76 -6.31
N PRO B 218 -10.28 22.05 -6.49
CA PRO B 218 -9.41 23.08 -7.06
C PRO B 218 -8.69 23.91 -5.99
N GLY B 219 -8.81 23.53 -4.72
CA GLY B 219 -8.09 24.15 -3.64
C GLY B 219 -8.88 25.15 -2.82
N THR B 220 -9.98 25.66 -3.34
CA THR B 220 -10.76 26.70 -2.71
C THR B 220 -11.91 26.09 -1.91
N GLY B 221 -12.75 26.96 -1.34
CA GLY B 221 -13.90 26.52 -0.57
C GLY B 221 -13.62 26.13 0.86
N THR B 222 -12.54 26.62 1.46
CA THR B 222 -12.13 26.20 2.80
C THR B 222 -11.39 27.35 3.48
N TRP B 223 -10.77 27.06 4.62
CA TRP B 223 -10.13 28.10 5.42
C TRP B 223 -9.02 28.80 4.65
N ASN B 224 -8.90 30.11 4.87
CA ASN B 224 -7.85 30.94 4.28
C ASN B 224 -6.84 31.29 5.37
N MET B 225 -5.58 30.95 5.15
CA MET B 225 -4.53 31.16 6.15
C MET B 225 -3.50 32.19 5.71
N LEU B 231 -5.47 33.75 13.05
CA LEU B 231 -6.36 32.61 12.89
C LEU B 231 -7.06 32.62 11.52
N PRO B 232 -7.21 31.44 10.92
CA PRO B 232 -7.78 31.38 9.57
C PRO B 232 -9.26 31.76 9.55
N ILE B 233 -9.69 32.28 8.39
CA ILE B 233 -11.06 32.75 8.22
C ILE B 233 -11.59 32.21 6.89
N PHE B 234 -12.91 32.15 6.79
CA PHE B 234 -13.58 31.84 5.53
C PHE B 234 -13.87 33.14 4.80
N LEU B 235 -13.34 33.28 3.59
CA LEU B 235 -13.83 34.34 2.72
C LEU B 235 -15.23 33.96 2.24
N ASN B 236 -16.08 34.98 2.01
CA ASN B 236 -17.51 34.73 1.78
C ASN B 236 -18.17 35.75 0.85
N GLY B 237 -17.40 36.35 -0.05
CA GLY B 237 -17.90 37.37 -0.94
C GLY B 237 -17.40 38.75 -0.56
N ALA B 238 -17.62 39.70 -1.47
CA ALA B 238 -17.04 41.01 -1.27
C ALA B 238 -18.00 42.10 -1.76
N GLY B 239 -17.78 43.31 -1.24
CA GLY B 239 -18.60 44.44 -1.65
C GLY B 239 -20.03 44.24 -1.25
N ARG B 240 -20.94 44.51 -2.17
CA ARG B 240 -22.34 44.17 -1.97
C ARG B 240 -22.57 42.68 -1.79
N GLY B 241 -21.62 41.85 -2.24
CA GLY B 241 -21.71 40.42 -2.10
C GLY B 241 -21.09 39.85 -0.85
N ARG B 242 -20.67 40.69 0.11
CA ARG B 242 -20.16 40.15 1.36
C ARG B 242 -21.19 39.21 1.99
N PHE B 243 -20.71 38.11 2.56
CA PHE B 243 -21.52 37.08 3.22
C PHE B 243 -22.40 36.28 2.26
N SER B 244 -22.22 36.42 0.95
CA SER B 244 -23.15 35.78 0.01
C SER B 244 -22.64 34.47 -0.59
N ALA B 245 -21.42 34.06 -0.25
CA ALA B 245 -20.82 32.82 -0.76
C ALA B 245 -20.59 31.89 0.42
N PHE B 246 -21.30 30.77 0.43
CA PHE B 246 -21.27 29.81 1.54
C PHE B 246 -20.53 28.54 1.11
N ASN B 247 -19.77 27.96 2.03
CA ASN B 247 -18.96 26.77 1.77
C ASN B 247 -18.97 25.86 2.98
N LEU B 248 -19.06 24.56 2.75
CA LEU B 248 -18.99 23.56 3.83
C LEU B 248 -18.03 22.47 3.38
N PRO B 249 -16.75 22.59 3.70
CA PRO B 249 -15.79 21.54 3.35
C PRO B 249 -15.83 20.38 4.34
N LEU B 250 -15.83 19.15 3.81
CA LEU B 250 -15.93 17.97 4.65
C LEU B 250 -14.74 17.04 4.41
N GLU B 251 -14.36 16.32 5.48
CA GLU B 251 -13.29 15.33 5.38
C GLU B 251 -13.74 14.12 4.57
N GLU B 252 -12.77 13.35 4.06
CA GLU B 252 -13.12 12.19 3.26
C GLU B 252 -13.81 11.13 4.11
N GLY B 253 -14.60 10.30 3.44
CA GLY B 253 -15.15 9.10 4.04
C GLY B 253 -16.59 9.21 4.49
N ILE B 254 -17.21 10.37 4.31
CA ILE B 254 -18.54 10.61 4.88
C ILE B 254 -19.58 9.74 4.17
N ASN B 255 -20.58 9.28 4.93
CA ASN B 255 -21.64 8.41 4.42
C ASN B 255 -22.92 9.23 4.18
N ASP B 256 -23.96 8.54 3.70
CA ASP B 256 -25.21 9.21 3.34
C ASP B 256 -25.80 9.97 4.53
N LEU B 257 -25.85 9.33 5.70
CA LEU B 257 -26.57 9.92 6.83
C LEU B 257 -25.86 11.15 7.35
N ASP B 258 -24.53 11.08 7.46
CA ASP B 258 -23.79 12.21 8.01
C ASP B 258 -23.73 13.35 7.03
N TRP B 259 -23.72 13.07 5.73
CA TRP B 259 -23.78 14.13 4.73
C TRP B 259 -25.16 14.77 4.72
N SER B 260 -26.22 13.95 4.79
CA SER B 260 -27.59 14.46 4.84
C SER B 260 -27.80 15.33 6.07
N ASN B 261 -27.35 14.87 7.23
CA ASN B 261 -27.46 15.68 8.44
C ASN B 261 -26.56 16.92 8.39
N ALA B 262 -25.49 16.86 7.62
CA ALA B 262 -24.61 18.02 7.46
C ALA B 262 -25.31 19.15 6.71
N ILE B 263 -25.97 18.85 5.59
CA ILE B 263 -26.49 19.93 4.77
C ILE B 263 -27.99 20.19 4.94
N GLY B 264 -28.75 19.22 5.45
CA GLY B 264 -30.18 19.38 5.61
C GLY B 264 -30.62 20.65 6.30
N PRO B 265 -30.11 20.90 7.51
CA PRO B 265 -30.49 22.14 8.22
C PRO B 265 -29.99 23.41 7.55
N ILE B 266 -28.78 23.37 6.97
CA ILE B 266 -28.26 24.55 6.29
C ILE B 266 -29.14 24.91 5.09
N LEU B 267 -29.58 23.89 4.33
CA LEU B 267 -30.43 24.13 3.16
C LEU B 267 -31.76 24.74 3.54
N ASP B 268 -32.40 24.21 4.59
CA ASP B 268 -33.68 24.73 5.03
C ASP B 268 -33.55 26.17 5.55
N SER B 269 -32.44 26.45 6.23
CA SER B 269 -32.23 27.79 6.77
C SER B 269 -31.97 28.78 5.64
N LEU B 270 -31.18 28.38 4.66
CA LEU B 270 -30.97 29.22 3.49
C LEU B 270 -32.29 29.56 2.82
N ASN B 271 -33.18 28.56 2.66
CA ASN B 271 -34.47 28.83 2.03
C ASN B 271 -35.31 29.76 2.89
N ILE B 272 -35.32 29.55 4.20
CA ILE B 272 -36.15 30.38 5.07
C ILE B 272 -35.72 31.84 5.00
N VAL B 273 -34.42 32.08 5.04
CA VAL B 273 -33.92 33.44 5.14
C VAL B 273 -33.85 34.09 3.76
N ILE B 274 -33.30 33.40 2.77
CA ILE B 274 -33.09 34.06 1.48
C ILE B 274 -34.40 34.16 0.70
N GLN B 275 -35.31 33.21 0.89
CA GLN B 275 -36.57 33.16 0.15
C GLN B 275 -36.35 33.27 -1.36
N PRO B 276 -35.54 32.39 -1.93
CA PRO B 276 -35.16 32.53 -3.35
C PRO B 276 -36.31 32.35 -4.32
N SER B 277 -36.19 33.01 -5.47
CA SER B 277 -37.23 32.89 -6.49
C SER B 277 -37.02 31.64 -7.33
N TYR B 278 -35.77 31.21 -7.44
CA TYR B 278 -35.36 30.01 -8.19
C TYR B 278 -34.25 29.35 -7.40
N VAL B 279 -34.14 28.04 -7.54
CA VAL B 279 -33.04 27.27 -6.97
C VAL B 279 -32.32 26.59 -8.14
N VAL B 280 -30.99 26.60 -8.12
CA VAL B 280 -30.19 25.89 -9.13
C VAL B 280 -29.31 24.89 -8.40
N VAL B 281 -29.44 23.62 -8.75
CA VAL B 281 -28.80 22.52 -8.05
C VAL B 281 -27.84 21.83 -9.00
N GLN B 282 -26.54 21.85 -8.68
CA GLN B 282 -25.56 21.04 -9.40
C GLN B 282 -25.46 19.71 -8.67
N CYS B 283 -25.76 18.61 -9.37
CA CYS B 283 -25.89 17.31 -8.73
CA CYS B 283 -25.89 17.30 -8.74
C CYS B 283 -24.82 16.35 -9.23
N GLY B 284 -23.57 16.80 -9.25
CA GLY B 284 -22.48 15.93 -9.71
C GLY B 284 -22.35 14.70 -8.83
N ALA B 285 -22.12 13.56 -9.49
CA ALA B 285 -22.27 12.23 -8.91
C ALA B 285 -20.96 11.67 -8.41
N ASP B 286 -19.90 12.46 -8.36
CA ASP B 286 -18.62 11.93 -7.94
C ASP B 286 -18.47 11.81 -6.43
N CYS B 287 -19.53 12.09 -5.66
CA CYS B 287 -19.49 11.75 -4.24
C CYS B 287 -19.84 10.29 -3.97
N LEU B 288 -20.24 9.53 -4.98
CA LEU B 288 -20.65 8.14 -4.75
C LEU B 288 -19.48 7.29 -4.31
N ALA B 289 -19.76 6.32 -3.44
CA ALA B 289 -18.71 5.47 -2.89
C ALA B 289 -17.96 4.69 -3.96
N THR B 290 -18.62 4.39 -5.08
CA THR B 290 -18.05 3.64 -6.17
C THR B 290 -17.45 4.55 -7.23
N ASP B 291 -17.48 5.86 -7.05
CA ASP B 291 -16.76 6.72 -7.99
C ASP B 291 -15.26 6.41 -7.93
N PRO B 292 -14.56 6.47 -9.05
CA PRO B 292 -13.11 6.23 -8.99
C PRO B 292 -12.38 7.28 -8.17
N MET B 293 -12.97 8.48 -7.97
CA MET B 293 -12.41 9.44 -7.02
C MET B 293 -12.19 8.81 -5.65
N ARG B 294 -13.13 7.99 -5.19
CA ARG B 294 -13.06 7.27 -3.91
C ARG B 294 -12.80 8.22 -2.73
N ILE B 295 -13.65 9.22 -2.57
CA ILE B 295 -13.50 10.21 -1.49
C ILE B 295 -14.65 10.15 -0.49
N PHE B 296 -15.88 10.40 -0.94
CA PHE B 296 -17.04 10.22 -0.09
C PHE B 296 -17.65 8.82 -0.32
N ARG B 297 -18.58 8.45 0.55
CA ARG B 297 -19.20 7.13 0.48
C ARG B 297 -20.71 7.23 0.39
N LEU B 298 -21.22 8.06 -0.52
CA LEU B 298 -22.65 8.20 -0.70
C LEU B 298 -23.18 7.08 -1.59
N THR B 299 -24.49 6.89 -1.59
CA THR B 299 -25.10 5.84 -2.39
C THR B 299 -26.25 6.42 -3.20
N ASN B 300 -26.89 5.56 -4.01
CA ASN B 300 -28.15 5.86 -4.64
C ASN B 300 -29.32 5.06 -4.04
N PHE B 301 -29.17 4.58 -2.80
CA PHE B 301 -30.19 3.69 -2.22
C PHE B 301 -31.45 4.46 -1.87
N TYR B 302 -32.58 3.76 -1.94
CA TYR B 302 -33.88 4.38 -1.72
C TYR B 302 -34.83 3.33 -1.18
N PRO B 303 -35.20 3.41 0.11
CA PRO B 303 -35.94 2.33 0.80
C PRO B 303 -37.39 2.19 0.37
N SER B 316 -30.25 4.77 5.70
CA SER B 316 -30.31 3.84 4.58
C SER B 316 -30.83 4.53 3.32
N LEU B 317 -30.63 5.84 3.23
CA LEU B 317 -31.21 6.65 2.16
C LEU B 317 -30.13 7.56 1.56
N SER B 318 -29.93 7.44 0.26
CA SER B 318 -29.03 8.30 -0.51
C SER B 318 -29.06 9.75 -0.05
N GLY B 319 -27.89 10.28 0.33
CA GLY B 319 -27.79 11.68 0.67
C GLY B 319 -28.27 12.58 -0.46
N TYR B 320 -27.92 12.21 -1.70
CA TYR B 320 -28.40 12.93 -2.87
C TYR B 320 -29.92 13.04 -2.92
N LEU B 321 -30.63 11.90 -2.85
CA LEU B 321 -32.08 11.99 -2.92
C LEU B 321 -32.65 12.71 -1.70
N TYR B 322 -32.04 12.53 -0.53
CA TYR B 322 -32.50 13.25 0.64
C TYR B 322 -32.46 14.76 0.39
N ALA B 323 -31.34 15.24 -0.14
CA ALA B 323 -31.23 16.68 -0.39
C ALA B 323 -32.13 17.11 -1.53
N ILE B 324 -32.26 16.30 -2.59
CA ILE B 324 -33.14 16.68 -3.69
C ILE B 324 -34.59 16.74 -3.20
N LYS B 325 -35.00 15.74 -2.42
CA LYS B 325 -36.38 15.74 -1.94
C LYS B 325 -36.67 16.96 -1.08
N LYS B 326 -35.72 17.32 -0.20
CA LYS B 326 -35.86 18.51 0.65
C LYS B 326 -35.98 19.78 -0.18
N ILE B 327 -35.11 19.95 -1.17
CA ILE B 327 -35.14 21.16 -1.99
C ILE B 327 -36.48 21.28 -2.71
N LEU B 328 -36.96 20.19 -3.29
CA LEU B 328 -38.22 20.24 -4.02
C LEU B 328 -39.42 20.44 -3.11
N SER B 329 -39.30 20.10 -1.82
CA SER B 329 -40.38 20.34 -0.87
C SER B 329 -40.63 21.83 -0.67
N TRP B 330 -39.66 22.68 -1.00
CA TRP B 330 -39.86 24.13 -0.89
C TRP B 330 -40.79 24.67 -1.96
N LYS B 331 -41.03 23.91 -3.03
CA LYS B 331 -41.95 24.32 -4.09
C LYS B 331 -41.48 25.60 -4.76
N VAL B 332 -40.18 25.70 -5.00
CA VAL B 332 -39.60 26.84 -5.70
C VAL B 332 -39.15 26.35 -7.06
N PRO B 333 -39.38 27.08 -8.16
CA PRO B 333 -38.90 26.64 -9.47
C PRO B 333 -37.41 26.33 -9.43
N THR B 334 -37.04 25.15 -9.96
CA THR B 334 -35.73 24.59 -9.73
C THR B 334 -35.16 24.06 -11.03
N LEU B 335 -33.88 24.31 -11.22
CA LEU B 335 -33.09 23.69 -12.28
C LEU B 335 -32.17 22.70 -11.61
N ILE B 336 -32.16 21.46 -12.14
CA ILE B 336 -31.29 20.40 -11.63
C ILE B 336 -30.30 20.04 -12.73
N LEU B 337 -29.00 20.21 -12.45
CA LEU B 337 -27.94 19.99 -13.42
C LEU B 337 -27.06 18.82 -12.99
N GLY B 338 -26.35 18.24 -13.95
CA GLY B 338 -25.42 17.17 -13.65
C GLY B 338 -24.09 17.74 -13.18
N GLY B 339 -22.99 17.18 -13.70
CA GLY B 339 -21.66 17.61 -13.34
C GLY B 339 -20.65 16.48 -13.34
N GLY B 340 -19.83 16.38 -12.30
CA GLY B 340 -18.87 15.29 -12.21
C GLY B 340 -19.55 13.95 -12.01
N GLY B 341 -18.79 12.89 -12.23
CA GLY B 341 -19.30 11.54 -12.14
C GLY B 341 -18.61 10.63 -13.14
N TYR B 342 -17.71 9.79 -12.65
CA TYR B 342 -16.71 9.17 -13.49
C TYR B 342 -16.81 7.67 -13.55
N ASN B 343 -17.72 7.08 -12.76
CA ASN B 343 -18.22 5.71 -12.95
C ASN B 343 -19.51 5.90 -13.73
N PHE B 344 -19.46 5.69 -15.06
CA PHE B 344 -20.60 6.11 -15.90
C PHE B 344 -21.87 5.35 -15.60
N PRO B 345 -21.85 4.01 -15.46
CA PRO B 345 -23.08 3.31 -15.10
C PRO B 345 -23.63 3.70 -13.73
N ASP B 346 -22.79 3.92 -12.71
CA ASP B 346 -23.33 4.31 -11.41
C ASP B 346 -23.85 5.74 -11.44
N THR B 347 -23.23 6.60 -12.25
CA THR B 347 -23.77 7.95 -12.45
C THR B 347 -25.17 7.90 -13.06
N ALA B 348 -25.35 7.09 -14.11
CA ALA B 348 -26.70 6.84 -14.64
C ALA B 348 -27.64 6.28 -13.57
N ARG B 349 -27.18 5.33 -12.76
CA ARG B 349 -28.04 4.74 -11.72
C ARG B 349 -28.55 5.81 -10.75
N LEU B 350 -27.67 6.69 -10.28
CA LEU B 350 -28.09 7.78 -9.40
C LEU B 350 -29.04 8.76 -10.12
N TRP B 351 -28.63 9.27 -11.29
CA TRP B 351 -29.42 10.34 -11.93
C TRP B 351 -30.77 9.83 -12.41
N THR B 352 -30.86 8.53 -12.67
CA THR B 352 -32.17 7.97 -13.01
C THR B 352 -33.08 7.99 -11.79
N ARG B 353 -32.53 7.69 -10.60
CA ARG B 353 -33.31 7.77 -9.37
C ARG B 353 -33.68 9.20 -9.02
N VAL B 354 -32.77 10.15 -9.25
CA VAL B 354 -33.13 11.56 -9.04
C VAL B 354 -34.27 11.95 -9.98
N THR B 355 -34.19 11.52 -11.24
CA THR B 355 -35.24 11.88 -12.19
C THR B 355 -36.60 11.36 -11.74
N ALA B 356 -36.66 10.10 -11.30
CA ALA B 356 -37.91 9.53 -10.82
C ALA B 356 -38.39 10.25 -9.58
N LEU B 357 -37.48 10.52 -8.64
CA LEU B 357 -37.85 11.24 -7.42
C LEU B 357 -38.48 12.59 -7.73
N THR B 358 -37.92 13.31 -8.70
CA THR B 358 -38.44 14.61 -9.10
C THR B 358 -39.85 14.49 -9.66
N ILE B 359 -40.10 13.49 -10.52
CA ILE B 359 -41.45 13.24 -11.00
C ILE B 359 -42.39 12.98 -9.83
N GLU B 360 -41.96 12.10 -8.89
CA GLU B 360 -42.80 11.80 -7.74
C GLU B 360 -43.15 13.05 -6.97
N GLU B 361 -42.14 13.84 -6.59
CA GLU B 361 -42.38 15.01 -5.75
C GLU B 361 -43.16 16.10 -6.48
N VAL B 362 -42.91 16.31 -7.77
CA VAL B 362 -43.53 17.45 -8.45
C VAL B 362 -44.94 17.10 -8.92
N LYS B 363 -45.11 15.92 -9.52
CA LYS B 363 -46.40 15.51 -10.06
C LYS B 363 -47.26 14.76 -9.05
N GLY B 364 -46.71 14.40 -7.89
CA GLY B 364 -47.45 13.59 -6.94
C GLY B 364 -47.80 12.21 -7.45
N LYS B 365 -46.99 11.66 -8.33
CA LYS B 365 -47.31 10.45 -9.06
C LYS B 365 -46.27 9.37 -8.74
N LYS B 366 -46.74 8.22 -8.26
CA LYS B 366 -45.81 7.19 -7.81
C LYS B 366 -44.98 6.67 -8.98
N MET B 367 -43.66 6.69 -8.81
CA MET B 367 -42.74 6.11 -9.77
C MET B 367 -42.11 4.90 -9.10
N THR B 368 -42.40 3.72 -9.62
CA THR B 368 -41.84 2.49 -9.10
C THR B 368 -40.79 2.02 -10.09
N ILE B 369 -39.58 1.85 -9.61
CA ILE B 369 -38.46 1.44 -10.42
C ILE B 369 -38.05 0.03 -10.02
N SER B 370 -38.06 -0.89 -10.99
CA SER B 370 -37.67 -2.25 -10.69
C SER B 370 -36.19 -2.32 -10.31
N PRO B 371 -35.82 -3.22 -9.40
CA PRO B 371 -34.40 -3.33 -9.00
C PRO B 371 -33.51 -3.94 -10.07
N GLU B 372 -34.05 -4.66 -11.06
CA GLU B 372 -33.25 -5.13 -12.19
C GLU B 372 -33.27 -4.10 -13.31
N ILE B 373 -32.09 -3.83 -13.87
CA ILE B 373 -31.95 -2.92 -15.02
C ILE B 373 -32.80 -3.42 -16.19
N PRO B 374 -33.59 -2.57 -16.84
CA PRO B 374 -34.36 -3.03 -18.00
C PRO B 374 -33.48 -3.26 -19.20
N GLU B 375 -34.01 -4.07 -20.11
CA GLU B 375 -33.38 -4.31 -21.40
C GLU B 375 -33.24 -2.98 -22.16
N HIS B 376 -32.03 -2.71 -22.64
CA HIS B 376 -31.77 -1.60 -23.54
C HIS B 376 -30.36 -1.79 -24.07
N SER B 377 -29.98 -0.94 -25.04
CA SER B 377 -28.73 -1.18 -25.76
C SER B 377 -27.49 -0.98 -24.90
N TYR B 378 -27.60 -0.36 -23.72
CA TYR B 378 -26.47 -0.32 -22.82
C TYR B 378 -26.61 -1.29 -21.65
N PHE B 379 -27.52 -2.28 -21.74
CA PHE B 379 -27.72 -3.22 -20.64
C PHE B 379 -26.40 -3.84 -20.18
N SER B 380 -25.53 -4.21 -21.13
CA SER B 380 -24.25 -4.83 -20.80
C SER B 380 -23.36 -3.97 -19.91
N ARG B 381 -23.61 -2.66 -19.85
CA ARG B 381 -22.72 -1.80 -19.06
C ARG B 381 -23.00 -1.89 -17.57
N TYR B 382 -24.06 -2.56 -17.14
CA TYR B 382 -24.48 -2.55 -15.74
C TYR B 382 -24.18 -3.87 -15.03
N GLY B 383 -23.16 -4.60 -15.50
CA GLY B 383 -22.79 -5.85 -14.88
C GLY B 383 -21.85 -5.66 -13.71
N PRO B 384 -21.56 -6.74 -12.96
CA PRO B 384 -22.01 -8.11 -13.18
C PRO B 384 -23.38 -8.38 -12.56
N ASP B 385 -23.92 -7.40 -11.84
CA ASP B 385 -25.16 -7.48 -11.08
C ASP B 385 -26.39 -7.18 -11.92
N PHE B 386 -26.32 -6.18 -12.80
CA PHE B 386 -27.46 -5.70 -13.58
C PHE B 386 -28.60 -5.23 -12.67
N GLU B 387 -28.23 -4.61 -11.56
CA GLU B 387 -29.18 -4.06 -10.62
C GLU B 387 -28.98 -2.55 -10.49
N LEU B 388 -30.05 -1.89 -10.06
CA LEU B 388 -30.06 -0.43 -10.01
C LEU B 388 -29.30 0.13 -8.80
N ASP B 389 -29.35 -0.53 -7.64
CA ASP B 389 -28.51 -0.10 -6.52
C ASP B 389 -27.05 -0.26 -6.89
N ILE B 390 -26.23 0.75 -6.57
CA ILE B 390 -24.80 0.59 -6.80
C ILE B 390 -24.26 -0.56 -5.95
N ASP B 391 -23.15 -1.13 -6.40
CA ASP B 391 -22.59 -2.33 -5.79
C ASP B 391 -21.62 -1.92 -4.69
N TYR B 392 -22.16 -1.68 -3.51
CA TYR B 392 -21.39 -1.14 -2.39
C TYR B 392 -22.10 -1.51 -1.10
N PHE B 393 -21.32 -1.82 -0.07
CA PHE B 393 -21.86 -2.22 1.23
C PHE B 393 -21.46 -1.23 2.31
N PRO B 394 -22.34 -0.30 2.66
CA PRO B 394 -22.00 0.75 3.64
C PRO B 394 -21.74 0.18 5.03
N HIS B 395 -20.63 0.61 5.62
CA HIS B 395 -20.16 0.08 6.90
C HIS B 395 -19.65 1.23 7.76
N GLU B 396 -19.22 0.92 8.98
CA GLU B 396 -18.61 1.93 9.83
C GLU B 396 -17.41 1.36 10.60
N ASP B 403 -15.79 13.91 14.69
CA ASP B 403 -15.91 14.18 13.26
C ASP B 403 -17.11 15.08 12.99
N SER B 404 -17.69 15.63 14.06
CA SER B 404 -18.85 16.48 13.87
C SER B 404 -18.44 17.84 13.33
N ILE B 405 -19.45 18.61 12.92
CA ILE B 405 -19.21 19.89 12.26
C ILE B 405 -20.11 20.95 12.85
N GLN B 406 -20.46 20.80 14.15
CA GLN B 406 -21.37 21.76 14.74
C GLN B 406 -20.79 23.17 14.73
N LYS B 407 -19.46 23.32 14.77
CA LYS B 407 -18.89 24.67 14.68
C LYS B 407 -19.07 25.27 13.28
N HIS B 408 -19.09 24.42 12.24
CA HIS B 408 -19.44 24.90 10.91
C HIS B 408 -20.89 25.34 10.85
N HIS B 409 -21.79 24.58 11.48
CA HIS B 409 -23.18 25.02 11.54
C HIS B 409 -23.26 26.41 12.15
N ARG B 410 -22.58 26.63 13.28
CA ARG B 410 -22.67 27.90 13.97
C ARG B 410 -22.11 29.04 13.13
N ARG B 411 -20.98 28.79 12.47
CA ARG B 411 -20.36 29.79 11.61
C ARG B 411 -21.23 30.10 10.40
N ILE B 412 -21.82 29.08 9.77
CA ILE B 412 -22.65 29.32 8.60
C ILE B 412 -23.90 30.11 9.00
N LEU B 413 -24.53 29.77 10.13
CA LEU B 413 -25.71 30.52 10.56
C LEU B 413 -25.37 31.96 10.93
N GLU B 414 -24.16 32.22 11.43
CA GLU B 414 -23.77 33.60 11.69
C GLU B 414 -23.56 34.36 10.39
N GLN B 415 -22.96 33.70 9.39
CA GLN B 415 -22.86 34.32 8.07
C GLN B 415 -24.26 34.63 7.52
N LEU B 416 -25.20 33.71 7.70
CA LEU B 416 -26.55 33.91 7.17
C LEU B 416 -27.25 35.07 7.86
N ARG B 417 -27.03 35.23 9.17
CA ARG B 417 -27.53 36.41 9.87
C ARG B 417 -26.87 37.67 9.33
N ASN B 418 -25.56 37.63 9.11
CA ASN B 418 -24.85 38.78 8.57
C ASN B 418 -25.35 39.13 7.17
N TYR B 419 -25.66 38.12 6.35
CA TYR B 419 -26.20 38.38 5.02
C TYR B 419 -27.54 39.11 5.10
N ALA B 420 -28.42 38.66 6.00
CA ALA B 420 -29.75 39.27 6.05
C ALA B 420 -29.68 40.68 6.60
N ASP B 421 -28.76 40.94 7.54
CA ASP B 421 -28.55 42.30 8.04
C ASP B 421 -28.05 43.23 6.94
N LEU B 422 -27.03 42.79 6.19
CA LEU B 422 -26.49 43.62 5.11
C LEU B 422 -27.57 43.97 4.09
N ASN B 423 -28.41 43.01 3.74
CA ASN B 423 -29.37 43.15 2.66
C ASN B 423 -30.77 43.50 3.14
N LYS B 424 -30.95 43.78 4.43
CA LYS B 424 -32.22 44.22 5.00
C LYS B 424 -33.34 43.19 4.75
N LEU B 425 -33.04 41.94 5.04
CA LEU B 425 -34.00 40.84 4.97
C LEU B 425 -34.46 40.46 6.37
N ILE B 426 -35.72 40.02 6.47
CA ILE B 426 -36.23 39.46 7.72
C ILE B 426 -35.39 38.24 8.09
N TYR B 427 -34.97 38.18 9.35
CA TYR B 427 -34.27 37.01 9.89
C TYR B 427 -35.20 36.38 10.93
N ASP B 428 -35.95 35.34 10.52
CA ASP B 428 -36.95 34.71 11.38
C ASP B 428 -36.24 33.76 12.34
N TYR B 429 -35.68 34.34 13.40
CA TYR B 429 -34.89 33.57 14.36
C TYR B 429 -35.67 32.39 14.90
N ASP B 430 -36.97 32.55 15.13
CA ASP B 430 -37.74 31.49 15.75
C ASP B 430 -37.92 30.31 14.80
N GLN B 431 -38.11 30.58 13.50
CA GLN B 431 -38.16 29.51 12.52
C GLN B 431 -36.86 28.74 12.47
N VAL B 432 -35.74 29.46 12.35
CA VAL B 432 -34.44 28.81 12.26
C VAL B 432 -34.13 28.06 13.54
N TYR B 433 -34.45 28.66 14.69
CA TYR B 433 -34.27 27.95 15.96
C TYR B 433 -35.04 26.62 15.96
N GLN B 434 -36.34 26.67 15.68
CA GLN B 434 -37.16 25.45 15.74
C GLN B 434 -36.63 24.39 14.79
N LEU B 435 -36.15 24.83 13.63
CA LEU B 435 -35.53 23.92 12.68
C LEU B 435 -34.37 23.15 13.31
N TYR B 436 -33.38 23.89 13.84
CA TYR B 436 -32.22 23.25 14.45
C TYR B 436 -32.58 22.56 15.77
N ASN B 437 -33.56 23.07 16.50
CA ASN B 437 -33.88 22.39 17.73
C ASN B 437 -34.56 21.04 17.47
N LEU B 438 -35.00 20.78 16.24
CA LEU B 438 -35.47 19.45 15.90
C LEU B 438 -34.39 18.41 16.14
N THR B 439 -33.14 18.74 15.86
CA THR B 439 -32.03 17.85 16.18
C THR B 439 -31.40 18.16 17.54
N GLY B 440 -32.00 19.08 18.31
CA GLY B 440 -31.45 19.47 19.59
C GLY B 440 -30.32 20.47 19.51
N MET B 441 -30.16 21.14 18.38
CA MET B 441 -29.03 22.04 18.14
C MET B 441 -29.46 23.51 18.08
N GLY B 442 -30.58 23.85 18.71
CA GLY B 442 -31.07 25.22 18.64
C GLY B 442 -30.12 26.24 19.22
N SER B 443 -29.25 25.82 20.14
CA SER B 443 -28.24 26.71 20.70
C SER B 443 -27.29 27.25 19.65
N LEU B 444 -27.17 26.59 18.50
CA LEU B 444 -26.25 27.05 17.47
C LEU B 444 -26.76 28.29 16.73
N VAL B 445 -28.04 28.61 16.85
CA VAL B 445 -28.68 29.63 16.02
C VAL B 445 -28.45 31.02 16.63
N PRO B 446 -27.80 31.93 15.91
CA PRO B 446 -27.60 33.28 16.43
C PRO B 446 -28.89 34.07 16.43
N ARG B 447 -28.96 35.04 17.32
CA ARG B 447 -30.20 35.80 17.48
C ARG B 447 -30.32 36.92 16.44
N SER C 3 41.65 -29.00 -8.98
CA SER C 3 40.53 -29.59 -9.71
C SER C 3 39.21 -29.17 -9.11
N VAL C 4 38.48 -28.31 -9.82
CA VAL C 4 37.13 -27.89 -9.41
C VAL C 4 36.14 -28.69 -10.24
N GLY C 5 35.30 -29.45 -9.59
CA GLY C 5 34.31 -30.24 -10.29
C GLY C 5 32.98 -29.50 -10.42
N ILE C 6 32.17 -29.88 -11.41
CA ILE C 6 30.79 -29.39 -11.48
C ILE C 6 29.92 -30.54 -11.99
N VAL C 7 28.71 -30.66 -11.44
CA VAL C 7 27.81 -31.75 -11.81
C VAL C 7 26.96 -31.36 -13.02
N TYR C 8 27.07 -32.12 -14.12
CA TYR C 8 26.08 -31.97 -15.17
C TYR C 8 26.06 -33.20 -16.07
N GLY C 9 25.04 -33.22 -16.93
CA GLY C 9 24.86 -34.25 -17.93
C GLY C 9 23.58 -33.96 -18.68
N ASP C 10 23.46 -34.57 -19.84
CA ASP C 10 22.31 -34.30 -20.71
C ASP C 10 21.01 -34.71 -20.03
N GLN C 11 20.93 -35.94 -19.52
CA GLN C 11 19.70 -36.41 -18.90
C GLN C 11 19.47 -35.71 -17.57
N TYR C 12 20.54 -35.52 -16.79
CA TYR C 12 20.48 -34.70 -15.58
C TYR C 12 19.86 -33.34 -15.85
N ARG C 13 20.28 -32.66 -16.92
CA ARG C 13 19.72 -31.35 -17.23
C ARG C 13 18.24 -31.45 -17.58
N GLN C 14 17.84 -32.49 -18.32
CA GLN C 14 16.42 -32.66 -18.63
C GLN C 14 15.60 -32.81 -17.35
N LEU C 15 16.06 -33.66 -16.43
CA LEU C 15 15.30 -33.90 -15.20
C LEU C 15 15.30 -32.68 -14.28
N CYS C 16 16.45 -32.00 -14.13
CA CYS C 16 16.49 -30.81 -13.31
C CYS C 16 15.59 -29.70 -13.85
N CYS C 17 15.21 -29.76 -15.14
CA CYS C 17 14.34 -28.75 -15.73
C CYS C 17 12.90 -29.21 -15.85
N SER C 18 12.52 -30.28 -15.15
CA SER C 18 11.21 -30.91 -15.32
C SER C 18 10.22 -30.60 -14.19
N SER C 19 10.58 -29.66 -13.22
CA SER C 19 9.56 -29.47 -12.19
C SER C 19 8.71 -28.23 -12.47
N PRO C 20 7.47 -28.19 -11.98
CA PRO C 20 6.63 -27.01 -12.22
C PRO C 20 7.07 -25.76 -11.49
N LYS C 21 7.77 -25.90 -10.35
CA LYS C 21 8.21 -24.70 -9.65
C LYS C 21 9.45 -24.09 -10.30
N PHE C 22 10.46 -24.89 -10.61
CA PHE C 22 11.77 -24.34 -10.95
C PHE C 22 12.05 -24.29 -12.44
N GLY C 23 11.13 -24.77 -13.26
CA GLY C 23 11.21 -24.65 -14.71
C GLY C 23 12.61 -24.89 -15.26
N ASP C 24 13.09 -23.95 -16.09
CA ASP C 24 14.37 -24.12 -16.76
C ASP C 24 15.52 -23.40 -16.06
N ARG C 25 15.39 -23.15 -14.76
CA ARG C 25 16.40 -22.36 -14.05
C ARG C 25 17.79 -23.00 -14.13
N TYR C 26 17.86 -24.34 -13.99
CA TYR C 26 19.14 -25.04 -14.07
C TYR C 26 19.76 -24.86 -15.44
N ALA C 27 18.94 -24.86 -16.50
CA ALA C 27 19.43 -24.65 -17.86
C ALA C 27 20.00 -23.25 -18.05
N LEU C 28 19.34 -22.22 -17.50
CA LEU C 28 19.90 -20.87 -17.58
C LEU C 28 21.25 -20.83 -16.90
N VAL C 29 21.34 -21.42 -15.70
CA VAL C 29 22.55 -21.42 -14.89
C VAL C 29 23.72 -22.06 -15.64
N MET C 30 23.53 -23.31 -16.08
CA MET C 30 24.63 -24.00 -16.73
C MET C 30 25.00 -23.35 -18.05
N ASP C 31 24.01 -22.79 -18.78
CA ASP C 31 24.31 -22.18 -20.07
C ASP C 31 25.00 -20.82 -19.91
N LEU C 32 24.71 -20.08 -18.84
CA LEU C 32 25.46 -18.84 -18.63
C LEU C 32 26.90 -19.15 -18.26
N ILE C 33 27.11 -20.19 -17.46
CA ILE C 33 28.46 -20.64 -17.14
C ILE C 33 29.17 -21.10 -18.40
N ASN C 34 28.44 -21.82 -19.25
CA ASN C 34 28.99 -22.22 -20.54
C ASN C 34 29.31 -21.00 -21.41
N ALA C 35 28.39 -20.03 -21.48
CA ALA C 35 28.56 -18.88 -22.35
C ALA C 35 29.74 -18.00 -21.95
N TYR C 36 30.10 -17.98 -20.67
CA TYR C 36 31.28 -17.26 -20.20
C TYR C 36 32.56 -18.07 -20.32
N LYS C 37 32.49 -19.23 -20.98
CA LYS C 37 33.63 -20.10 -21.27
C LYS C 37 34.27 -20.65 -19.99
N LEU C 38 33.46 -20.89 -18.95
CA LEU C 38 33.95 -21.51 -17.73
C LEU C 38 34.05 -23.02 -17.82
N ILE C 39 33.20 -23.67 -18.61
CA ILE C 39 33.12 -25.13 -18.68
C ILE C 39 34.46 -25.81 -18.96
N PRO C 40 35.32 -25.29 -19.86
CA PRO C 40 36.64 -25.94 -20.03
C PRO C 40 37.53 -25.88 -18.81
N GLU C 41 37.25 -25.02 -17.82
CA GLU C 41 38.09 -24.96 -16.62
C GLU C 41 37.67 -25.98 -15.57
N LEU C 42 36.57 -26.68 -15.79
CA LEU C 42 35.92 -27.49 -14.78
C LEU C 42 35.89 -28.95 -15.20
N SER C 43 35.91 -29.83 -14.21
CA SER C 43 35.79 -31.27 -14.43
CA SER C 43 35.78 -31.26 -14.45
C SER C 43 34.33 -31.66 -14.28
N ARG C 44 33.75 -32.25 -15.33
CA ARG C 44 32.36 -32.69 -15.21
C ARG C 44 32.27 -33.90 -14.28
N VAL C 45 31.40 -33.80 -13.28
CA VAL C 45 31.13 -34.89 -12.37
C VAL C 45 29.78 -35.51 -12.77
N PRO C 46 29.75 -36.74 -13.28
CA PRO C 46 28.50 -37.34 -13.74
C PRO C 46 27.63 -37.74 -12.57
N PRO C 47 26.30 -37.58 -12.65
CA PRO C 47 25.43 -38.07 -11.57
C PRO C 47 25.60 -39.55 -11.34
N LEU C 48 25.47 -39.97 -10.09
CA LEU C 48 25.63 -41.37 -9.73
C LEU C 48 24.45 -42.16 -10.25
N GLN C 49 24.73 -43.36 -10.77
CA GLN C 49 23.68 -44.30 -11.10
C GLN C 49 24.01 -45.63 -10.44
N TRP C 50 23.04 -46.53 -10.44
CA TRP C 50 23.16 -47.76 -9.65
C TRP C 50 23.01 -49.00 -10.52
N ASP C 51 23.32 -50.15 -9.92
CA ASP C 51 23.23 -51.43 -10.60
C ASP C 51 21.91 -52.16 -10.33
N SER C 52 20.98 -51.51 -9.61
CA SER C 52 19.72 -52.19 -9.29
C SER C 52 18.77 -51.24 -8.56
N PRO C 53 17.46 -51.43 -8.68
CA PRO C 53 16.54 -50.64 -7.84
C PRO C 53 16.79 -50.84 -6.34
N SER C 54 17.18 -52.05 -5.92
CA SER C 54 17.52 -52.28 -4.52
C SER C 54 18.68 -51.40 -4.05
N ARG C 55 19.72 -51.23 -4.88
CA ARG C 55 20.83 -50.43 -4.40
C ARG C 55 20.48 -48.93 -4.39
N MET C 56 19.68 -48.48 -5.37
CA MET C 56 19.12 -47.13 -5.31
C MET C 56 18.29 -46.94 -4.05
N TYR C 57 17.43 -47.92 -3.78
CA TYR C 57 16.54 -47.84 -2.63
C TYR C 57 17.32 -47.81 -1.32
N GLU C 58 18.43 -48.53 -1.25
CA GLU C 58 19.23 -48.50 -0.03
C GLU C 58 19.99 -47.18 0.12
N ALA C 59 20.41 -46.57 -0.99
CA ALA C 59 21.05 -45.28 -0.88
C ALA C 59 20.08 -44.22 -0.41
N VAL C 60 18.86 -44.21 -0.95
CA VAL C 60 17.90 -43.18 -0.56
C VAL C 60 17.41 -43.40 0.86
N THR C 61 17.21 -44.67 1.27
CA THR C 61 16.70 -44.93 2.62
C THR C 61 17.79 -44.89 3.69
N ALA C 62 19.04 -44.54 3.33
CA ALA C 62 20.00 -44.16 4.36
C ALA C 62 19.47 -43.03 5.24
N PHE C 63 18.69 -42.10 4.66
CA PHE C 63 17.98 -41.08 5.42
C PHE C 63 16.47 -41.24 5.40
N HIS C 64 15.85 -41.37 4.22
CA HIS C 64 14.40 -41.34 4.12
C HIS C 64 13.77 -42.67 4.50
N SER C 65 12.52 -42.62 4.98
CA SER C 65 11.83 -43.85 5.35
CA SER C 65 11.78 -43.83 5.35
C SER C 65 11.44 -44.66 4.11
N THR C 66 11.39 -45.98 4.28
CA THR C 66 10.97 -46.84 3.18
C THR C 66 9.57 -46.47 2.70
N GLU C 67 8.65 -46.20 3.65
CA GLU C 67 7.28 -45.89 3.28
C GLU C 67 7.20 -44.59 2.48
N TYR C 68 7.92 -43.56 2.92
CA TYR C 68 7.93 -42.28 2.20
C TYR C 68 8.45 -42.46 0.77
N VAL C 69 9.57 -43.17 0.61
CA VAL C 69 10.12 -43.38 -0.73
C VAL C 69 9.13 -44.13 -1.60
N ASP C 70 8.50 -45.18 -1.04
CA ASP C 70 7.45 -45.90 -1.76
C ASP C 70 6.33 -44.96 -2.22
N ALA C 71 5.86 -44.10 -1.30
CA ALA C 71 4.80 -43.15 -1.65
C ALA C 71 5.23 -42.25 -2.80
N LEU C 72 6.44 -41.69 -2.71
CA LEU C 72 6.92 -40.80 -3.77
C LEU C 72 7.03 -41.53 -5.10
N LYS C 73 7.50 -42.78 -5.08
CA LYS C 73 7.48 -43.64 -6.25
C LYS C 73 6.07 -43.75 -6.82
N LYS C 74 5.09 -44.04 -5.96
CA LYS C 74 3.73 -44.21 -6.40
C LYS C 74 3.14 -42.90 -6.93
N LEU C 75 3.53 -41.77 -6.33
CA LEU C 75 2.98 -40.49 -6.77
C LEU C 75 3.31 -40.22 -8.23
N GLN C 76 4.56 -40.49 -8.63
CA GLN C 76 4.95 -40.29 -10.02
C GLN C 76 4.16 -41.22 -10.94
N MET C 77 4.08 -42.50 -10.57
CA MET C 77 3.32 -43.46 -11.37
C MET C 77 1.89 -42.97 -11.60
N LEU C 78 1.20 -42.59 -10.51
CA LEU C 78 -0.16 -42.08 -10.61
C LEU C 78 -0.26 -40.86 -11.53
N HIS C 79 0.74 -39.97 -11.48
CA HIS C 79 0.68 -38.79 -12.34
C HIS C 79 1.00 -39.11 -13.80
N CYS C 80 1.61 -40.26 -14.06
CA CYS C 80 1.81 -40.69 -15.45
C CYS C 80 0.60 -41.37 -16.05
N GLU C 81 -0.57 -41.27 -15.41
CA GLU C 81 -1.80 -41.80 -15.99
C GLU C 81 -2.90 -40.74 -16.06
N LYS C 83 -5.75 -41.33 -14.97
CA LYS C 83 -6.95 -41.20 -14.15
C LYS C 83 -6.65 -40.45 -12.84
N GLU C 84 -7.71 -40.07 -12.14
CA GLU C 84 -7.59 -39.34 -10.89
C GLU C 84 -7.25 -40.30 -9.75
N LEU C 85 -6.66 -39.74 -8.70
CA LEU C 85 -6.31 -40.52 -7.52
C LEU C 85 -7.56 -41.03 -6.81
N THR C 86 -7.45 -42.19 -6.19
CA THR C 86 -8.51 -42.66 -5.32
C THR C 86 -8.45 -41.94 -3.97
N ALA C 87 -9.55 -42.02 -3.23
CA ALA C 87 -9.62 -41.37 -1.92
C ALA C 87 -8.55 -41.94 -0.98
N ASP C 88 -8.29 -43.25 -1.06
CA ASP C 88 -7.22 -43.81 -0.24
C ASP C 88 -5.85 -43.33 -0.70
N ASP C 89 -5.66 -43.13 -2.01
CA ASP C 89 -4.38 -42.61 -2.47
C ASP C 89 -4.20 -41.16 -2.03
N GLU C 90 -5.28 -40.38 -2.03
CA GLU C 90 -5.20 -39.00 -1.54
C GLU C 90 -4.71 -38.97 -0.10
N LEU C 91 -5.32 -39.79 0.76
CA LEU C 91 -4.92 -39.80 2.17
C LEU C 91 -3.47 -40.25 2.34
N LEU C 92 -3.04 -41.22 1.54
CA LEU C 92 -1.65 -41.68 1.63
C LEU C 92 -0.68 -40.54 1.30
N MET C 93 -0.92 -39.84 0.19
CA MET C 93 -0.07 -38.72 -0.18
C MET C 93 -0.16 -37.58 0.84
N ASP C 94 -1.36 -37.30 1.35
CA ASP C 94 -1.47 -36.25 2.37
C ASP C 94 -0.65 -36.58 3.60
N SER C 95 -0.61 -37.86 4.01
CA SER C 95 0.16 -38.25 5.18
C SER C 95 1.65 -38.06 5.00
N PHE C 96 2.16 -37.89 3.77
CA PHE C 96 3.58 -37.58 3.58
C PHE C 96 3.78 -36.13 3.15
N SER C 97 2.75 -35.29 3.29
CA SER C 97 2.76 -33.91 2.79
C SER C 97 3.04 -33.84 1.29
N LEU C 98 2.65 -34.86 0.54
CA LEU C 98 2.85 -34.85 -0.92
C LEU C 98 1.69 -34.13 -1.60
N ASN C 99 1.61 -32.84 -1.28
CA ASN C 99 0.52 -31.96 -1.68
C ASN C 99 1.00 -30.51 -1.50
N TYR C 100 0.09 -29.57 -1.77
CA TYR C 100 0.32 -28.11 -1.64
C TYR C 100 1.52 -27.61 -2.42
N ASP C 101 2.58 -27.18 -1.71
CA ASP C 101 3.82 -26.75 -2.36
C ASP C 101 4.69 -27.91 -2.83
N CYS C 102 4.34 -29.14 -2.46
CA CYS C 102 5.05 -30.34 -2.91
C CYS C 102 4.08 -31.30 -3.59
N PRO C 103 3.40 -30.86 -4.65
CA PRO C 103 2.46 -31.74 -5.33
C PRO C 103 3.18 -32.73 -6.23
N GLY C 104 2.41 -33.67 -6.76
CA GLY C 104 2.95 -34.58 -7.74
C GLY C 104 2.96 -33.99 -9.15
N PHE C 105 3.83 -34.54 -9.98
CA PHE C 105 3.85 -34.28 -11.41
C PHE C 105 4.53 -35.47 -12.08
N PRO C 106 4.39 -35.61 -13.40
CA PRO C 106 4.80 -36.88 -14.05
C PRO C 106 6.24 -37.30 -13.83
N SER C 107 7.14 -36.39 -13.43
CA SER C 107 8.53 -36.74 -13.24
C SER C 107 8.99 -36.53 -11.81
N VAL C 108 8.07 -36.50 -10.85
CA VAL C 108 8.40 -36.00 -9.50
C VAL C 108 9.45 -36.86 -8.81
N PHE C 109 9.44 -38.19 -9.06
CA PHE C 109 10.42 -39.04 -8.40
C PHE C 109 11.78 -38.98 -9.10
N ASP C 110 11.80 -39.10 -10.44
CA ASP C 110 13.05 -38.97 -11.18
C ASP C 110 13.67 -37.59 -10.95
N TYR C 111 12.83 -36.55 -10.89
CA TYR C 111 13.32 -35.21 -10.63
C TYR C 111 14.00 -35.11 -9.27
N SER C 112 13.35 -35.62 -8.23
CA SER C 112 13.92 -35.56 -6.89
C SER C 112 15.18 -36.43 -6.79
N LEU C 113 15.14 -37.63 -7.38
CA LEU C 113 16.27 -38.53 -7.27
C LEU C 113 17.50 -38.00 -7.99
N ALA C 114 17.31 -37.20 -9.05
CA ALA C 114 18.44 -36.67 -9.79
C ALA C 114 19.32 -35.80 -8.90
N ALA C 115 18.71 -34.91 -8.10
CA ALA C 115 19.52 -34.10 -7.19
C ALA C 115 20.32 -34.98 -6.25
N VAL C 116 19.73 -36.08 -5.78
CA VAL C 116 20.46 -37.05 -4.98
C VAL C 116 21.62 -37.64 -5.76
N GLN C 117 21.36 -38.08 -6.98
CA GLN C 117 22.42 -38.64 -7.82
C GLN C 117 23.57 -37.67 -8.00
N GLY C 118 23.25 -36.39 -8.22
CA GLY C 118 24.29 -35.41 -8.45
C GLY C 118 25.11 -35.13 -7.21
N SER C 119 24.43 -34.95 -6.06
CA SER C 119 25.17 -34.61 -4.85
C SER C 119 25.94 -35.80 -4.28
N LEU C 120 25.43 -37.02 -4.45
CA LEU C 120 26.19 -38.19 -4.03
C LEU C 120 27.46 -38.32 -4.86
N ALA C 121 27.33 -38.18 -6.19
CA ALA C 121 28.52 -38.15 -7.03
C ALA C 121 29.50 -37.08 -6.55
N ALA C 122 28.98 -35.90 -6.20
CA ALA C 122 29.85 -34.81 -5.80
C ALA C 122 30.60 -35.16 -4.53
N ALA C 123 29.91 -35.75 -3.54
CA ALA C 123 30.59 -36.18 -2.35
C ALA C 123 31.68 -37.21 -2.65
N SER C 124 31.41 -38.16 -3.57
CA SER C 124 32.38 -39.21 -3.83
C SER C 124 33.63 -38.68 -4.53
N ALA C 125 33.48 -37.65 -5.37
CA ALA C 125 34.64 -37.04 -6.02
C ALA C 125 35.51 -36.30 -5.02
N LEU C 126 34.92 -35.76 -3.94
CA LEU C 126 35.74 -35.19 -2.87
C LEU C 126 36.45 -36.28 -2.08
N ILE C 127 35.75 -37.38 -1.79
CA ILE C 127 36.32 -38.43 -0.94
C ILE C 127 37.58 -39.02 -1.54
N CYS C 128 37.59 -39.25 -2.85
CA CYS C 128 38.74 -39.87 -3.51
C CYS C 128 39.76 -38.85 -3.99
N ARG C 129 39.61 -37.58 -3.60
CA ARG C 129 40.56 -36.51 -3.90
C ARG C 129 40.66 -36.20 -5.39
N HIS C 130 39.63 -36.54 -6.17
CA HIS C 130 39.63 -36.20 -7.59
C HIS C 130 39.36 -34.71 -7.80
N CYS C 131 38.55 -34.10 -6.93
CA CYS C 131 38.28 -32.67 -6.93
C CYS C 131 38.48 -32.12 -5.53
N GLU C 132 39.05 -30.91 -5.46
CA GLU C 132 39.11 -30.21 -4.18
C GLU C 132 37.77 -29.57 -3.83
N VAL C 133 37.03 -29.13 -4.84
CA VAL C 133 35.72 -28.52 -4.70
C VAL C 133 34.82 -29.07 -5.79
N VAL C 134 33.56 -29.33 -5.44
CA VAL C 134 32.59 -29.75 -6.45
C VAL C 134 31.33 -28.92 -6.30
N ILE C 135 30.84 -28.46 -7.39
CA ILE C 135 29.65 -27.63 -7.47
C ILE C 135 28.51 -28.49 -7.98
N ASN C 136 27.34 -28.37 -7.35
CA ASN C 136 26.12 -28.95 -7.89
C ASN C 136 24.99 -27.92 -7.83
N TRP C 137 24.76 -27.21 -8.93
CA TRP C 137 23.66 -26.25 -8.97
C TRP C 137 22.29 -26.90 -9.16
N GLY C 138 22.23 -28.21 -9.34
CA GLY C 138 20.93 -28.83 -9.31
C GLY C 138 20.50 -29.40 -7.96
N GLY C 139 21.35 -29.34 -6.94
CA GLY C 139 21.01 -29.81 -5.61
C GLY C 139 20.83 -28.67 -4.62
N GLY C 140 20.69 -29.06 -3.34
CA GLY C 140 20.59 -28.07 -2.27
C GLY C 140 19.23 -28.02 -1.60
N TRP C 141 18.50 -29.14 -1.63
CA TRP C 141 17.10 -29.15 -1.21
C TRP C 141 17.03 -29.46 0.29
N HIS C 142 17.13 -28.41 1.10
CA HIS C 142 17.39 -28.57 2.54
C HIS C 142 16.16 -28.75 3.41
N HIS C 143 14.94 -28.66 2.86
CA HIS C 143 13.75 -28.72 3.70
C HIS C 143 13.13 -30.11 3.82
N ALA C 144 13.51 -31.07 2.98
CA ALA C 144 12.84 -32.37 3.04
C ALA C 144 13.29 -33.14 4.27
N LYS C 145 12.32 -33.80 4.92
CA LYS C 145 12.51 -34.56 6.16
C LYS C 145 12.41 -36.07 5.89
N ARG C 146 12.65 -36.85 6.94
CA ARG C 146 12.76 -38.30 6.79
C ARG C 146 11.54 -38.91 6.08
N SER C 147 10.33 -38.52 6.47
CA SER C 147 9.12 -38.99 5.77
C SER C 147 8.19 -37.83 5.49
N GLU C 148 8.72 -36.76 4.88
CA GLU C 148 7.88 -35.59 4.66
C GLU C 148 8.52 -34.70 3.59
N ALA C 149 7.77 -34.39 2.54
CA ALA C 149 8.17 -33.35 1.61
C ALA C 149 7.84 -31.99 2.22
N SER C 150 8.67 -31.00 1.91
CA SER C 150 8.47 -29.67 2.48
C SER C 150 9.16 -28.64 1.59
N GLY C 151 8.44 -27.54 1.33
CA GLY C 151 9.01 -26.37 0.68
C GLY C 151 9.70 -26.62 -0.65
N PHE C 152 8.98 -27.29 -1.57
CA PHE C 152 9.44 -27.65 -2.91
C PHE C 152 10.49 -28.77 -2.89
N CYS C 153 10.82 -29.32 -1.72
CA CYS C 153 11.85 -30.35 -1.56
C CYS C 153 11.19 -31.70 -1.28
N TYR C 154 11.57 -32.72 -2.03
CA TYR C 154 11.02 -34.06 -1.86
C TYR C 154 12.02 -35.04 -1.28
N LEU C 155 13.29 -34.92 -1.65
CA LEU C 155 14.36 -35.75 -1.16
C LEU C 155 15.51 -34.87 -0.72
N ASN C 156 16.12 -35.18 0.42
CA ASN C 156 17.16 -34.29 0.95
C ASN C 156 18.53 -34.77 0.47
N ASP C 157 18.93 -34.29 -0.72
CA ASP C 157 20.24 -34.65 -1.28
C ASP C 157 21.37 -34.24 -0.35
N ILE C 158 21.20 -33.10 0.34
CA ILE C 158 22.23 -32.59 1.24
C ILE C 158 22.53 -33.58 2.35
N VAL C 159 21.47 -34.03 3.04
CA VAL C 159 21.69 -34.97 4.13
C VAL C 159 22.38 -36.22 3.61
N LEU C 160 21.95 -36.72 2.45
CA LEU C 160 22.57 -37.94 1.94
C LEU C 160 24.03 -37.71 1.57
N ALA C 161 24.34 -36.58 0.92
CA ALA C 161 25.72 -36.26 0.58
C ALA C 161 26.58 -36.11 1.84
N ILE C 162 26.08 -35.40 2.85
CA ILE C 162 26.80 -35.29 4.12
C ILE C 162 27.00 -36.66 4.73
N HIS C 163 25.99 -37.53 4.65
CA HIS C 163 26.13 -38.86 5.25
C HIS C 163 27.27 -39.63 4.60
N ARG C 164 27.44 -39.51 3.28
CA ARG C 164 28.53 -40.20 2.62
C ARG C 164 29.88 -39.62 3.04
N LEU C 165 29.97 -38.29 3.18
CA LEU C 165 31.21 -37.64 3.59
C LEU C 165 31.63 -38.08 4.99
N VAL C 166 30.70 -38.00 5.95
CA VAL C 166 31.09 -38.26 7.32
C VAL C 166 31.36 -39.75 7.54
N SER C 167 30.83 -40.62 6.68
CA SER C 167 31.06 -42.05 6.79
C SER C 167 32.37 -42.51 6.15
N SER C 168 33.04 -41.65 5.38
CA SER C 168 34.29 -42.04 4.77
C SER C 168 35.43 -41.86 5.77
N THR C 169 36.62 -42.36 5.41
CA THR C 169 37.75 -42.28 6.31
C THR C 169 38.99 -41.70 5.64
N GLN C 178 36.70 -39.35 13.71
CA GLN C 178 37.42 -38.09 13.72
C GLN C 178 36.99 -37.20 12.54
N THR C 179 36.25 -37.78 11.60
CA THR C 179 35.77 -37.04 10.43
C THR C 179 34.62 -36.14 10.82
N ARG C 180 34.83 -34.83 10.74
CA ARG C 180 33.77 -33.86 11.00
C ARG C 180 33.43 -33.12 9.72
N VAL C 181 32.14 -32.84 9.52
CA VAL C 181 31.65 -32.03 8.41
C VAL C 181 31.01 -30.78 8.97
N LEU C 182 31.36 -29.63 8.38
CA LEU C 182 30.72 -28.35 8.70
C LEU C 182 29.76 -27.98 7.59
N TYR C 183 28.49 -27.82 7.95
CA TYR C 183 27.43 -27.47 7.02
C TYR C 183 27.09 -26.00 7.18
N VAL C 184 27.11 -25.27 6.06
CA VAL C 184 26.91 -23.81 6.05
C VAL C 184 25.75 -23.53 5.10
N ASP C 185 24.69 -22.94 5.62
CA ASP C 185 23.46 -22.74 4.86
C ASP C 185 23.21 -21.24 4.68
N LEU C 186 23.52 -20.70 3.50
CA LEU C 186 23.38 -19.27 3.20
C LEU C 186 22.01 -18.90 2.63
N ASP C 187 21.14 -19.88 2.41
CA ASP C 187 19.82 -19.65 1.85
C ASP C 187 19.03 -18.66 2.71
N LEU C 188 18.07 -17.99 2.10
CA LEU C 188 17.22 -17.06 2.85
C LEU C 188 16.46 -17.76 3.97
N HIS C 189 16.18 -19.05 3.79
CA HIS C 189 15.32 -19.79 4.71
C HIS C 189 16.16 -20.68 5.61
N HIS C 190 15.63 -20.97 6.79
CA HIS C 190 16.28 -21.87 7.74
C HIS C 190 16.46 -23.27 7.17
N GLY C 191 17.68 -23.80 7.23
CA GLY C 191 17.91 -25.14 6.75
C GLY C 191 17.44 -26.21 7.72
N ASP C 192 16.12 -26.29 7.93
CA ASP C 192 15.55 -27.11 9.00
C ASP C 192 15.73 -28.61 8.75
N GLY C 193 15.61 -29.06 7.50
CA GLY C 193 15.72 -30.50 7.23
C GLY C 193 17.11 -31.05 7.49
N VAL C 194 18.16 -30.33 7.06
CA VAL C 194 19.52 -30.75 7.35
C VAL C 194 19.78 -30.70 8.85
N GLU C 195 19.33 -29.65 9.52
CA GLU C 195 19.57 -29.51 10.94
C GLU C 195 18.91 -30.65 11.72
N GLU C 196 17.70 -31.02 11.32
CA GLU C 196 16.96 -32.05 12.04
C GLU C 196 17.58 -33.42 11.84
N ALA C 197 18.13 -33.69 10.65
CA ALA C 197 18.75 -34.99 10.40
C ALA C 197 19.97 -35.21 11.27
N PHE C 198 20.72 -34.16 11.62
CA PHE C 198 21.94 -34.31 12.39
C PHE C 198 21.83 -33.72 13.80
N TRP C 199 20.61 -33.49 14.28
CA TRP C 199 20.36 -32.87 15.58
C TRP C 199 21.06 -33.59 16.73
N TYR C 200 21.19 -34.92 16.64
CA TYR C 200 21.80 -35.76 17.67
C TYR C 200 23.23 -36.18 17.33
N SER C 201 23.84 -35.59 16.29
CA SER C 201 25.15 -36.06 15.82
C SER C 201 26.19 -34.96 16.01
N PRO C 202 27.24 -35.19 16.82
CA PRO C 202 28.28 -34.15 16.95
C PRO C 202 29.18 -34.02 15.74
N ARG C 203 29.29 -35.04 14.89
CA ARG C 203 30.26 -35.01 13.81
C ARG C 203 29.81 -34.18 12.61
N VAL C 204 28.58 -33.69 12.59
CA VAL C 204 28.10 -32.77 11.55
C VAL C 204 27.59 -31.53 12.26
N VAL C 205 28.35 -30.43 12.17
CA VAL C 205 27.93 -29.16 12.75
C VAL C 205 27.19 -28.37 11.68
N THR C 206 25.94 -28.03 11.95
CA THR C 206 25.12 -27.30 11.00
C THR C 206 25.08 -25.84 11.43
N PHE C 207 25.21 -24.94 10.46
CA PHE C 207 25.12 -23.50 10.71
C PHE C 207 24.27 -22.88 9.63
N SER C 208 23.16 -22.25 10.02
CA SER C 208 22.27 -21.60 9.06
C SER C 208 22.08 -20.14 9.42
N VAL C 209 22.31 -19.24 8.44
CA VAL C 209 21.94 -17.83 8.54
C VAL C 209 20.70 -17.64 7.68
N HIS C 210 19.76 -16.79 8.12
CA HIS C 210 18.47 -16.80 7.44
C HIS C 210 17.59 -15.72 8.03
N HIS C 211 16.52 -15.40 7.31
CA HIS C 211 15.45 -14.63 7.89
C HIS C 211 14.54 -15.54 8.73
N ALA C 212 14.10 -15.00 9.87
CA ALA C 212 13.05 -15.60 10.68
C ALA C 212 12.18 -14.49 11.24
N SER C 213 10.87 -14.71 11.23
CA SER C 213 9.86 -13.79 11.71
C SER C 213 8.52 -14.53 11.75
N PRO C 214 7.51 -13.99 12.44
CA PRO C 214 6.30 -14.79 12.70
C PRO C 214 5.52 -15.11 11.42
N GLY C 215 5.25 -16.41 11.23
CA GLY C 215 4.55 -16.87 10.06
C GLY C 215 5.43 -17.05 8.83
N PHE C 216 6.72 -16.73 8.90
CA PHE C 216 7.65 -16.89 7.77
C PHE C 216 8.17 -18.32 7.73
N PHE C 217 8.07 -18.97 6.57
CA PHE C 217 8.50 -20.37 6.40
C PHE C 217 10.00 -20.57 6.67
N PRO C 218 10.38 -21.69 7.32
CA PRO C 218 9.55 -22.75 7.89
C PRO C 218 9.29 -22.54 9.39
N GLY C 219 9.74 -21.42 9.96
CA GLY C 219 9.40 -21.04 11.31
C GLY C 219 10.47 -21.33 12.36
N THR C 220 11.41 -22.22 12.05
CA THR C 220 12.44 -22.63 13.00
C THR C 220 13.67 -21.75 12.84
N GLY C 221 14.73 -22.10 13.56
CA GLY C 221 15.99 -21.38 13.47
C GLY C 221 16.05 -20.10 14.27
N THR C 222 15.21 -19.95 15.29
CA THR C 222 15.16 -18.72 16.09
C THR C 222 14.76 -19.07 17.53
N TRP C 223 14.38 -18.04 18.28
CA TRP C 223 14.10 -18.22 19.70
C TRP C 223 12.92 -19.16 19.93
N ASN C 224 13.05 -19.99 20.95
CA ASN C 224 11.99 -20.88 21.43
C ASN C 224 11.43 -20.29 22.73
N MET C 225 10.12 -20.01 22.72
CA MET C 225 9.45 -19.54 23.93
C MET C 225 8.64 -20.65 24.57
N LYS C 230 10.27 -18.00 32.20
CA LYS C 230 11.58 -18.27 31.63
C LYS C 230 11.78 -17.57 30.27
N LEU C 231 12.86 -16.80 30.18
CA LEU C 231 13.34 -16.15 28.97
C LEU C 231 13.38 -17.14 27.81
N PRO C 232 13.24 -16.68 26.57
CA PRO C 232 13.41 -17.59 25.43
C PRO C 232 14.84 -18.06 25.31
N ILE C 233 15.00 -19.22 24.67
CA ILE C 233 16.30 -19.86 24.46
C ILE C 233 16.39 -20.40 23.05
N PHE C 234 17.63 -20.58 22.58
CA PHE C 234 17.91 -21.27 21.32
C PHE C 234 18.15 -22.75 21.61
N LEU C 235 17.29 -23.61 21.09
CA LEU C 235 17.66 -25.02 21.00
C LEU C 235 18.83 -25.15 20.03
N ASN C 236 19.73 -26.13 20.31
CA ASN C 236 20.98 -26.21 19.55
C ASN C 236 21.51 -27.65 19.42
N GLY C 237 20.62 -28.63 19.44
CA GLY C 237 21.02 -30.01 19.37
C GLY C 237 20.72 -30.73 20.67
N ALA C 238 20.72 -32.05 20.60
CA ALA C 238 20.35 -32.81 21.78
C ALA C 238 21.27 -34.02 21.89
N GLY C 239 21.39 -34.52 23.12
CA GLY C 239 22.18 -35.70 23.37
C GLY C 239 23.64 -35.47 23.08
N ARG C 240 24.25 -36.43 22.36
CA ARG C 240 25.60 -36.22 21.86
C ARG C 240 25.68 -35.03 20.91
N GLY C 241 24.58 -34.65 20.30
CA GLY C 241 24.59 -33.49 19.42
C GLY C 241 24.33 -32.17 20.12
N ARG C 242 24.30 -32.11 21.44
CA ARG C 242 24.09 -30.81 22.08
C ARG C 242 25.16 -29.81 21.62
N PHE C 243 24.74 -28.56 21.43
CA PHE C 243 25.60 -27.44 21.05
C PHE C 243 26.09 -27.51 19.60
N SER C 244 25.60 -28.46 18.81
CA SER C 244 26.16 -28.75 17.48
C SER C 244 25.32 -28.20 16.32
N ALA C 245 24.22 -27.51 16.60
CA ALA C 245 23.38 -26.89 15.59
C ALA C 245 23.35 -25.40 15.86
N PHE C 246 23.85 -24.60 14.92
CA PHE C 246 23.99 -23.16 15.09
C PHE C 246 23.01 -22.41 14.16
N ASN C 247 22.48 -21.30 14.65
CA ASN C 247 21.49 -20.52 13.89
C ASN C 247 21.70 -19.03 14.13
N LEU C 248 21.62 -18.26 13.06
CA LEU C 248 21.70 -16.80 13.12
C LEU C 248 20.52 -16.23 12.36
N PRO C 249 19.41 -15.95 13.05
CA PRO C 249 18.27 -15.30 12.40
C PRO C 249 18.48 -13.80 12.32
N LEU C 250 18.20 -13.23 11.14
CA LEU C 250 18.39 -11.80 10.90
C LEU C 250 17.10 -11.17 10.39
N GLU C 251 16.92 -9.89 10.71
CA GLU C 251 15.73 -9.14 10.30
C GLU C 251 15.79 -8.80 8.81
N GLU C 252 14.64 -8.46 8.25
CA GLU C 252 14.62 -8.17 6.82
C GLU C 252 15.37 -6.88 6.51
N GLY C 253 15.87 -6.82 5.28
CA GLY C 253 16.50 -5.61 4.75
C GLY C 253 18.01 -5.61 4.73
N ILE C 254 18.68 -6.65 5.24
CA ILE C 254 20.12 -6.61 5.44
C ILE C 254 20.85 -6.53 4.10
N ASN C 255 21.95 -5.77 4.08
CA ASN C 255 22.70 -5.60 2.83
C ASN C 255 23.96 -6.45 2.83
N ASP C 256 24.73 -6.35 1.73
CA ASP C 256 25.94 -7.16 1.58
C ASP C 256 26.88 -6.97 2.76
N LEU C 257 27.18 -5.73 3.10
CA LEU C 257 28.23 -5.47 4.08
C LEU C 257 27.83 -5.97 5.47
N ASP C 258 26.58 -5.73 5.87
CA ASP C 258 26.16 -6.15 7.20
C ASP C 258 26.03 -7.68 7.29
N TRP C 259 25.56 -8.31 6.22
CA TRP C 259 25.47 -9.77 6.19
C TRP C 259 26.86 -10.40 6.24
N SER C 260 27.80 -9.85 5.45
CA SER C 260 29.20 -10.29 5.46
C SER C 260 29.81 -10.19 6.85
N ASN C 261 29.65 -9.03 7.49
CA ASN C 261 30.20 -8.85 8.84
C ASN C 261 29.49 -9.74 9.86
N ALA C 262 28.23 -10.06 9.61
CA ALA C 262 27.49 -10.93 10.52
C ALA C 262 28.07 -12.34 10.55
N ILE C 263 28.34 -12.92 9.38
CA ILE C 263 28.72 -14.33 9.36
C ILE C 263 30.22 -14.57 9.23
N GLY C 264 31.00 -13.59 8.79
CA GLY C 264 32.41 -13.80 8.59
C GLY C 264 33.17 -14.33 9.79
N PRO C 265 33.09 -13.62 10.93
CA PRO C 265 33.81 -14.09 12.12
C PRO C 265 33.25 -15.37 12.69
N ILE C 266 31.95 -15.62 12.54
CA ILE C 266 31.39 -16.89 12.98
C ILE C 266 31.95 -18.05 12.15
N LEU C 267 31.94 -17.89 10.82
CA LEU C 267 32.49 -18.90 9.91
C LEU C 267 33.94 -19.23 10.25
N ASP C 268 34.79 -18.22 10.38
CA ASP C 268 36.21 -18.42 10.73
C ASP C 268 36.36 -19.11 12.08
N SER C 269 35.53 -18.72 13.06
CA SER C 269 35.60 -19.33 14.38
C SER C 269 35.20 -20.79 14.31
N LEU C 270 34.12 -21.09 13.57
CA LEU C 270 33.71 -22.47 13.39
C LEU C 270 34.85 -23.30 12.80
N ASN C 271 35.54 -22.77 11.80
CA ASN C 271 36.64 -23.52 11.19
C ASN C 271 37.76 -23.77 12.20
N ILE C 272 38.12 -22.74 12.98
CA ILE C 272 39.21 -22.88 13.95
C ILE C 272 38.88 -23.97 14.97
N VAL C 273 37.69 -23.90 15.55
CA VAL C 273 37.37 -24.84 16.61
C VAL C 273 37.04 -26.22 16.05
N ILE C 274 36.20 -26.29 15.02
CA ILE C 274 35.72 -27.60 14.60
C ILE C 274 36.77 -28.35 13.78
N GLN C 275 37.57 -27.64 12.99
CA GLN C 275 38.50 -28.24 12.05
C GLN C 275 37.84 -29.32 11.19
N PRO C 276 36.83 -28.96 10.40
CA PRO C 276 36.13 -29.96 9.59
C PRO C 276 37.01 -30.57 8.50
N SER C 277 36.70 -31.83 8.16
CA SER C 277 37.40 -32.51 7.08
C SER C 277 36.79 -32.18 5.74
N TYR C 278 35.53 -31.75 5.75
CA TYR C 278 34.83 -31.30 4.57
C TYR C 278 33.89 -30.18 4.99
N VAL C 279 33.65 -29.25 4.08
CA VAL C 279 32.65 -28.22 4.27
C VAL C 279 31.59 -28.41 3.18
N VAL C 280 30.33 -28.34 3.55
CA VAL C 280 29.23 -28.40 2.58
C VAL C 280 28.48 -27.10 2.67
N VAL C 281 28.33 -26.41 1.53
CA VAL C 281 27.74 -25.08 1.51
C VAL C 281 26.47 -25.11 0.67
N GLN C 282 25.35 -24.69 1.26
CA GLN C 282 24.12 -24.48 0.50
C GLN C 282 24.08 -23.00 0.14
N CYS C 283 24.02 -22.69 -1.18
CA CYS C 283 24.18 -21.31 -1.65
CA CYS C 283 24.18 -21.33 -1.69
C CYS C 283 22.90 -20.80 -2.33
N GLY C 284 21.75 -21.03 -1.69
CA GLY C 284 20.48 -20.55 -2.19
C GLY C 284 20.45 -19.05 -2.46
N ALA C 285 19.99 -18.67 -3.65
CA ALA C 285 20.13 -17.31 -4.15
C ALA C 285 18.97 -16.41 -3.80
N ASP C 286 18.04 -16.87 -2.96
CA ASP C 286 16.88 -16.05 -2.66
C ASP C 286 17.16 -14.92 -1.69
N CYS C 287 18.42 -14.70 -1.28
CA CYS C 287 18.75 -13.48 -0.52
C CYS C 287 19.05 -12.28 -1.42
N LEU C 288 19.08 -12.45 -2.74
CA LEU C 288 19.36 -11.30 -3.59
C LEU C 288 18.24 -10.26 -3.50
N ALA C 289 18.62 -8.98 -3.60
CA ALA C 289 17.68 -7.87 -3.51
C ALA C 289 16.60 -7.92 -4.58
N THR C 290 16.85 -8.59 -5.70
CA THR C 290 15.92 -8.68 -6.82
C THR C 290 15.17 -10.00 -6.85
N ASP C 291 15.41 -10.88 -5.89
CA ASP C 291 14.57 -12.06 -5.77
C ASP C 291 13.13 -11.63 -5.43
N PRO C 292 12.12 -12.32 -5.98
CA PRO C 292 10.73 -12.01 -5.62
C PRO C 292 10.43 -12.11 -4.14
N MET C 293 11.22 -12.89 -3.39
CA MET C 293 11.06 -12.91 -1.94
C MET C 293 11.12 -11.50 -1.36
N ARG C 294 12.01 -10.67 -1.90
CA ARG C 294 12.15 -9.28 -1.45
C ARG C 294 12.36 -9.21 0.06
N ILE C 295 13.38 -9.94 0.55
CA ILE C 295 13.57 -9.95 2.01
C ILE C 295 14.93 -9.37 2.39
N PHE C 296 16.00 -10.01 1.95
CA PHE C 296 17.31 -9.40 2.08
C PHE C 296 17.65 -8.59 0.80
N ARG C 297 18.77 -7.89 0.86
CA ARG C 297 19.17 -6.98 -0.20
C ARG C 297 20.62 -7.23 -0.61
N LEU C 298 20.95 -8.50 -0.81
CA LEU C 298 22.30 -8.87 -1.24
C LEU C 298 22.43 -8.69 -2.75
N THR C 299 23.69 -8.67 -3.24
CA THR C 299 23.96 -8.48 -4.67
C THR C 299 24.90 -9.58 -5.16
N ASN C 300 25.16 -9.60 -6.48
CA ASN C 300 26.25 -10.38 -7.07
C ASN C 300 27.45 -9.51 -7.48
N PHE C 301 27.57 -8.30 -6.92
CA PHE C 301 28.60 -7.36 -7.35
C PHE C 301 30.00 -7.83 -6.94
N TYR C 302 30.97 -7.51 -7.78
CA TYR C 302 32.35 -7.95 -7.57
C TYR C 302 33.26 -6.86 -8.14
N PRO C 303 33.77 -5.96 -7.31
CA PRO C 303 34.53 -4.79 -7.81
C PRO C 303 35.90 -5.14 -8.37
N LEU C 317 30.84 -5.31 -2.41
CA LEU C 317 31.09 -6.73 -2.68
C LEU C 317 29.91 -7.62 -2.22
N SER C 318 29.47 -8.50 -3.11
CA SER C 318 28.46 -9.50 -2.78
C SER C 318 28.79 -10.26 -1.50
N GLY C 319 27.83 -10.27 -0.55
CA GLY C 319 28.03 -11.06 0.65
C GLY C 319 28.25 -12.52 0.33
N TYR C 320 27.48 -13.04 -0.64
CA TYR C 320 27.68 -14.39 -1.14
C TYR C 320 29.14 -14.66 -1.53
N LEU C 321 29.72 -13.83 -2.39
CA LEU C 321 31.08 -14.12 -2.82
C LEU C 321 32.05 -13.90 -1.68
N TYR C 322 31.76 -12.95 -0.80
CA TYR C 322 32.61 -12.76 0.37
C TYR C 322 32.69 -14.04 1.18
N ALA C 323 31.54 -14.65 1.47
CA ALA C 323 31.55 -15.83 2.31
C ALA C 323 32.15 -17.03 1.59
N ILE C 324 31.89 -17.19 0.28
CA ILE C 324 32.48 -18.31 -0.46
C ILE C 324 34.00 -18.18 -0.48
N LYS C 325 34.52 -16.97 -0.74
CA LYS C 325 35.96 -16.79 -0.80
C LYS C 325 36.60 -17.08 0.56
N LYS C 326 35.95 -16.66 1.64
CA LYS C 326 36.44 -16.99 2.99
C LYS C 326 36.47 -18.50 3.22
N ILE C 327 35.40 -19.20 2.85
CA ILE C 327 35.33 -20.64 3.08
C ILE C 327 36.43 -21.37 2.31
N LEU C 328 36.61 -21.00 1.04
CA LEU C 328 37.63 -21.62 0.21
C LEU C 328 39.05 -21.25 0.64
N SER C 329 39.22 -20.12 1.33
CA SER C 329 40.51 -19.78 1.90
C SER C 329 40.97 -20.78 2.95
N TRP C 330 40.05 -21.54 3.54
CA TRP C 330 40.48 -22.52 4.54
C TRP C 330 41.15 -23.74 3.91
N LYS C 331 41.00 -23.93 2.60
CA LYS C 331 41.59 -25.08 1.88
C LYS C 331 41.10 -26.41 2.45
N VAL C 332 39.81 -26.51 2.71
CA VAL C 332 39.14 -27.74 3.12
C VAL C 332 38.32 -28.22 1.92
N PRO C 333 38.37 -29.51 1.58
CA PRO C 333 37.50 -30.02 0.50
C PRO C 333 36.05 -29.62 0.74
N THR C 334 35.40 -29.14 -0.32
CA THR C 334 34.14 -28.41 -0.19
C THR C 334 33.17 -28.81 -1.27
N LEU C 335 31.91 -28.95 -0.89
CA LEU C 335 30.80 -29.16 -1.80
C LEU C 335 29.98 -27.87 -1.81
N ILE C 336 29.76 -27.28 -2.98
CA ILE C 336 28.94 -26.08 -3.10
C ILE C 336 27.63 -26.42 -3.80
N LEU C 337 26.50 -26.23 -3.11
CA LEU C 337 25.20 -26.62 -3.64
C LEU C 337 24.35 -25.38 -3.88
N GLY C 338 23.31 -25.55 -4.69
CA GLY C 338 22.35 -24.49 -4.96
C GLY C 338 21.27 -24.41 -3.91
N GLY C 339 20.03 -24.19 -4.32
CA GLY C 339 18.92 -24.08 -3.37
C GLY C 339 17.85 -23.15 -3.91
N GLY C 340 17.34 -22.30 -3.02
CA GLY C 340 16.33 -21.34 -3.45
C GLY C 340 16.90 -20.29 -4.40
N GLY C 341 15.98 -19.59 -5.06
CA GLY C 341 16.33 -18.60 -6.07
C GLY C 341 15.27 -18.47 -7.14
N TYR C 342 14.43 -17.44 -7.08
CA TYR C 342 13.20 -17.45 -7.86
C TYR C 342 13.14 -16.38 -8.95
N ASN C 343 14.16 -15.54 -9.06
CA ASN C 343 14.45 -14.71 -10.23
C ASN C 343 15.51 -15.51 -10.98
N PHE C 344 15.08 -16.26 -12.02
CA PHE C 344 16.00 -17.24 -12.60
C PHE C 344 17.24 -16.58 -13.23
N PRO C 345 17.13 -15.52 -14.03
CA PRO C 345 18.35 -14.95 -14.62
C PRO C 345 19.26 -14.31 -13.58
N ASP C 346 18.71 -13.70 -12.52
CA ASP C 346 19.58 -13.19 -11.47
C ASP C 346 20.24 -14.34 -10.70
N THR C 347 19.54 -15.46 -10.52
CA THR C 347 20.16 -16.63 -9.91
C THR C 347 21.33 -17.14 -10.75
N ALA C 348 21.11 -17.21 -12.07
CA ALA C 348 22.22 -17.54 -12.97
C ALA C 348 23.36 -16.52 -12.88
N ARG C 349 23.03 -15.23 -12.72
CA ARG C 349 24.07 -14.19 -12.60
C ARG C 349 24.95 -14.40 -11.36
N LEU C 350 24.34 -14.68 -10.20
CA LEU C 350 25.14 -14.94 -8.99
C LEU C 350 25.93 -16.24 -9.12
N TRP C 351 25.25 -17.33 -9.47
CA TRP C 351 25.94 -18.62 -9.45
C TRP C 351 27.03 -18.71 -10.51
N THR C 352 26.96 -17.88 -11.55
CA THR C 352 28.05 -17.84 -12.50
C THR C 352 29.26 -17.15 -11.88
N ARG C 353 29.05 -16.06 -11.13
CA ARG C 353 30.15 -15.42 -10.42
C ARG C 353 30.73 -16.32 -9.34
N VAL C 354 29.88 -17.06 -8.63
CA VAL C 354 30.39 -17.99 -7.62
C VAL C 354 31.27 -19.05 -8.29
N THR C 355 30.84 -19.55 -9.44
CA THR C 355 31.64 -20.56 -10.15
C THR C 355 33.00 -19.99 -10.54
N ALA C 356 33.01 -18.77 -11.09
CA ALA C 356 34.27 -18.17 -11.53
C ALA C 356 35.17 -17.89 -10.34
N LEU C 357 34.61 -17.41 -9.24
CA LEU C 357 35.40 -17.17 -8.03
C LEU C 357 36.04 -18.46 -7.52
N THR C 358 35.29 -19.56 -7.56
CA THR C 358 35.82 -20.83 -7.09
C THR C 358 36.98 -21.30 -7.96
N ILE C 359 36.90 -21.10 -9.28
CA ILE C 359 38.04 -21.42 -10.14
C ILE C 359 39.24 -20.59 -9.74
N GLU C 360 39.05 -19.27 -9.61
CA GLU C 360 40.15 -18.39 -9.24
C GLU C 360 40.80 -18.83 -7.95
N GLU C 361 39.99 -19.07 -6.90
CA GLU C 361 40.56 -19.33 -5.59
C GLU C 361 41.22 -20.71 -5.54
N VAL C 362 40.66 -21.70 -6.24
CA VAL C 362 41.21 -23.04 -6.14
C VAL C 362 42.38 -23.24 -7.08
N LYS C 363 42.24 -22.82 -8.33
CA LYS C 363 43.28 -23.04 -9.33
C LYS C 363 44.30 -21.88 -9.40
N GLY C 364 44.02 -20.76 -8.73
CA GLY C 364 44.93 -19.62 -8.81
C GLY C 364 44.96 -18.99 -10.18
N LYS C 365 43.82 -18.98 -10.87
CA LYS C 365 43.75 -18.63 -12.28
C LYS C 365 42.72 -17.53 -12.47
N LYS C 366 43.15 -16.38 -13.00
CA LYS C 366 42.28 -15.23 -13.13
C LYS C 366 41.14 -15.51 -14.10
N MET C 367 39.91 -15.30 -13.65
CA MET C 367 38.72 -15.51 -14.46
C MET C 367 38.06 -14.14 -14.65
N THR C 368 38.36 -13.50 -15.76
CA THR C 368 37.77 -12.20 -16.06
C THR C 368 36.44 -12.43 -16.76
N ILE C 369 35.38 -11.90 -16.17
CA ILE C 369 34.04 -12.06 -16.72
C ILE C 369 33.61 -10.73 -17.36
N SER C 370 33.23 -10.77 -18.63
CA SER C 370 32.73 -9.58 -19.28
C SER C 370 31.48 -9.04 -18.57
N PRO C 371 31.36 -7.72 -18.42
CA PRO C 371 30.12 -7.17 -17.85
C PRO C 371 28.90 -7.30 -18.76
N GLU C 372 29.08 -7.49 -20.08
CA GLU C 372 27.95 -7.78 -20.96
C GLU C 372 27.73 -9.29 -21.05
N ILE C 373 26.47 -9.69 -20.96
CA ILE C 373 26.15 -11.12 -21.08
C ILE C 373 26.59 -11.62 -22.45
N PRO C 374 27.20 -12.80 -22.55
CA PRO C 374 27.60 -13.30 -23.87
C PRO C 374 26.41 -13.80 -24.67
N GLU C 375 26.59 -13.77 -25.98
CA GLU C 375 25.65 -14.43 -26.88
C GLU C 375 25.48 -15.89 -26.49
N HIS C 376 24.23 -16.31 -26.31
CA HIS C 376 23.87 -17.71 -26.10
C HIS C 376 22.35 -17.79 -26.21
N SER C 377 21.83 -19.01 -26.29
CA SER C 377 20.42 -19.15 -26.63
C SER C 377 19.46 -18.64 -25.55
N TYR C 378 19.95 -18.30 -24.36
CA TYR C 378 19.12 -17.66 -23.35
C TYR C 378 19.42 -16.18 -23.19
N PHE C 379 20.15 -15.59 -24.14
CA PHE C 379 20.55 -14.17 -24.04
C PHE C 379 19.36 -13.28 -23.74
N SER C 380 18.24 -13.48 -24.45
CA SER C 380 17.06 -12.65 -24.28
C SER C 380 16.48 -12.69 -22.85
N ARG C 381 16.86 -13.67 -22.02
CA ARG C 381 16.32 -13.67 -20.66
C ARG C 381 16.99 -12.65 -19.76
N TYR C 382 18.11 -12.05 -20.18
CA TYR C 382 18.86 -11.13 -19.32
C TYR C 382 18.57 -9.67 -19.64
N GLY C 383 17.36 -9.36 -20.13
CA GLY C 383 17.02 -7.98 -20.45
C GLY C 383 16.46 -7.26 -19.26
N PRO C 384 16.27 -5.93 -19.35
CA PRO C 384 16.54 -5.03 -20.46
C PRO C 384 18.01 -4.65 -20.63
N ASP C 385 18.85 -4.93 -19.62
CA ASP C 385 20.23 -4.46 -19.57
C ASP C 385 21.20 -5.38 -20.29
N PHE C 386 20.99 -6.68 -20.22
CA PHE C 386 21.93 -7.70 -20.72
C PHE C 386 23.32 -7.54 -20.09
N GLU C 387 23.35 -7.20 -18.81
CA GLU C 387 24.58 -7.07 -18.05
C GLU C 387 24.63 -8.09 -16.92
N LEU C 388 25.85 -8.35 -16.44
CA LEU C 388 26.05 -9.38 -15.43
C LEU C 388 25.63 -8.91 -14.03
N ASP C 389 25.95 -7.67 -13.65
CA ASP C 389 25.49 -7.19 -12.36
C ASP C 389 23.97 -7.21 -12.34
N ILE C 390 23.39 -7.64 -11.21
CA ILE C 390 21.95 -7.53 -11.10
C ILE C 390 21.55 -6.06 -11.13
N ASP C 391 20.30 -5.82 -11.53
CA ASP C 391 19.80 -4.47 -11.78
C ASP C 391 19.22 -3.93 -10.47
N TYR C 392 20.11 -3.42 -9.63
CA TYR C 392 19.72 -3.01 -8.29
C TYR C 392 20.69 -1.94 -7.82
N PHE C 393 20.16 -0.94 -7.13
CA PHE C 393 20.94 0.16 -6.61
C PHE C 393 20.93 0.18 -5.08
N PRO C 394 21.97 -0.36 -4.43
CA PRO C 394 21.99 -0.43 -2.96
C PRO C 394 22.07 0.93 -2.31
N HIS C 395 21.41 1.04 -1.16
CA HIS C 395 21.26 2.32 -0.47
C HIS C 395 21.22 2.14 1.04
N ASP C 403 20.39 -2.15 15.28
CA ASP C 403 20.21 -3.27 14.36
C ASP C 403 21.33 -4.29 14.48
N SER C 404 22.29 -4.01 15.36
CA SER C 404 23.46 -4.87 15.47
C SER C 404 23.10 -6.18 16.16
N ILE C 405 24.03 -7.13 16.09
CA ILE C 405 23.75 -8.50 16.51
C ILE C 405 24.90 -8.98 17.38
N GLN C 406 25.51 -8.09 18.17
CA GLN C 406 26.66 -8.52 18.94
C GLN C 406 26.26 -9.52 20.02
N LYS C 407 25.03 -9.46 20.53
CA LYS C 407 24.64 -10.49 21.52
C LYS C 407 24.48 -11.88 20.87
N HIS C 408 24.14 -11.92 19.59
CA HIS C 408 24.14 -13.18 18.84
C HIS C 408 25.56 -13.72 18.71
N HIS C 409 26.52 -12.86 18.34
CA HIS C 409 27.93 -13.27 18.32
C HIS C 409 28.35 -13.89 19.65
N ARG C 410 28.04 -13.21 20.75
CA ARG C 410 28.43 -13.70 22.07
C ARG C 410 27.73 -15.01 22.39
N ARG C 411 26.45 -15.12 22.02
CA ARG C 411 25.71 -16.35 22.23
C ARG C 411 26.28 -17.49 21.39
N ILE C 412 26.58 -17.22 20.12
CA ILE C 412 27.07 -18.29 19.25
C ILE C 412 28.47 -18.74 19.68
N LEU C 413 29.33 -17.79 20.10
CA LEU C 413 30.64 -18.18 20.62
C LEU C 413 30.56 -18.93 21.95
N GLU C 414 29.56 -18.62 22.79
CA GLU C 414 29.35 -19.43 23.97
C GLU C 414 28.99 -20.86 23.58
N GLN C 415 28.10 -21.00 22.60
CA GLN C 415 27.75 -22.34 22.12
C GLN C 415 28.98 -23.09 21.63
N LEU C 416 29.81 -22.41 20.83
CA LEU C 416 31.01 -23.05 20.27
C LEU C 416 31.96 -23.53 21.35
N ARG C 417 32.09 -22.77 22.44
CA ARG C 417 32.90 -23.23 23.57
C ARG C 417 32.26 -24.46 24.21
N ASN C 418 30.95 -24.41 24.40
CA ASN C 418 30.23 -25.55 24.96
C ASN C 418 30.38 -26.78 24.07
N TYR C 419 30.36 -26.60 22.74
CA TYR C 419 30.57 -27.74 21.84
C TYR C 419 31.95 -28.34 22.04
N ALA C 420 32.99 -27.50 22.13
CA ALA C 420 34.35 -28.02 22.25
C ALA C 420 34.55 -28.75 23.58
N ASP C 421 33.92 -28.26 24.64
CA ASP C 421 34.05 -28.91 25.95
C ASP C 421 33.39 -30.28 25.96
N LEU C 422 32.15 -30.37 25.50
CA LEU C 422 31.47 -31.67 25.42
C LEU C 422 32.25 -32.67 24.59
N ASN C 423 32.89 -32.21 23.52
CA ASN C 423 33.47 -33.12 22.55
C ASN C 423 34.98 -33.27 22.70
N LYS C 424 35.56 -32.74 23.79
CA LYS C 424 36.99 -32.90 24.10
C LYS C 424 37.87 -32.33 23.00
N LEU C 425 37.50 -31.18 22.44
CA LEU C 425 38.26 -30.54 21.40
C LEU C 425 39.06 -29.37 21.96
N ILE C 426 40.22 -29.13 21.36
CA ILE C 426 40.99 -27.92 21.67
C ILE C 426 40.15 -26.69 21.35
N TYR C 427 40.06 -25.77 22.31
CA TYR C 427 39.43 -24.47 22.12
C TYR C 427 40.52 -23.43 22.25
N ASP C 428 40.95 -22.87 21.12
CA ASP C 428 42.08 -21.95 21.07
C ASP C 428 41.56 -20.53 21.24
N TYR C 429 41.41 -20.12 22.49
CA TYR C 429 40.87 -18.79 22.80
C TYR C 429 41.68 -17.68 22.14
N ASP C 430 43.00 -17.82 22.10
CA ASP C 430 43.82 -16.74 21.59
C ASP C 430 43.56 -16.49 20.11
N GLN C 431 43.39 -17.56 19.32
CA GLN C 431 43.13 -17.35 17.90
C GLN C 431 41.74 -16.77 17.67
N VAL C 432 40.73 -17.30 18.38
CA VAL C 432 39.38 -16.78 18.21
C VAL C 432 39.30 -15.33 18.67
N TYR C 433 39.98 -15.01 19.79
CA TYR C 433 40.01 -13.62 20.26
C TYR C 433 40.67 -12.73 19.23
N GLN C 434 41.85 -13.11 18.75
CA GLN C 434 42.55 -12.30 17.75
C GLN C 434 41.64 -12.00 16.56
N LEU C 435 41.00 -13.04 16.05
CA LEU C 435 39.97 -12.95 15.03
C LEU C 435 38.96 -11.84 15.32
N TYR C 436 38.22 -11.96 16.42
CA TYR C 436 37.22 -10.95 16.77
C TYR C 436 37.85 -9.62 17.14
N ASN C 437 39.12 -9.62 17.54
CA ASN C 437 39.81 -8.38 17.89
C ASN C 437 40.11 -7.56 16.64
N LEU C 438 40.20 -8.21 15.48
CA LEU C 438 40.34 -7.48 14.23
C LEU C 438 39.23 -6.43 14.10
N THR C 439 38.03 -6.77 14.55
CA THR C 439 36.86 -5.91 14.44
C THR C 439 36.62 -5.06 15.69
N GLY C 440 37.43 -5.22 16.74
CA GLY C 440 37.20 -4.54 17.99
C GLY C 440 36.29 -5.26 18.95
N MET C 441 35.99 -6.53 18.69
CA MET C 441 34.99 -7.27 19.45
C MET C 441 35.58 -8.46 20.20
N GLY C 442 36.87 -8.39 20.53
CA GLY C 442 37.49 -9.47 21.29
C GLY C 442 36.78 -9.76 22.61
N SER C 443 36.21 -8.73 23.23
CA SER C 443 35.49 -8.92 24.49
C SER C 443 34.35 -9.92 24.37
N LEU C 444 33.84 -10.16 23.16
CA LEU C 444 32.73 -11.09 23.00
C LEU C 444 33.17 -12.55 23.12
N VAL C 445 34.47 -12.81 23.01
CA VAL C 445 34.99 -14.18 22.97
C VAL C 445 35.13 -14.75 24.38
N PRO C 446 34.47 -15.86 24.69
CA PRO C 446 34.61 -16.47 26.02
C PRO C 446 35.88 -17.30 26.15
N ARG C 447 36.31 -17.49 27.39
CA ARG C 447 37.56 -18.23 27.65
C ARG C 447 37.31 -19.72 27.86
N SER D 3 -13.31 -36.24 1.46
CA SER D 3 -12.12 -36.11 2.30
C SER D 3 -12.41 -35.20 3.49
N VAL D 4 -12.05 -35.66 4.69
CA VAL D 4 -12.13 -34.85 5.91
C VAL D 4 -10.71 -34.48 6.31
N GLY D 5 -10.43 -33.17 6.36
CA GLY D 5 -9.12 -32.68 6.72
C GLY D 5 -9.07 -32.28 8.19
N ILE D 6 -7.85 -32.22 8.74
CA ILE D 6 -7.68 -31.75 10.11
C ILE D 6 -6.33 -31.03 10.22
N VAL D 7 -6.35 -29.88 10.88
CA VAL D 7 -5.17 -29.00 10.96
C VAL D 7 -4.28 -29.49 12.10
N TYR D 8 -3.04 -29.84 11.78
CA TYR D 8 -2.04 -30.08 12.83
C TYR D 8 -0.66 -30.10 12.20
N GLY D 9 0.34 -30.22 13.05
CA GLY D 9 1.73 -30.09 12.68
C GLY D 9 2.52 -29.95 13.97
N ASP D 10 3.81 -30.29 13.95
CA ASP D 10 4.58 -30.32 15.20
C ASP D 10 4.80 -28.92 15.76
N GLN D 11 5.15 -27.96 14.90
CA GLN D 11 5.32 -26.59 15.39
C GLN D 11 3.97 -25.99 15.77
N TYR D 12 2.93 -26.31 14.99
CA TYR D 12 1.58 -25.85 15.31
C TYR D 12 1.18 -26.30 16.71
N ARG D 13 1.47 -27.55 17.04
CA ARG D 13 1.14 -28.09 18.36
C ARG D 13 1.87 -27.35 19.48
N GLN D 14 3.18 -27.11 19.33
CA GLN D 14 3.90 -26.40 20.39
C GLN D 14 3.34 -24.99 20.58
N LEU D 15 3.00 -24.31 19.48
CA LEU D 15 2.44 -22.97 19.62
C LEU D 15 1.05 -23.00 20.23
N CYS D 16 0.19 -23.93 19.83
CA CYS D 16 -1.13 -24.00 20.42
C CYS D 16 -1.08 -24.35 21.90
N CYS D 17 0.04 -24.90 22.38
CA CYS D 17 0.15 -25.30 23.79
C CYS D 17 0.98 -24.34 24.63
N SER D 18 1.19 -23.11 24.16
CA SER D 18 2.05 -22.19 24.88
C SER D 18 1.28 -21.10 25.62
N SER D 19 -0.04 -21.13 25.58
CA SER D 19 -0.85 -20.13 26.28
C SER D 19 -0.96 -20.46 27.77
N PRO D 20 -0.93 -19.45 28.64
CA PRO D 20 -1.03 -19.73 30.08
C PRO D 20 -2.43 -20.13 30.51
N LYS D 21 -3.46 -19.74 29.75
CA LYS D 21 -4.83 -20.13 30.04
C LYS D 21 -5.14 -21.54 29.51
N PHE D 22 -4.81 -21.81 28.24
CA PHE D 22 -5.27 -23.04 27.61
C PHE D 22 -4.28 -24.20 27.73
N GLY D 23 -3.07 -23.94 28.21
CA GLY D 23 -2.14 -25.02 28.56
C GLY D 23 -1.97 -26.05 27.46
N ASP D 24 -1.97 -27.33 27.86
CA ASP D 24 -1.73 -28.43 26.93
C ASP D 24 -3.02 -29.01 26.35
N ARG D 25 -4.12 -28.26 26.40
CA ARG D 25 -5.41 -28.80 25.98
C ARG D 25 -5.39 -29.29 24.53
N TYR D 26 -4.73 -28.54 23.64
CA TYR D 26 -4.67 -28.94 22.23
C TYR D 26 -4.03 -30.30 22.10
N ALA D 27 -2.95 -30.55 22.87
CA ALA D 27 -2.24 -31.81 22.81
C ALA D 27 -3.07 -32.95 23.36
N LEU D 28 -3.84 -32.72 24.43
CA LEU D 28 -4.77 -33.75 24.89
C LEU D 28 -5.80 -34.07 23.82
N VAL D 29 -6.31 -33.04 23.14
CA VAL D 29 -7.31 -33.29 22.11
C VAL D 29 -6.72 -34.12 20.98
N MET D 30 -5.60 -33.67 20.41
CA MET D 30 -5.03 -34.38 19.26
C MET D 30 -4.45 -35.74 19.65
N ASP D 31 -3.98 -35.90 20.90
CA ASP D 31 -3.50 -37.20 21.34
C ASP D 31 -4.64 -38.18 21.62
N LEU D 32 -5.80 -37.70 22.06
CA LEU D 32 -6.94 -38.61 22.18
C LEU D 32 -7.46 -39.04 20.81
N ILE D 33 -7.58 -38.11 19.86
CA ILE D 33 -7.92 -38.44 18.47
C ILE D 33 -6.93 -39.46 17.92
N ASN D 34 -5.64 -39.22 18.12
CA ASN D 34 -4.66 -40.22 17.68
C ASN D 34 -4.76 -41.51 18.48
N ALA D 35 -5.06 -41.42 19.78
CA ALA D 35 -5.22 -42.60 20.61
C ALA D 35 -6.31 -43.50 20.07
N TYR D 36 -7.35 -42.92 19.45
CA TYR D 36 -8.46 -43.70 18.92
C TYR D 36 -8.30 -44.05 17.45
N LYS D 37 -7.08 -43.92 16.91
CA LYS D 37 -6.76 -44.38 15.55
C LYS D 37 -7.60 -43.68 14.47
N LEU D 38 -7.98 -42.41 14.71
CA LEU D 38 -8.71 -41.63 13.70
C LEU D 38 -7.80 -40.93 12.70
N ILE D 39 -6.52 -40.68 13.05
CA ILE D 39 -5.66 -39.90 12.15
C ILE D 39 -5.53 -40.51 10.77
N PRO D 40 -5.43 -41.84 10.59
CA PRO D 40 -5.33 -42.39 9.23
C PRO D 40 -6.57 -42.15 8.38
N GLU D 41 -7.73 -41.90 8.98
CA GLU D 41 -8.94 -41.55 8.24
C GLU D 41 -8.94 -40.10 7.79
N LEU D 42 -8.04 -39.27 8.29
CA LEU D 42 -8.08 -37.83 8.09
C LEU D 42 -6.91 -37.38 7.23
N SER D 43 -7.14 -36.32 6.46
CA SER D 43 -6.09 -35.67 5.68
C SER D 43 -5.50 -34.51 6.50
N ARG D 44 -4.20 -34.57 6.78
CA ARG D 44 -3.57 -33.48 7.54
C ARG D 44 -3.50 -32.22 6.68
N VAL D 45 -4.14 -31.15 7.14
CA VAL D 45 -4.05 -29.84 6.50
C VAL D 45 -2.96 -29.05 7.23
N PRO D 46 -1.94 -28.57 6.54
CA PRO D 46 -0.87 -27.84 7.23
C PRO D 46 -1.21 -26.37 7.41
N PRO D 47 -0.77 -25.76 8.51
CA PRO D 47 -1.01 -24.33 8.70
C PRO D 47 -0.34 -23.52 7.61
N LEU D 48 -0.98 -22.42 7.23
CA LEU D 48 -0.47 -21.58 6.15
C LEU D 48 0.75 -20.82 6.63
N GLN D 49 1.74 -20.69 5.75
CA GLN D 49 2.90 -19.86 6.04
C GLN D 49 3.09 -18.87 4.89
N TRP D 50 3.87 -17.82 5.13
CA TRP D 50 3.94 -16.71 4.19
C TRP D 50 5.36 -16.47 3.69
N ASP D 51 5.47 -15.74 2.59
CA ASP D 51 6.76 -15.49 1.97
C ASP D 51 7.40 -14.19 2.41
N SER D 52 6.79 -13.45 3.34
CA SER D 52 7.40 -12.20 3.80
C SER D 52 6.61 -11.70 5.01
N PRO D 53 7.21 -10.82 5.82
CA PRO D 53 6.39 -10.09 6.82
C PRO D 53 5.25 -9.30 6.21
N SER D 54 5.46 -8.65 5.06
CA SER D 54 4.40 -7.82 4.47
C SER D 54 3.21 -8.67 4.05
N ARG D 55 3.47 -9.88 3.56
CA ARG D 55 2.36 -10.75 3.18
C ARG D 55 1.60 -11.24 4.43
N MET D 56 2.30 -11.53 5.51
CA MET D 56 1.61 -11.90 6.74
C MET D 56 0.77 -10.74 7.26
N TYR D 57 1.36 -9.54 7.27
CA TYR D 57 0.62 -8.36 7.71
C TYR D 57 -0.62 -8.11 6.85
N GLU D 58 -0.46 -8.21 5.52
CA GLU D 58 -1.60 -8.01 4.63
C GLU D 58 -2.72 -8.99 4.96
N ALA D 59 -2.38 -10.23 5.31
CA ALA D 59 -3.39 -11.23 5.60
C ALA D 59 -4.14 -10.92 6.88
N VAL D 60 -3.41 -10.57 7.95
CA VAL D 60 -4.06 -10.36 9.24
C VAL D 60 -4.83 -9.04 9.24
N THR D 61 -4.29 -8.00 8.55
CA THR D 61 -4.94 -6.69 8.56
C THR D 61 -6.09 -6.59 7.56
N ALA D 62 -6.44 -7.69 6.89
CA ALA D 62 -7.76 -7.77 6.25
C ALA D 62 -8.90 -7.56 7.24
N PHE D 63 -8.65 -7.77 8.53
CA PHE D 63 -9.68 -7.54 9.53
C PHE D 63 -9.14 -6.62 10.63
N HIS D 64 -7.97 -6.96 11.19
CA HIS D 64 -7.39 -6.22 12.30
C HIS D 64 -6.64 -4.98 11.82
N SER D 65 -6.62 -3.94 12.67
CA SER D 65 -5.88 -2.72 12.32
C SER D 65 -4.39 -2.94 12.44
N THR D 66 -3.61 -2.21 11.61
CA THR D 66 -2.16 -2.38 11.63
C THR D 66 -1.59 -1.98 12.98
N GLU D 67 -2.11 -0.91 13.58
CA GLU D 67 -1.55 -0.48 14.87
C GLU D 67 -1.84 -1.52 15.95
N TYR D 68 -2.95 -2.25 15.84
CA TYR D 68 -3.23 -3.32 16.78
C TYR D 68 -2.26 -4.49 16.59
N VAL D 69 -2.04 -4.89 15.33
CA VAL D 69 -1.05 -5.94 15.07
C VAL D 69 0.33 -5.51 15.52
N ASP D 70 0.70 -4.26 15.24
CA ASP D 70 1.97 -3.72 15.74
C ASP D 70 2.09 -3.90 17.24
N ALA D 71 1.04 -3.53 17.98
CA ALA D 71 1.06 -3.60 19.44
C ALA D 71 1.19 -5.03 19.92
N LEU D 72 0.53 -5.96 19.22
CA LEU D 72 0.59 -7.36 19.64
C LEU D 72 2.00 -7.95 19.46
N LYS D 73 2.68 -7.61 18.35
CA LYS D 73 4.06 -8.06 18.20
C LYS D 73 4.97 -7.39 19.22
N LYS D 74 4.77 -6.09 19.46
CA LYS D 74 5.58 -5.43 20.47
C LYS D 74 5.35 -6.04 21.84
N LEU D 75 4.12 -6.49 22.11
CA LEU D 75 3.83 -7.15 23.39
C LEU D 75 4.62 -8.43 23.56
N GLN D 76 4.72 -9.23 22.50
CA GLN D 76 5.55 -10.44 22.58
C GLN D 76 7.02 -10.10 22.79
N MET D 77 7.56 -9.18 21.97
CA MET D 77 8.93 -8.73 22.16
C MET D 77 9.19 -8.31 23.61
N LEU D 78 8.29 -7.51 24.17
CA LEU D 78 8.44 -6.99 25.53
C LEU D 78 8.46 -8.10 26.56
N HIS D 79 7.71 -9.19 26.33
CA HIS D 79 7.65 -10.29 27.27
C HIS D 79 8.77 -11.28 27.09
N CYS D 80 9.60 -11.12 26.05
CA CYS D 80 10.80 -11.91 25.88
C CYS D 80 12.02 -11.26 26.50
N GLU D 81 11.85 -10.10 27.15
CA GLU D 81 12.88 -9.46 27.95
C GLU D 81 12.49 -9.50 29.41
N GLU D 82 13.50 -9.49 30.28
CA GLU D 82 13.26 -9.55 31.72
C GLU D 82 12.69 -8.25 32.28
N LYS D 83 12.95 -7.13 31.63
CA LYS D 83 12.56 -5.83 32.17
C LYS D 83 11.04 -5.67 32.18
N GLU D 84 10.57 -4.88 33.14
CA GLU D 84 9.15 -4.54 33.22
C GLU D 84 8.78 -3.51 32.13
N LEU D 85 7.51 -3.51 31.76
CA LEU D 85 7.03 -2.55 30.77
C LEU D 85 7.12 -1.14 31.34
N THR D 86 7.33 -0.17 30.46
CA THR D 86 7.31 1.20 30.90
C THR D 86 5.86 1.69 31.05
N ALA D 87 5.69 2.81 31.75
CA ALA D 87 4.39 3.44 31.85
C ALA D 87 3.77 3.67 30.47
N ASP D 88 4.55 4.23 29.54
CA ASP D 88 4.02 4.50 28.19
C ASP D 88 3.57 3.20 27.49
N ASP D 89 4.37 2.14 27.61
CA ASP D 89 3.98 0.88 27.00
C ASP D 89 2.76 0.27 27.68
N GLU D 90 2.63 0.44 28.99
CA GLU D 90 1.38 0.04 29.66
C GLU D 90 0.18 0.73 29.04
N LEU D 91 0.24 2.05 28.87
CA LEU D 91 -0.85 2.78 28.22
C LEU D 91 -1.11 2.26 26.82
N LEU D 92 -0.05 2.06 26.04
CA LEU D 92 -0.21 1.49 24.70
C LEU D 92 -1.01 0.19 24.74
N MET D 93 -0.57 -0.76 25.56
CA MET D 93 -1.28 -2.04 25.62
C MET D 93 -2.72 -1.87 26.11
N ASP D 94 -2.92 -1.02 27.14
CA ASP D 94 -4.28 -0.78 27.62
C ASP D 94 -5.20 -0.24 26.52
N SER D 95 -4.68 0.56 25.59
CA SER D 95 -5.53 1.11 24.54
C SER D 95 -6.05 0.03 23.59
N PHE D 96 -5.47 -1.18 23.64
CA PHE D 96 -5.92 -2.32 22.86
C PHE D 96 -6.52 -3.44 23.71
N SER D 97 -6.73 -3.21 25.01
CA SER D 97 -7.22 -4.24 25.95
C SER D 97 -6.27 -5.45 26.00
N LEU D 98 -4.98 -5.24 25.76
CA LEU D 98 -3.97 -6.29 25.91
C LEU D 98 -3.56 -6.36 27.38
N ASN D 99 -4.53 -6.77 28.20
CA ASN D 99 -4.37 -6.79 29.65
C ASN D 99 -5.47 -7.70 30.20
N TYR D 100 -5.53 -7.82 31.53
CA TYR D 100 -6.62 -8.54 32.19
C TYR D 100 -6.60 -10.00 31.72
N ASP D 101 -7.64 -10.49 31.07
CA ASP D 101 -7.67 -11.87 30.60
C ASP D 101 -6.91 -12.08 29.30
N CYS D 102 -6.41 -11.00 28.68
CA CYS D 102 -5.60 -11.07 27.47
C CYS D 102 -4.23 -10.45 27.69
N PRO D 103 -3.49 -10.91 28.69
CA PRO D 103 -2.21 -10.28 29.02
C PRO D 103 -1.14 -10.78 28.05
N GLY D 104 0.08 -10.33 28.27
CA GLY D 104 1.18 -10.79 27.46
C GLY D 104 1.87 -12.02 28.03
N PHE D 105 2.60 -12.70 27.16
CA PHE D 105 3.46 -13.81 27.53
C PHE D 105 4.43 -14.05 26.37
N PRO D 106 5.52 -14.79 26.59
CA PRO D 106 6.63 -14.75 25.61
C PRO D 106 6.25 -15.14 24.19
N SER D 107 5.18 -15.92 23.99
CA SER D 107 4.81 -16.38 22.65
C SER D 107 3.46 -15.85 22.19
N VAL D 108 2.98 -14.75 22.78
CA VAL D 108 1.59 -14.35 22.57
C VAL D 108 1.31 -14.02 21.11
N PHE D 109 2.28 -13.45 20.39
CA PHE D 109 1.97 -13.16 18.99
C PHE D 109 2.03 -14.42 18.15
N ASP D 110 3.05 -15.26 18.38
CA ASP D 110 3.18 -16.48 17.62
C ASP D 110 2.04 -17.44 17.93
N TYR D 111 1.62 -17.47 19.20
CA TYR D 111 0.45 -18.24 19.61
C TYR D 111 -0.81 -17.78 18.88
N SER D 112 -1.03 -16.47 18.79
CA SER D 112 -2.28 -15.96 18.21
C SER D 112 -2.30 -16.18 16.70
N LEU D 113 -1.17 -15.95 16.06
CA LEU D 113 -1.02 -16.09 14.62
C LEU D 113 -1.17 -17.55 14.21
N ALA D 114 -0.75 -18.47 15.08
CA ALA D 114 -0.85 -19.90 14.75
C ALA D 114 -2.29 -20.28 14.40
N ALA D 115 -3.26 -19.85 15.22
CA ALA D 115 -4.67 -20.17 14.96
C ALA D 115 -5.12 -19.60 13.62
N VAL D 116 -4.74 -18.35 13.34
CA VAL D 116 -5.03 -17.74 12.05
C VAL D 116 -4.46 -18.58 10.93
N GLN D 117 -3.16 -18.91 11.00
CA GLN D 117 -2.53 -19.77 10.00
C GLN D 117 -3.29 -21.07 9.83
N GLY D 118 -3.76 -21.65 10.93
CA GLY D 118 -4.52 -22.88 10.79
C GLY D 118 -5.84 -22.65 10.08
N SER D 119 -6.61 -21.65 10.51
CA SER D 119 -7.96 -21.52 9.99
C SER D 119 -7.97 -20.97 8.56
N LEU D 120 -6.92 -20.27 8.14
CA LEU D 120 -6.82 -19.85 6.75
C LEU D 120 -6.53 -21.02 5.83
N ALA D 121 -5.60 -21.90 6.21
CA ALA D 121 -5.36 -23.08 5.36
C ALA D 121 -6.59 -23.97 5.29
N ALA D 122 -7.33 -24.06 6.40
CA ALA D 122 -8.56 -24.85 6.42
C ALA D 122 -9.55 -24.31 5.41
N ALA D 123 -9.72 -22.98 5.38
CA ALA D 123 -10.58 -22.37 4.39
C ALA D 123 -10.08 -22.66 2.97
N SER D 124 -8.77 -22.58 2.75
CA SER D 124 -8.26 -22.83 1.41
C SER D 124 -8.49 -24.26 0.98
N ALA D 125 -8.37 -25.20 1.92
CA ALA D 125 -8.58 -26.60 1.59
C ALA D 125 -10.03 -26.86 1.18
N LEU D 126 -10.98 -26.11 1.76
CA LEU D 126 -12.38 -26.19 1.33
C LEU D 126 -12.58 -25.53 -0.03
N ILE D 127 -11.89 -24.42 -0.28
CA ILE D 127 -12.10 -23.67 -1.51
C ILE D 127 -11.59 -24.47 -2.71
N CYS D 128 -10.37 -24.97 -2.63
CA CYS D 128 -9.85 -25.77 -3.73
C CYS D 128 -10.46 -27.19 -3.78
N ARG D 129 -11.55 -27.42 -3.04
CA ARG D 129 -12.28 -28.69 -3.01
C ARG D 129 -11.38 -29.88 -2.67
N HIS D 130 -10.26 -29.66 -1.99
CA HIS D 130 -9.46 -30.79 -1.52
C HIS D 130 -10.18 -31.58 -0.42
N CYS D 131 -10.94 -30.88 0.42
CA CYS D 131 -11.68 -31.51 1.50
C CYS D 131 -13.12 -31.04 1.47
N GLU D 132 -14.04 -31.91 1.89
CA GLU D 132 -15.43 -31.53 2.07
C GLU D 132 -15.71 -30.91 3.43
N VAL D 133 -14.97 -31.34 4.47
CA VAL D 133 -15.01 -30.77 5.81
C VAL D 133 -13.57 -30.64 6.29
N VAL D 134 -13.26 -29.57 7.03
CA VAL D 134 -11.94 -29.42 7.65
C VAL D 134 -12.15 -29.03 9.10
N ILE D 135 -11.41 -29.70 9.99
CA ILE D 135 -11.48 -29.50 11.43
C ILE D 135 -10.23 -28.74 11.86
N ASN D 136 -10.41 -27.73 12.72
CA ASN D 136 -9.28 -27.08 13.37
C ASN D 136 -9.62 -26.85 14.84
N TRP D 137 -9.21 -27.79 15.69
CA TRP D 137 -9.39 -27.62 17.13
C TRP D 137 -8.42 -26.60 17.71
N GLY D 138 -7.39 -26.20 16.96
CA GLY D 138 -6.55 -25.10 17.41
C GLY D 138 -7.13 -23.70 17.24
N GLY D 139 -8.24 -23.59 16.49
CA GLY D 139 -8.84 -22.31 16.18
C GLY D 139 -10.19 -22.11 16.85
N GLY D 140 -10.83 -21.01 16.49
CA GLY D 140 -12.18 -20.72 16.96
C GLY D 140 -12.31 -19.56 17.92
N TRP D 141 -11.50 -18.51 17.75
CA TRP D 141 -11.33 -17.44 18.75
C TRP D 141 -12.25 -16.24 18.44
N HIS D 142 -13.52 -16.43 18.78
CA HIS D 142 -14.57 -15.60 18.21
C HIS D 142 -14.74 -14.23 18.89
N HIS D 143 -14.01 -13.93 19.96
CA HIS D 143 -14.19 -12.67 20.70
C HIS D 143 -13.30 -11.52 20.24
N ALA D 144 -12.18 -11.80 19.59
CA ALA D 144 -11.28 -10.72 19.16
C ALA D 144 -11.97 -9.76 18.19
N LYS D 145 -11.67 -8.46 18.34
CA LYS D 145 -12.19 -7.41 17.48
C LYS D 145 -11.05 -6.72 16.73
N ARG D 146 -11.44 -5.82 15.82
CA ARG D 146 -10.51 -5.22 14.88
C ARG D 146 -9.27 -4.67 15.56
N SER D 147 -9.46 -3.96 16.70
CA SER D 147 -8.38 -3.34 17.47
C SER D 147 -8.47 -3.66 18.97
N GLU D 148 -8.98 -4.82 19.34
CA GLU D 148 -9.22 -5.10 20.76
C GLU D 148 -9.11 -6.59 20.98
N ALA D 149 -8.30 -6.99 21.96
CA ALA D 149 -8.31 -8.36 22.50
C ALA D 149 -9.41 -8.51 23.53
N SER D 150 -9.95 -9.72 23.63
CA SER D 150 -11.13 -9.95 24.47
C SER D 150 -11.31 -11.44 24.70
N GLY D 151 -11.67 -11.80 25.95
CA GLY D 151 -12.01 -13.17 26.31
C GLY D 151 -11.04 -14.23 25.87
N PHE D 152 -9.75 -14.08 26.22
CA PHE D 152 -8.64 -14.97 25.85
C PHE D 152 -8.35 -14.98 24.36
N CYS D 153 -8.94 -14.07 23.59
CA CYS D 153 -8.82 -14.04 22.13
C CYS D 153 -7.99 -12.83 21.70
N TYR D 154 -6.96 -13.06 20.90
CA TYR D 154 -6.14 -11.92 20.45
C TYR D 154 -6.33 -11.59 18.98
N LEU D 155 -6.44 -12.61 18.14
CA LEU D 155 -6.67 -12.48 16.70
C LEU D 155 -7.89 -13.29 16.32
N ASN D 156 -8.73 -12.76 15.44
CA ASN D 156 -9.98 -13.45 15.13
C ASN D 156 -9.80 -14.31 13.86
N ASP D 157 -9.41 -15.58 14.08
CA ASP D 157 -9.17 -16.52 12.99
C ASP D 157 -10.46 -16.89 12.25
N ILE D 158 -11.60 -16.87 12.96
CA ILE D 158 -12.88 -17.17 12.31
C ILE D 158 -13.20 -16.12 11.26
N VAL D 159 -13.09 -14.84 11.64
CA VAL D 159 -13.38 -13.75 10.70
C VAL D 159 -12.49 -13.86 9.46
N LEU D 160 -11.19 -14.06 9.69
CA LEU D 160 -10.27 -14.14 8.57
C LEU D 160 -10.58 -15.35 7.68
N ALA D 161 -10.93 -16.49 8.28
CA ALA D 161 -11.34 -17.63 7.48
C ALA D 161 -12.61 -17.34 6.70
N ILE D 162 -13.61 -16.75 7.35
CA ILE D 162 -14.86 -16.46 6.65
C ILE D 162 -14.63 -15.46 5.52
N HIS D 163 -13.83 -14.44 5.79
CA HIS D 163 -13.53 -13.47 4.75
C HIS D 163 -12.87 -14.14 3.54
N ARG D 164 -12.00 -15.13 3.78
CA ARG D 164 -11.38 -15.82 2.64
C ARG D 164 -12.40 -16.66 1.87
N LEU D 165 -13.38 -17.26 2.58
CA LEU D 165 -14.40 -18.06 1.89
C LEU D 165 -15.32 -17.19 1.05
N VAL D 166 -15.83 -16.08 1.61
CA VAL D 166 -16.78 -15.25 0.86
C VAL D 166 -16.11 -14.63 -0.35
N SER D 167 -14.82 -14.33 -0.25
CA SER D 167 -14.08 -13.67 -1.32
C SER D 167 -13.61 -14.61 -2.40
N SER D 168 -14.10 -15.85 -2.41
CA SER D 168 -13.61 -16.87 -3.34
C SER D 168 -14.39 -16.90 -4.65
N GLN D 178 -22.83 -16.52 -6.49
CA GLN D 178 -22.77 -15.50 -5.45
C GLN D 178 -22.62 -16.17 -4.08
N THR D 179 -21.46 -15.98 -3.45
CA THR D 179 -21.08 -16.80 -2.29
C THR D 179 -21.73 -16.27 -1.02
N ARG D 180 -22.36 -17.17 -0.26
CA ARG D 180 -22.94 -16.87 1.03
C ARG D 180 -22.36 -17.83 2.08
N VAL D 181 -22.10 -17.32 3.28
CA VAL D 181 -21.54 -18.13 4.37
C VAL D 181 -22.51 -18.10 5.54
N LEU D 182 -22.78 -19.28 6.10
CA LEU D 182 -23.57 -19.45 7.31
C LEU D 182 -22.64 -19.81 8.46
N TYR D 183 -22.58 -18.95 9.47
CA TYR D 183 -21.72 -19.15 10.63
C TYR D 183 -22.58 -19.58 11.81
N VAL D 184 -22.25 -20.72 12.39
CA VAL D 184 -23.00 -21.29 13.51
C VAL D 184 -22.06 -21.38 14.70
N ASP D 185 -22.46 -20.78 15.83
CA ASP D 185 -21.61 -20.58 17.01
C ASP D 185 -22.28 -21.29 18.20
N LEU D 186 -21.75 -22.46 18.55
CA LEU D 186 -22.28 -23.35 19.56
C LEU D 186 -21.67 -23.14 20.95
N ASP D 187 -20.69 -22.23 21.05
CA ASP D 187 -20.04 -21.92 22.31
C ASP D 187 -21.04 -21.45 23.37
N LEU D 188 -20.70 -21.68 24.64
CA LEU D 188 -21.51 -21.13 25.73
C LEU D 188 -21.63 -19.62 25.61
N HIS D 189 -20.61 -18.96 25.06
CA HIS D 189 -20.54 -17.50 25.03
C HIS D 189 -21.01 -16.96 23.67
N HIS D 190 -21.61 -15.77 23.71
CA HIS D 190 -22.03 -15.11 22.49
C HIS D 190 -20.83 -14.84 21.60
N GLY D 191 -20.94 -15.20 20.32
CA GLY D 191 -19.85 -14.93 19.41
C GLY D 191 -19.91 -13.51 18.92
N ASP D 192 -19.48 -12.54 19.76
CA ASP D 192 -19.69 -11.13 19.45
C ASP D 192 -18.72 -10.61 18.40
N GLY D 193 -17.45 -11.05 18.42
CA GLY D 193 -16.49 -10.49 17.47
C GLY D 193 -16.83 -10.84 16.03
N VAL D 194 -17.26 -12.08 15.80
CA VAL D 194 -17.63 -12.50 14.45
C VAL D 194 -18.89 -11.77 14.00
N GLU D 195 -19.88 -11.70 14.88
CA GLU D 195 -21.10 -10.96 14.59
C GLU D 195 -20.81 -9.50 14.22
N GLU D 196 -19.95 -8.85 15.02
CA GLU D 196 -19.59 -7.46 14.76
C GLU D 196 -18.91 -7.29 13.41
N ALA D 197 -18.00 -8.21 13.05
CA ALA D 197 -17.26 -8.05 11.81
C ALA D 197 -18.18 -8.06 10.59
N PHE D 198 -19.23 -8.87 10.63
CA PHE D 198 -20.12 -9.02 9.49
C PHE D 198 -21.45 -8.32 9.70
N TRP D 199 -21.49 -7.34 10.62
CA TRP D 199 -22.73 -6.65 10.99
C TRP D 199 -23.41 -6.01 9.78
N TYR D 200 -22.63 -5.48 8.84
CA TYR D 200 -23.17 -4.86 7.65
C TYR D 200 -23.14 -5.77 6.42
N SER D 201 -22.85 -7.06 6.59
CA SER D 201 -22.67 -7.96 5.46
CA SER D 201 -22.65 -7.98 5.46
C SER D 201 -23.82 -8.95 5.36
N PRO D 202 -24.67 -8.86 4.33
CA PRO D 202 -25.73 -9.87 4.17
C PRO D 202 -25.22 -11.21 3.64
N ARG D 203 -24.00 -11.29 3.09
CA ARG D 203 -23.51 -12.56 2.56
C ARG D 203 -22.98 -13.50 3.62
N VAL D 204 -22.82 -13.03 4.85
CA VAL D 204 -22.35 -13.85 5.97
C VAL D 204 -23.45 -13.78 7.01
N VAL D 205 -24.27 -14.81 7.12
CA VAL D 205 -25.29 -14.84 8.16
C VAL D 205 -24.70 -15.49 9.40
N THR D 206 -24.80 -14.80 10.54
CA THR D 206 -24.26 -15.31 11.78
C THR D 206 -25.40 -15.73 12.70
N PHE D 207 -25.19 -16.83 13.43
CA PHE D 207 -26.18 -17.37 14.36
C PHE D 207 -25.42 -17.93 15.56
N SER D 208 -25.65 -17.36 16.75
CA SER D 208 -25.01 -17.80 17.99
C SER D 208 -26.09 -18.20 18.96
N VAL D 209 -25.96 -19.39 19.53
CA VAL D 209 -26.73 -19.80 20.70
C VAL D 209 -25.79 -19.80 21.90
N HIS D 210 -26.28 -19.29 23.03
CA HIS D 210 -25.40 -19.00 24.15
C HIS D 210 -26.22 -18.75 25.40
N HIS D 211 -25.53 -18.72 26.53
CA HIS D 211 -26.11 -18.14 27.73
C HIS D 211 -25.97 -16.64 27.72
N ALA D 212 -27.00 -15.93 28.17
CA ALA D 212 -26.88 -14.51 28.41
C ALA D 212 -27.61 -14.19 29.71
N SER D 213 -26.99 -13.37 30.57
CA SER D 213 -27.64 -12.93 31.80
C SER D 213 -26.88 -11.72 32.33
N PRO D 214 -27.49 -10.92 33.22
CA PRO D 214 -26.82 -9.69 33.66
C PRO D 214 -25.48 -9.99 34.32
N GLY D 215 -24.45 -9.30 33.83
CA GLY D 215 -23.10 -9.48 34.31
C GLY D 215 -22.29 -10.55 33.59
N PHE D 216 -22.93 -11.38 32.77
CA PHE D 216 -22.27 -12.56 32.20
C PHE D 216 -21.60 -12.18 30.88
N PHE D 217 -20.32 -12.54 30.74
CA PHE D 217 -19.52 -12.24 29.53
C PHE D 217 -20.12 -12.78 28.23
N PRO D 218 -19.95 -12.04 27.11
CA PRO D 218 -19.45 -10.66 26.98
C PRO D 218 -20.56 -9.63 27.13
N GLY D 219 -21.80 -10.08 27.26
CA GLY D 219 -22.89 -9.20 27.56
C GLY D 219 -23.90 -9.03 26.45
N THR D 220 -23.53 -9.36 25.21
CA THR D 220 -24.37 -9.14 24.04
C THR D 220 -25.16 -10.42 23.68
N GLY D 221 -25.75 -10.43 22.49
CA GLY D 221 -26.53 -11.58 22.06
C GLY D 221 -27.89 -11.67 22.71
N THR D 222 -28.44 -10.56 23.20
CA THR D 222 -29.69 -10.61 23.93
C THR D 222 -30.41 -9.27 23.77
N TRP D 223 -31.54 -9.14 24.46
CA TRP D 223 -32.37 -7.95 24.37
C TRP D 223 -31.54 -6.72 24.68
N ASN D 224 -31.89 -5.63 24.03
CA ASN D 224 -31.15 -4.38 24.14
C ASN D 224 -32.02 -3.29 24.75
N LEU D 231 -40.69 -1.80 25.14
CA LEU D 231 -40.17 -3.17 25.23
C LEU D 231 -38.85 -3.25 24.48
N PRO D 232 -37.85 -3.86 25.10
CA PRO D 232 -36.55 -4.01 24.45
C PRO D 232 -36.66 -4.81 23.16
N ILE D 233 -35.59 -4.78 22.36
CA ILE D 233 -35.56 -5.46 21.07
C ILE D 233 -34.20 -6.11 20.88
N PHE D 234 -34.12 -6.98 19.87
CA PHE D 234 -32.87 -7.56 19.40
C PHE D 234 -32.37 -6.73 18.22
N LEU D 235 -31.18 -6.16 18.36
CA LEU D 235 -30.45 -5.68 17.20
C LEU D 235 -30.06 -6.88 16.34
N ASN D 236 -30.05 -6.71 15.02
CA ASN D 236 -29.80 -7.88 14.18
C ASN D 236 -29.05 -7.58 12.89
N GLY D 237 -28.27 -6.50 12.83
CA GLY D 237 -27.59 -6.07 11.62
C GLY D 237 -27.92 -4.63 11.27
N ALA D 238 -27.16 -4.11 10.30
CA ALA D 238 -27.34 -2.71 9.89
C ALA D 238 -27.04 -2.58 8.40
N GLY D 239 -27.53 -1.49 7.82
CA GLY D 239 -27.30 -1.23 6.40
C GLY D 239 -27.87 -2.35 5.57
N ARG D 240 -27.09 -2.84 4.61
CA ARG D 240 -27.53 -4.00 3.84
C ARG D 240 -27.45 -5.30 4.62
N GLY D 241 -26.82 -5.28 5.79
CA GLY D 241 -26.74 -6.45 6.64
C GLY D 241 -27.88 -6.56 7.64
N ARG D 242 -28.90 -5.73 7.51
CA ARG D 242 -30.03 -5.79 8.43
C ARG D 242 -30.66 -7.18 8.38
N PHE D 243 -31.01 -7.71 9.55
CA PHE D 243 -31.62 -9.02 9.79
C PHE D 243 -30.64 -10.18 9.59
N SER D 244 -29.36 -9.91 9.33
CA SER D 244 -28.42 -10.98 9.01
C SER D 244 -27.64 -11.52 10.21
N ALA D 245 -27.87 -11.00 11.42
CA ALA D 245 -27.24 -11.54 12.62
C ALA D 245 -28.32 -12.10 13.55
N PHE D 246 -28.25 -13.41 13.80
CA PHE D 246 -29.23 -14.14 14.58
C PHE D 246 -28.65 -14.56 15.93
N ASN D 247 -29.51 -14.60 16.95
CA ASN D 247 -29.06 -14.85 18.31
C ASN D 247 -30.15 -15.58 19.07
N LEU D 248 -29.74 -16.57 19.86
CA LEU D 248 -30.65 -17.32 20.71
C LEU D 248 -30.04 -17.44 22.10
N PRO D 249 -30.43 -16.57 23.04
CA PRO D 249 -29.96 -16.69 24.43
C PRO D 249 -30.85 -17.62 25.23
N LEU D 250 -30.23 -18.46 26.04
CA LEU D 250 -30.93 -19.46 26.83
C LEU D 250 -30.53 -19.31 28.29
N GLU D 251 -31.44 -19.69 29.18
CA GLU D 251 -31.18 -19.65 30.61
C GLU D 251 -30.26 -20.80 31.03
N GLU D 252 -29.64 -20.64 32.19
CA GLU D 252 -28.73 -21.65 32.70
C GLU D 252 -29.44 -22.97 32.96
N GLY D 253 -28.67 -24.05 32.91
CA GLY D 253 -29.15 -25.37 33.26
C GLY D 253 -29.65 -26.24 32.13
N ILE D 254 -29.79 -25.71 30.90
CA ILE D 254 -30.47 -26.43 29.84
C ILE D 254 -29.72 -27.73 29.53
N ASN D 255 -30.48 -28.79 29.25
CA ASN D 255 -29.91 -30.10 28.97
C ASN D 255 -29.82 -30.36 27.47
N ASP D 256 -29.31 -31.54 27.10
CA ASP D 256 -29.10 -31.91 25.70
C ASP D 256 -30.39 -31.78 24.90
N LEU D 257 -31.48 -32.35 25.41
CA LEU D 257 -32.69 -32.47 24.60
C LEU D 257 -33.33 -31.11 24.36
N ASP D 258 -33.40 -30.26 25.38
CA ASP D 258 -34.06 -28.97 25.20
C ASP D 258 -33.19 -28.02 24.38
N TRP D 259 -31.86 -28.08 24.58
CA TRP D 259 -30.96 -27.30 23.74
C TRP D 259 -31.09 -27.72 22.29
N SER D 260 -31.18 -29.03 22.05
CA SER D 260 -31.34 -29.58 20.71
C SER D 260 -32.64 -29.14 20.06
N ASN D 261 -33.74 -29.19 20.82
CA ASN D 261 -35.02 -28.74 20.27
C ASN D 261 -35.04 -27.24 20.05
N ALA D 262 -34.28 -26.49 20.84
CA ALA D 262 -34.23 -25.04 20.69
C ALA D 262 -33.54 -24.63 19.39
N ILE D 263 -32.47 -25.31 19.00
CA ILE D 263 -31.65 -24.89 17.87
C ILE D 263 -32.01 -25.61 16.58
N GLY D 264 -32.54 -26.83 16.68
CA GLY D 264 -32.80 -27.69 15.56
C GLY D 264 -33.58 -27.07 14.41
N PRO D 265 -34.76 -26.51 14.71
CA PRO D 265 -35.53 -25.84 13.66
C PRO D 265 -34.87 -24.58 13.11
N ILE D 266 -34.13 -23.83 13.93
CA ILE D 266 -33.50 -22.61 13.42
C ILE D 266 -32.40 -22.97 12.43
N LEU D 267 -31.61 -24.00 12.75
CA LEU D 267 -30.56 -24.44 11.85
C LEU D 267 -31.11 -24.89 10.52
N ASP D 268 -32.15 -25.72 10.54
CA ASP D 268 -32.73 -26.23 9.30
C ASP D 268 -33.34 -25.11 8.48
N SER D 269 -33.96 -24.13 9.13
CA SER D 269 -34.58 -23.03 8.39
C SER D 269 -33.53 -22.09 7.80
N LEU D 270 -32.46 -21.80 8.55
CA LEU D 270 -31.36 -21.01 8.01
C LEU D 270 -30.81 -21.67 6.74
N ASN D 271 -30.61 -22.98 6.76
CA ASN D 271 -30.09 -23.67 5.58
C ASN D 271 -31.04 -23.56 4.39
N ILE D 272 -32.32 -23.91 4.60
CA ILE D 272 -33.31 -23.83 3.54
C ILE D 272 -33.32 -22.45 2.90
N VAL D 273 -33.44 -21.41 3.73
CA VAL D 273 -33.64 -20.06 3.22
C VAL D 273 -32.35 -19.46 2.69
N ILE D 274 -31.23 -19.68 3.37
CA ILE D 274 -30.00 -19.03 2.94
C ILE D 274 -29.29 -19.79 1.83
N GLN D 275 -29.38 -21.13 1.85
CA GLN D 275 -28.65 -21.99 0.93
C GLN D 275 -27.18 -21.59 0.87
N PRO D 276 -26.46 -21.76 1.97
CA PRO D 276 -25.09 -21.25 2.03
C PRO D 276 -24.14 -22.03 1.12
N SER D 277 -23.09 -21.33 0.71
CA SER D 277 -22.01 -21.94 -0.05
C SER D 277 -21.07 -22.70 0.87
N TYR D 278 -20.87 -22.20 2.09
CA TYR D 278 -20.06 -22.82 3.14
C TYR D 278 -20.76 -22.67 4.48
N VAL D 279 -20.45 -23.59 5.39
CA VAL D 279 -20.83 -23.47 6.80
C VAL D 279 -19.55 -23.45 7.63
N VAL D 280 -19.49 -22.51 8.57
CA VAL D 280 -18.41 -22.41 9.54
C VAL D 280 -19.03 -22.57 10.93
N VAL D 281 -18.61 -23.61 11.66
CA VAL D 281 -19.15 -23.94 12.99
C VAL D 281 -18.08 -23.70 14.05
N GLN D 282 -18.38 -22.85 15.03
CA GLN D 282 -17.58 -22.77 16.25
C GLN D 282 -18.21 -23.74 17.25
N CYS D 283 -17.40 -24.66 17.78
CA CYS D 283 -17.85 -25.80 18.57
CA CYS D 283 -17.85 -25.79 18.56
C CYS D 283 -17.26 -25.77 19.98
N GLY D 284 -17.22 -24.58 20.58
CA GLY D 284 -16.68 -24.47 21.93
C GLY D 284 -17.40 -25.39 22.89
N ALA D 285 -16.64 -25.97 23.79
CA ALA D 285 -17.10 -27.06 24.62
C ALA D 285 -17.44 -26.62 26.04
N ASP D 286 -17.53 -25.30 26.32
CA ASP D 286 -17.86 -24.87 27.67
C ASP D 286 -19.34 -25.04 28.03
N CYS D 287 -20.16 -25.53 27.10
CA CYS D 287 -21.53 -25.91 27.43
C CYS D 287 -21.65 -27.24 28.14
N LEU D 288 -20.58 -28.03 28.23
CA LEU D 288 -20.67 -29.34 28.86
C LEU D 288 -21.03 -29.21 30.33
N ALA D 289 -21.79 -30.20 30.82
CA ALA D 289 -22.23 -30.18 32.21
C ALA D 289 -21.06 -30.18 33.18
N THR D 290 -19.90 -30.69 32.74
CA THR D 290 -18.70 -30.83 33.57
C THR D 290 -17.68 -29.73 33.31
N ASP D 291 -17.98 -28.78 32.45
CA ASP D 291 -17.09 -27.65 32.36
C ASP D 291 -17.10 -26.87 33.67
N PRO D 292 -15.94 -26.38 34.14
CA PRO D 292 -15.91 -25.54 35.34
C PRO D 292 -16.88 -24.37 35.31
N MET D 293 -17.21 -23.86 34.11
CA MET D 293 -18.20 -22.78 34.01
C MET D 293 -19.49 -23.19 34.68
N ARG D 294 -20.00 -24.38 34.33
CA ARG D 294 -21.18 -24.99 34.94
C ARG D 294 -22.45 -24.20 34.66
N ILE D 295 -22.65 -23.82 33.40
CA ILE D 295 -23.84 -23.06 33.06
C ILE D 295 -24.89 -23.95 32.41
N PHE D 296 -24.52 -24.69 31.37
CA PHE D 296 -25.42 -25.62 30.69
C PHE D 296 -25.10 -27.05 31.13
N ARG D 297 -25.96 -27.98 30.70
CA ARG D 297 -25.91 -29.41 31.08
C ARG D 297 -25.78 -30.32 29.85
N LEU D 298 -25.04 -29.90 28.83
CA LEU D 298 -24.83 -30.75 27.67
C LEU D 298 -23.82 -31.87 27.95
N THR D 299 -23.89 -32.92 27.14
CA THR D 299 -22.99 -34.06 27.26
C THR D 299 -22.23 -34.30 25.95
N ASN D 300 -21.41 -35.35 25.96
CA ASN D 300 -20.84 -35.92 24.75
C ASN D 300 -21.43 -37.30 24.43
N PHE D 301 -22.57 -37.65 25.06
CA PHE D 301 -23.13 -38.99 24.88
C PHE D 301 -23.52 -39.20 23.43
N TYR D 302 -23.29 -40.42 22.95
CA TYR D 302 -23.71 -40.84 21.61
C TYR D 302 -24.27 -42.24 21.76
N PRO D 303 -25.55 -42.37 22.12
CA PRO D 303 -26.16 -43.66 22.47
C PRO D 303 -26.28 -44.65 21.30
N LEU D 317 -28.71 -38.07 23.64
CA LEU D 317 -27.80 -37.67 22.57
C LEU D 317 -27.25 -36.26 22.82
N SER D 318 -25.93 -36.16 22.78
CA SER D 318 -25.23 -34.88 22.92
C SER D 318 -25.82 -33.83 22.01
N GLY D 319 -26.14 -32.67 22.60
CA GLY D 319 -26.59 -31.54 21.82
C GLY D 319 -25.60 -31.16 20.73
N TYR D 320 -24.31 -31.27 21.02
CA TYR D 320 -23.29 -30.95 20.04
C TYR D 320 -23.34 -31.91 18.86
N LEU D 321 -23.42 -33.21 19.16
CA LEU D 321 -23.39 -34.23 18.11
C LEU D 321 -24.66 -34.19 17.28
N TYR D 322 -25.79 -33.91 17.95
CA TYR D 322 -27.03 -33.61 17.23
C TYR D 322 -26.84 -32.50 16.20
N ALA D 323 -26.25 -31.37 16.62
CA ALA D 323 -26.16 -30.21 15.73
C ALA D 323 -25.17 -30.46 14.60
N ILE D 324 -24.01 -31.06 14.91
CA ILE D 324 -23.03 -31.30 13.85
C ILE D 324 -23.57 -32.28 12.82
N LYS D 325 -24.21 -33.37 13.28
CA LYS D 325 -24.82 -34.32 12.35
C LYS D 325 -25.86 -33.64 11.46
N LYS D 326 -26.67 -32.75 12.03
CA LYS D 326 -27.62 -31.99 11.24
C LYS D 326 -26.93 -31.13 10.19
N ILE D 327 -25.96 -30.32 10.61
CA ILE D 327 -25.25 -29.44 9.67
C ILE D 327 -24.57 -30.27 8.57
N LEU D 328 -23.97 -31.40 8.93
CA LEU D 328 -23.25 -32.18 7.93
C LEU D 328 -24.19 -32.89 6.95
N SER D 329 -25.43 -33.16 7.35
CA SER D 329 -26.39 -33.79 6.44
C SER D 329 -26.82 -32.86 5.32
N TRP D 330 -26.52 -31.57 5.44
CA TRP D 330 -26.79 -30.61 4.38
C TRP D 330 -25.85 -30.77 3.20
N LYS D 331 -24.68 -31.39 3.41
CA LYS D 331 -23.71 -31.64 2.34
C LYS D 331 -23.19 -30.34 1.73
N VAL D 332 -22.90 -29.38 2.59
CA VAL D 332 -22.31 -28.09 2.23
C VAL D 332 -20.89 -28.08 2.78
N PRO D 333 -19.88 -27.67 1.99
CA PRO D 333 -18.50 -27.66 2.50
C PRO D 333 -18.42 -26.90 3.82
N THR D 334 -17.79 -27.52 4.82
CA THR D 334 -17.93 -27.02 6.18
C THR D 334 -16.58 -26.95 6.90
N LEU D 335 -16.45 -25.92 7.73
CA LEU D 335 -15.31 -25.74 8.61
C LEU D 335 -15.78 -25.93 10.05
N ILE D 336 -15.13 -26.84 10.78
CA ILE D 336 -15.40 -27.08 12.18
C ILE D 336 -14.21 -26.57 12.99
N LEU D 337 -14.49 -25.67 13.92
CA LEU D 337 -13.53 -24.98 14.77
C LEU D 337 -13.75 -25.24 16.26
N GLY D 338 -12.67 -25.14 17.04
CA GLY D 338 -12.71 -25.20 18.47
C GLY D 338 -13.31 -23.97 19.13
N GLY D 339 -12.77 -23.58 20.25
CA GLY D 339 -13.31 -22.49 21.00
C GLY D 339 -13.07 -22.73 22.48
N GLY D 340 -14.09 -22.41 23.28
CA GLY D 340 -13.97 -22.55 24.71
C GLY D 340 -13.90 -24.02 25.10
N GLY D 341 -13.68 -24.26 26.39
CA GLY D 341 -13.48 -25.61 26.89
C GLY D 341 -12.42 -25.60 27.96
N TYR D 342 -12.85 -25.61 29.23
CA TYR D 342 -11.95 -25.44 30.37
C TYR D 342 -11.87 -26.68 31.26
N ASN D 343 -12.52 -27.77 30.89
CA ASN D 343 -12.25 -29.10 31.45
C ASN D 343 -11.52 -29.80 30.31
N PHE D 344 -10.17 -29.82 30.40
CA PHE D 344 -9.39 -30.21 29.22
C PHE D 344 -9.64 -31.66 28.82
N PRO D 345 -9.69 -32.64 29.74
CA PRO D 345 -10.02 -34.01 29.27
C PRO D 345 -11.42 -34.16 28.69
N ASP D 346 -12.42 -33.47 29.26
CA ASP D 346 -13.78 -33.62 28.75
C ASP D 346 -14.00 -32.84 27.44
N THR D 347 -13.28 -31.73 27.23
CA THR D 347 -13.20 -31.15 25.89
C THR D 347 -12.64 -32.17 24.89
N ALA D 348 -11.59 -32.87 25.27
CA ALA D 348 -11.02 -33.88 24.37
C ALA D 348 -12.02 -35.00 24.11
N ARG D 349 -12.74 -35.43 25.15
CA ARG D 349 -13.75 -36.46 24.97
C ARG D 349 -14.83 -36.01 24.01
N LEU D 350 -15.25 -34.73 24.11
CA LEU D 350 -16.26 -34.25 23.18
C LEU D 350 -15.72 -34.16 21.76
N TRP D 351 -14.56 -33.50 21.59
CA TRP D 351 -14.09 -33.24 20.22
C TRP D 351 -13.65 -34.53 19.53
N THR D 352 -13.21 -35.53 20.28
CA THR D 352 -12.90 -36.81 19.66
C THR D 352 -14.15 -37.43 19.05
N ARG D 353 -15.28 -37.27 19.71
CA ARG D 353 -16.52 -37.80 19.16
C ARG D 353 -17.04 -36.96 18.00
N VAL D 354 -16.90 -35.62 18.08
CA VAL D 354 -17.22 -34.81 16.91
C VAL D 354 -16.35 -35.24 15.72
N THR D 355 -15.11 -35.61 15.99
CA THR D 355 -14.21 -35.95 14.88
C THR D 355 -14.62 -37.27 14.27
N ALA D 356 -14.92 -38.25 15.10
CA ALA D 356 -15.38 -39.55 14.58
C ALA D 356 -16.72 -39.40 13.88
N LEU D 357 -17.57 -38.51 14.39
CA LEU D 357 -18.87 -38.25 13.75
C LEU D 357 -18.69 -37.70 12.34
N THR D 358 -17.87 -36.67 12.19
CA THR D 358 -17.61 -36.08 10.87
C THR D 358 -17.10 -37.15 9.89
N ILE D 359 -16.23 -38.03 10.36
CA ILE D 359 -15.71 -39.10 9.51
C ILE D 359 -16.85 -40.02 9.07
N GLU D 360 -17.69 -40.43 10.02
CA GLU D 360 -18.80 -41.31 9.72
C GLU D 360 -19.75 -40.69 8.69
N GLU D 361 -20.13 -39.43 8.89
CA GLU D 361 -21.14 -38.81 8.04
C GLU D 361 -20.57 -38.48 6.66
N VAL D 362 -19.32 -38.04 6.59
CA VAL D 362 -18.78 -37.61 5.31
C VAL D 362 -18.36 -38.79 4.46
N LYS D 363 -17.61 -39.73 5.03
CA LYS D 363 -17.10 -40.87 4.28
C LYS D 363 -18.06 -42.07 4.29
N GLY D 364 -19.13 -42.02 5.06
CA GLY D 364 -20.03 -43.17 5.14
C GLY D 364 -19.43 -44.38 5.80
N LYS D 365 -18.36 -44.21 6.57
CA LYS D 365 -17.57 -45.31 7.10
C LYS D 365 -17.74 -45.40 8.61
N LYS D 366 -18.25 -46.53 9.07
CA LYS D 366 -18.48 -46.76 10.50
C LYS D 366 -17.21 -46.54 11.32
N MET D 367 -17.34 -45.77 12.40
CA MET D 367 -16.29 -45.60 13.40
C MET D 367 -16.74 -46.30 14.68
N THR D 368 -15.84 -47.09 15.29
CA THR D 368 -16.16 -47.82 16.50
C THR D 368 -15.19 -47.41 17.60
N ILE D 369 -15.62 -46.47 18.43
CA ILE D 369 -14.82 -45.96 19.54
C ILE D 369 -15.06 -46.84 20.76
N SER D 370 -13.97 -47.37 21.33
CA SER D 370 -14.09 -48.08 22.60
C SER D 370 -14.58 -47.13 23.69
N PRO D 371 -15.41 -47.61 24.64
CA PRO D 371 -15.87 -46.75 25.74
C PRO D 371 -14.79 -46.43 26.74
N GLU D 372 -13.71 -47.21 26.77
CA GLU D 372 -12.58 -46.94 27.64
C GLU D 372 -11.54 -46.13 26.90
N ILE D 373 -10.96 -45.17 27.60
CA ILE D 373 -9.90 -44.34 27.06
C ILE D 373 -8.70 -45.22 26.72
N PRO D 374 -8.22 -45.21 25.48
CA PRO D 374 -7.04 -46.03 25.14
C PRO D 374 -5.82 -45.54 25.91
N GLU D 375 -4.93 -46.49 26.19
CA GLU D 375 -3.63 -46.14 26.76
C GLU D 375 -2.89 -45.23 25.77
N HIS D 376 -2.32 -44.16 26.30
CA HIS D 376 -1.55 -43.18 25.52
C HIS D 376 -0.92 -42.21 26.51
N SER D 377 -0.29 -41.16 25.98
CA SER D 377 0.56 -40.29 26.78
C SER D 377 -0.21 -39.62 27.92
N TYR D 378 -1.41 -39.13 27.62
CA TYR D 378 -2.21 -38.41 28.60
C TYR D 378 -3.22 -39.31 29.31
N PHE D 379 -3.09 -40.63 29.18
CA PHE D 379 -4.02 -41.57 29.80
C PHE D 379 -4.35 -41.23 31.25
N SER D 380 -3.35 -40.79 32.02
CA SER D 380 -3.56 -40.56 33.44
C SER D 380 -4.51 -39.40 33.72
N ARG D 381 -4.70 -38.50 32.75
CA ARG D 381 -5.56 -37.34 32.96
C ARG D 381 -7.04 -37.66 32.86
N TYR D 382 -7.40 -38.87 32.45
CA TYR D 382 -8.79 -39.26 32.22
C TYR D 382 -9.37 -40.07 33.37
N GLY D 383 -8.69 -40.12 34.51
CA GLY D 383 -9.21 -40.80 35.67
C GLY D 383 -10.39 -40.12 36.34
N PRO D 384 -10.95 -40.77 37.37
CA PRO D 384 -10.41 -42.05 37.81
C PRO D 384 -11.01 -43.23 37.07
N ASP D 385 -12.01 -42.99 36.21
CA ASP D 385 -12.73 -44.08 35.56
C ASP D 385 -12.28 -44.35 34.12
N PHE D 386 -11.58 -43.41 33.47
CA PHE D 386 -10.95 -43.64 32.18
C PHE D 386 -11.95 -44.08 31.11
N GLU D 387 -13.14 -43.50 31.14
CA GLU D 387 -14.18 -43.75 30.15
C GLU D 387 -14.26 -42.61 29.15
N LEU D 388 -14.92 -42.87 28.02
CA LEU D 388 -15.04 -41.80 27.02
C LEU D 388 -16.21 -40.87 27.32
N ASP D 389 -17.34 -41.43 27.79
CA ASP D 389 -18.46 -40.59 28.23
C ASP D 389 -18.00 -39.68 29.36
N ILE D 390 -18.57 -38.45 29.41
CA ILE D 390 -18.26 -37.62 30.56
C ILE D 390 -18.93 -38.19 31.80
N ASP D 391 -18.38 -37.83 32.97
CA ASP D 391 -18.88 -38.29 34.26
C ASP D 391 -19.97 -37.34 34.74
N TYR D 392 -21.17 -37.51 34.18
CA TYR D 392 -22.30 -36.66 34.52
C TYR D 392 -23.60 -37.45 34.44
N PHE D 393 -24.47 -37.23 35.42
CA PHE D 393 -25.74 -37.95 35.55
C PHE D 393 -26.90 -37.01 35.23
N PRO D 394 -27.51 -37.09 34.03
CA PRO D 394 -28.56 -36.14 33.64
C PRO D 394 -29.92 -36.48 34.24
N ASP D 403 -41.40 -22.26 26.54
CA ASP D 403 -42.31 -21.13 26.41
C ASP D 403 -41.58 -19.86 25.95
N SER D 404 -40.56 -19.47 26.72
CA SER D 404 -39.63 -18.46 26.24
C SER D 404 -38.99 -18.86 24.91
N ILE D 405 -38.78 -20.17 24.70
CA ILE D 405 -38.18 -20.62 23.46
C ILE D 405 -39.17 -20.50 22.30
N GLN D 406 -40.47 -20.68 22.55
CA GLN D 406 -41.43 -20.47 21.48
C GLN D 406 -41.54 -19.00 21.08
N LYS D 407 -41.35 -18.08 22.03
CA LYS D 407 -41.30 -16.65 21.68
C LYS D 407 -40.10 -16.34 20.81
N HIS D 408 -38.91 -16.85 21.19
CA HIS D 408 -37.72 -16.67 20.37
C HIS D 408 -37.88 -17.27 18.99
N HIS D 409 -38.51 -18.44 18.88
CA HIS D 409 -38.71 -19.06 17.57
C HIS D 409 -39.61 -18.20 16.70
N ARG D 410 -40.73 -17.74 17.24
CA ARG D 410 -41.56 -16.79 16.51
C ARG D 410 -40.77 -15.55 16.10
N ARG D 411 -39.92 -15.05 16.99
CA ARG D 411 -39.14 -13.85 16.69
C ARG D 411 -38.12 -14.11 15.59
N ILE D 412 -37.46 -15.27 15.63
CA ILE D 412 -36.42 -15.56 14.67
C ILE D 412 -36.99 -15.87 13.28
N LEU D 413 -38.16 -16.50 13.21
CA LEU D 413 -38.79 -16.74 11.89
C LEU D 413 -39.12 -15.44 11.19
N GLU D 414 -39.71 -14.50 11.92
CA GLU D 414 -40.00 -13.18 11.38
C GLU D 414 -38.73 -12.51 10.86
N GLN D 415 -37.64 -12.59 11.62
CA GLN D 415 -36.37 -12.01 11.17
C GLN D 415 -35.85 -12.70 9.91
N LEU D 416 -36.05 -14.02 9.81
CA LEU D 416 -35.60 -14.74 8.61
C LEU D 416 -36.47 -14.38 7.41
N ARG D 417 -37.77 -14.18 7.64
CA ARG D 417 -38.62 -13.63 6.59
C ARG D 417 -38.13 -12.26 6.15
N ASN D 418 -37.87 -11.36 7.13
CA ASN D 418 -37.35 -10.04 6.79
C ASN D 418 -36.05 -10.13 6.01
N TYR D 419 -35.09 -10.91 6.50
CA TYR D 419 -33.84 -11.12 5.79
C TYR D 419 -34.08 -11.57 4.35
N ALA D 420 -34.92 -12.60 4.19
CA ALA D 420 -35.18 -13.13 2.86
C ALA D 420 -35.87 -12.12 1.96
N ASP D 421 -36.80 -11.33 2.52
CA ASP D 421 -37.45 -10.28 1.75
C ASP D 421 -36.42 -9.25 1.29
N LEU D 422 -35.60 -8.75 2.24
CA LEU D 422 -34.64 -7.70 1.93
C LEU D 422 -33.67 -8.15 0.84
N ASN D 423 -33.27 -9.42 0.86
CA ASN D 423 -32.25 -9.91 -0.05
C ASN D 423 -32.83 -10.69 -1.22
N LYS D 424 -34.13 -10.54 -1.50
CA LYS D 424 -34.78 -11.08 -2.68
C LYS D 424 -34.46 -12.57 -2.85
N LEU D 425 -34.64 -13.31 -1.77
CA LEU D 425 -34.39 -14.74 -1.77
C LEU D 425 -35.73 -15.48 -1.92
N ILE D 426 -35.71 -16.53 -2.71
CA ILE D 426 -36.89 -17.34 -2.98
C ILE D 426 -36.94 -18.47 -1.96
N TYR D 427 -38.11 -18.68 -1.36
CA TYR D 427 -38.23 -19.76 -0.39
C TYR D 427 -39.71 -20.00 -0.09
N ASP D 428 -40.04 -21.26 0.21
CA ASP D 428 -41.41 -21.64 0.51
C ASP D 428 -41.76 -21.15 1.91
N TYR D 429 -42.53 -20.05 1.95
CA TYR D 429 -43.00 -19.40 3.17
C TYR D 429 -43.47 -20.39 4.23
N ASP D 430 -43.98 -21.54 3.81
CA ASP D 430 -44.50 -22.52 4.74
C ASP D 430 -43.48 -23.60 5.11
N GLN D 431 -42.85 -24.25 4.11
CA GLN D 431 -41.87 -25.30 4.39
C GLN D 431 -40.96 -24.96 5.57
N VAL D 432 -40.69 -23.66 5.74
CA VAL D 432 -39.89 -23.18 6.87
C VAL D 432 -40.74 -23.07 8.12
N TYR D 433 -41.94 -22.49 8.01
CA TYR D 433 -42.80 -22.34 9.19
C TYR D 433 -43.15 -23.69 9.79
N GLN D 434 -43.36 -24.70 8.94
CA GLN D 434 -43.73 -26.03 9.42
C GLN D 434 -42.58 -26.72 10.13
N LEU D 435 -41.35 -26.24 9.97
CA LEU D 435 -40.22 -26.79 10.72
C LEU D 435 -40.40 -26.64 12.22
N TYR D 436 -41.28 -25.75 12.67
CA TYR D 436 -41.43 -25.46 14.09
C TYR D 436 -42.77 -25.96 14.64
#